data_2QGG
# 
_entry.id   2QGG 
# 
_audit_conform.dict_name       mmcif_pdbx.dic 
_audit_conform.dict_version    5.398 
_audit_conform.dict_location   http://mmcif.pdb.org/dictionaries/ascii/mmcif_pdbx.dic 
# 
loop_
_database_2.database_id 
_database_2.database_code 
_database_2.pdbx_database_accession 
_database_2.pdbx_DOI 
PDB   2QGG         pdb_00002qgg 10.2210/pdb2qgg/pdb 
RCSB  RCSB043567   ?            ?                   
WWPDB D_1000043567 ?            ?                   
# 
loop_
_pdbx_audit_revision_history.ordinal 
_pdbx_audit_revision_history.data_content_type 
_pdbx_audit_revision_history.major_revision 
_pdbx_audit_revision_history.minor_revision 
_pdbx_audit_revision_history.revision_date 
1 'Structure model' 1 0 2007-07-17 
2 'Structure model' 1 1 2008-05-01 
3 'Structure model' 1 2 2011-07-13 
4 'Structure model' 1 3 2018-01-24 
5 'Structure model' 1 4 2024-11-13 
# 
_pdbx_audit_revision_details.ordinal             1 
_pdbx_audit_revision_details.revision_ordinal    1 
_pdbx_audit_revision_details.data_content_type   'Structure model' 
_pdbx_audit_revision_details.provider            repository 
_pdbx_audit_revision_details.type                'Initial release' 
_pdbx_audit_revision_details.description         ? 
_pdbx_audit_revision_details.details             ? 
# 
loop_
_pdbx_audit_revision_group.ordinal 
_pdbx_audit_revision_group.revision_ordinal 
_pdbx_audit_revision_group.data_content_type 
_pdbx_audit_revision_group.group 
1 2 'Structure model' 'Version format compliance' 
2 3 'Structure model' 'Version format compliance' 
3 4 'Structure model' 'Database references'       
4 4 'Structure model' 'Structure summary'         
5 5 'Structure model' 'Data collection'           
6 5 'Structure model' 'Database references'       
7 5 'Structure model' 'Derived calculations'      
8 5 'Structure model' 'Structure summary'         
# 
loop_
_pdbx_audit_revision_category.ordinal 
_pdbx_audit_revision_category.revision_ordinal 
_pdbx_audit_revision_category.data_content_type 
_pdbx_audit_revision_category.category 
1  4 'Structure model' audit_author              
2  4 'Structure model' citation_author           
3  5 'Structure model' chem_comp_atom            
4  5 'Structure model' chem_comp_bond            
5  5 'Structure model' database_2                
6  5 'Structure model' pdbx_entry_details        
7  5 'Structure model' pdbx_modification_feature 
8  5 'Structure model' struct_conn               
9  5 'Structure model' struct_conn_type          
10 5 'Structure model' struct_ref_seq_dif        
11 5 'Structure model' struct_site               
# 
loop_
_pdbx_audit_revision_item.ordinal 
_pdbx_audit_revision_item.revision_ordinal 
_pdbx_audit_revision_item.data_content_type 
_pdbx_audit_revision_item.item 
1  4 'Structure model' '_audit_author.name'                  
2  4 'Structure model' '_citation_author.name'               
3  5 'Structure model' '_database_2.pdbx_DOI'                
4  5 'Structure model' '_database_2.pdbx_database_accession' 
5  5 'Structure model' '_struct_conn.conn_type_id'           
6  5 'Structure model' '_struct_conn.id'                     
7  5 'Structure model' '_struct_conn.pdbx_dist_value'        
8  5 'Structure model' '_struct_conn.pdbx_leaving_atom_flag' 
9  5 'Structure model' '_struct_conn.ptnr1_auth_comp_id'     
10 5 'Structure model' '_struct_conn.ptnr1_auth_seq_id'      
11 5 'Structure model' '_struct_conn.ptnr1_label_atom_id'    
12 5 'Structure model' '_struct_conn.ptnr1_label_comp_id'    
13 5 'Structure model' '_struct_conn.ptnr1_label_seq_id'     
14 5 'Structure model' '_struct_conn.ptnr2_auth_comp_id'     
15 5 'Structure model' '_struct_conn.ptnr2_auth_seq_id'      
16 5 'Structure model' '_struct_conn.ptnr2_label_asym_id'    
17 5 'Structure model' '_struct_conn.ptnr2_label_atom_id'    
18 5 'Structure model' '_struct_conn.ptnr2_label_comp_id'    
19 5 'Structure model' '_struct_conn.ptnr2_label_seq_id'     
20 5 'Structure model' '_struct_conn_type.id'                
21 5 'Structure model' '_struct_ref_seq_dif.details'         
22 5 'Structure model' '_struct_site.pdbx_auth_asym_id'      
23 5 'Structure model' '_struct_site.pdbx_auth_comp_id'      
24 5 'Structure model' '_struct_site.pdbx_auth_seq_id'       
# 
_pdbx_database_status.status_code                     REL 
_pdbx_database_status.entry_id                        2QGG 
_pdbx_database_status.recvd_initial_deposition_date   2007-06-28 
_pdbx_database_status.deposit_site                    RCSB 
_pdbx_database_status.process_site                    RCSB 
_pdbx_database_status.status_code_sf                  REL 
_pdbx_database_status.status_code_mr                  ? 
_pdbx_database_status.SG_entry                        Y 
_pdbx_database_status.pdb_format_compatible           Y 
_pdbx_database_status.status_code_cs                  ? 
_pdbx_database_status.methods_development_category    ? 
_pdbx_database_status.status_code_nmr_data            ? 
# 
_pdbx_database_related.db_name        TargetDB 
_pdbx_database_related.db_id          AsR73 
_pdbx_database_related.details        . 
_pdbx_database_related.content_type   unspecified 
# 
loop_
_audit_author.name 
_audit_author.pdbx_ordinal 
'Kuzin, A.P.'                                     1  
'Su, M.'                                          2  
'Jayaraman, S.'                                   3  
'Wang, D.'                                        4  
'Janjua, H.'                                      5  
'Cunningham, K.'                                  6  
'Ma, L.-C.'                                       7  
'Xiao, R.'                                        8  
'Liu, J.'                                         9  
'Baran, M.C.'                                     10 
'Acton, T.B.'                                     11 
'Rost, B.'                                        12 
'Montelione, G.T.'                                13 
'Hunt, J.F.'                                      14 
'Tong, L.'                                        15 
'Northeast Structural Genomics Consortium (NESG)' 16 
# 
_citation.id                        primary 
_citation.title                     'X-Ray structure of the protein Q6F7I0 from Acinetobacter calcoaceticus AmMS 248.' 
_citation.journal_abbrev            'To be Published' 
_citation.journal_volume            ? 
_citation.page_first                ? 
_citation.page_last                 ? 
_citation.year                      ? 
_citation.journal_id_ASTM           ? 
_citation.country                   ? 
_citation.journal_id_ISSN           ? 
_citation.journal_id_CSD            0353 
_citation.book_publisher            ? 
_citation.pdbx_database_id_PubMed   ? 
_citation.pdbx_database_id_DOI      ? 
# 
loop_
_citation_author.citation_id 
_citation_author.name 
_citation_author.ordinal 
_citation_author.identifier_ORCID 
primary 'Kuzin, A.P.'      1  ? 
primary 'Su, M.'           2  ? 
primary 'Jayaraman, S.'    3  ? 
primary 'Wang, D.'         4  ? 
primary 'Janjua, H.'       5  ? 
primary 'Cunningham, K.'   6  ? 
primary 'Ma, L.-C.'        7  ? 
primary 'Xiao, R.'         8  ? 
primary 'Liu, J.'          9  ? 
primary 'Baran, M.C.'      10 ? 
primary 'Acton, T.B.'      11 ? 
primary 'Rost, B.'         12 ? 
primary 'Montelione, G.T.' 13 ? 
primary 'Hunt, J.F.'       14 ? 
primary 'Tong, L.'         15 ? 
# 
loop_
_entity.id 
_entity.type 
_entity.src_method 
_entity.pdbx_description 
_entity.formula_weight 
_entity.pdbx_number_of_molecules 
_entity.pdbx_ec 
_entity.pdbx_mutation 
_entity.pdbx_fragment 
_entity.details 
1 polymer     man '16S rRNA-processing protein rimM' 21043.771 1  ? 
'F46Y, N74G, N79T, A80G, I85V, G86A, T88N, V91I, T99A, E119D, A147P, V150I, A152S' ? ? 
2 non-polymer syn 'POTASSIUM ION'                    39.098    1  ? ? ? ? 
3 non-polymer syn 'UNKNOWN LIGAND'                   ?         1  ? ? ? ? 
4 water       nat water                              18.015    52 ? ? ? ? 
# 
_entity_poly.entity_id                      1 
_entity_poly.type                           'polypeptide(L)' 
_entity_poly.nstd_linkage                   no 
_entity_poly.nstd_monomer                   yes 
_entity_poly.pdbx_seq_one_letter_code       
;(MSE)TPTQNVPEDRIQIGQLRSAYGLNGWLWVYSNTEP(MSE)SN(MSE)FDYLPWYIETKAGWQTVDVKRWKPHGKGL
VVSLKGVSDRTGAESLVASNIWIAKSQLPKADVDEYYWSDLKGLTVLGLDDEEQEVNLGQIHELFETGANDV(MSE)VVR
ATPDSIDSEER(MSE)IPWHKDVVQRVDLEAGRIYVNWGVDY
;
_entity_poly.pdbx_seq_one_letter_code_can   
;MTPTQNVPEDRIQIGQLRSAYGLNGWLWVYSNTEPMSNMFDYLPWYIETKAGWQTVDVKRWKPHGKGLVVSLKGVSDRTG
AESLVASNIWIAKSQLPKADVDEYYWSDLKGLTVLGLDDEEQEVNLGQIHELFETGANDVMVVRATPDSIDSEERMIPWH
KDVVQRVDLEAGRIYVNWGVDY
;
_entity_poly.pdbx_strand_id                 A 
_entity_poly.pdbx_target_identifier         AsR73 
# 
loop_
_pdbx_entity_nonpoly.entity_id 
_pdbx_entity_nonpoly.name 
_pdbx_entity_nonpoly.comp_id 
2 'POTASSIUM ION'  K   
3 'UNKNOWN LIGAND' UNL 
4 water            HOH 
# 
loop_
_entity_poly_seq.entity_id 
_entity_poly_seq.num 
_entity_poly_seq.mon_id 
_entity_poly_seq.hetero 
1 1   MSE n 
1 2   THR n 
1 3   PRO n 
1 4   THR n 
1 5   GLN n 
1 6   ASN n 
1 7   VAL n 
1 8   PRO n 
1 9   GLU n 
1 10  ASP n 
1 11  ARG n 
1 12  ILE n 
1 13  GLN n 
1 14  ILE n 
1 15  GLY n 
1 16  GLN n 
1 17  LEU n 
1 18  ARG n 
1 19  SER n 
1 20  ALA n 
1 21  TYR n 
1 22  GLY n 
1 23  LEU n 
1 24  ASN n 
1 25  GLY n 
1 26  TRP n 
1 27  LEU n 
1 28  TRP n 
1 29  VAL n 
1 30  TYR n 
1 31  SER n 
1 32  ASN n 
1 33  THR n 
1 34  GLU n 
1 35  PRO n 
1 36  MSE n 
1 37  SER n 
1 38  ASN n 
1 39  MSE n 
1 40  PHE n 
1 41  ASP n 
1 42  TYR n 
1 43  LEU n 
1 44  PRO n 
1 45  TRP n 
1 46  TYR n 
1 47  ILE n 
1 48  GLU n 
1 49  THR n 
1 50  LYS n 
1 51  ALA n 
1 52  GLY n 
1 53  TRP n 
1 54  GLN n 
1 55  THR n 
1 56  VAL n 
1 57  ASP n 
1 58  VAL n 
1 59  LYS n 
1 60  ARG n 
1 61  TRP n 
1 62  LYS n 
1 63  PRO n 
1 64  HIS n 
1 65  GLY n 
1 66  LYS n 
1 67  GLY n 
1 68  LEU n 
1 69  VAL n 
1 70  VAL n 
1 71  SER n 
1 72  LEU n 
1 73  LYS n 
1 74  GLY n 
1 75  VAL n 
1 76  SER n 
1 77  ASP n 
1 78  ARG n 
1 79  THR n 
1 80  GLY n 
1 81  ALA n 
1 82  GLU n 
1 83  SER n 
1 84  LEU n 
1 85  VAL n 
1 86  ALA n 
1 87  SER n 
1 88  ASN n 
1 89  ILE n 
1 90  TRP n 
1 91  ILE n 
1 92  ALA n 
1 93  LYS n 
1 94  SER n 
1 95  GLN n 
1 96  LEU n 
1 97  PRO n 
1 98  LYS n 
1 99  ALA n 
1 100 ASP n 
1 101 VAL n 
1 102 ASP n 
1 103 GLU n 
1 104 TYR n 
1 105 TYR n 
1 106 TRP n 
1 107 SER n 
1 108 ASP n 
1 109 LEU n 
1 110 LYS n 
1 111 GLY n 
1 112 LEU n 
1 113 THR n 
1 114 VAL n 
1 115 LEU n 
1 116 GLY n 
1 117 LEU n 
1 118 ASP n 
1 119 ASP n 
1 120 GLU n 
1 121 GLU n 
1 122 GLN n 
1 123 GLU n 
1 124 VAL n 
1 125 ASN n 
1 126 LEU n 
1 127 GLY n 
1 128 GLN n 
1 129 ILE n 
1 130 HIS n 
1 131 GLU n 
1 132 LEU n 
1 133 PHE n 
1 134 GLU n 
1 135 THR n 
1 136 GLY n 
1 137 ALA n 
1 138 ASN n 
1 139 ASP n 
1 140 VAL n 
1 141 MSE n 
1 142 VAL n 
1 143 VAL n 
1 144 ARG n 
1 145 ALA n 
1 146 THR n 
1 147 PRO n 
1 148 ASP n 
1 149 SER n 
1 150 ILE n 
1 151 ASP n 
1 152 SER n 
1 153 GLU n 
1 154 GLU n 
1 155 ARG n 
1 156 MSE n 
1 157 ILE n 
1 158 PRO n 
1 159 TRP n 
1 160 HIS n 
1 161 LYS n 
1 162 ASP n 
1 163 VAL n 
1 164 VAL n 
1 165 GLN n 
1 166 ARG n 
1 167 VAL n 
1 168 ASP n 
1 169 LEU n 
1 170 GLU n 
1 171 ALA n 
1 172 GLY n 
1 173 ARG n 
1 174 ILE n 
1 175 TYR n 
1 176 VAL n 
1 177 ASN n 
1 178 TRP n 
1 179 GLY n 
1 180 VAL n 
1 181 ASP n 
1 182 TYR n 
# 
_entity_src_gen.entity_id                          1 
_entity_src_gen.pdbx_src_id                        1 
_entity_src_gen.pdbx_alt_source_flag               sample 
_entity_src_gen.pdbx_seq_type                      ? 
_entity_src_gen.pdbx_beg_seq_num                   ? 
_entity_src_gen.pdbx_end_seq_num                   ? 
_entity_src_gen.gene_src_common_name               ? 
_entity_src_gen.gene_src_genus                     Acinetobacter 
_entity_src_gen.pdbx_gene_src_gene                 'rimM, ACIAD3312' 
_entity_src_gen.gene_src_species                   ? 
_entity_src_gen.gene_src_strain                    'ADP1, AmMS 248' 
_entity_src_gen.gene_src_tissue                    ? 
_entity_src_gen.gene_src_tissue_fraction           ? 
_entity_src_gen.gene_src_details                   ? 
_entity_src_gen.pdbx_gene_src_fragment             ? 
_entity_src_gen.pdbx_gene_src_scientific_name      'Acinetobacter calcoaceticus' 
_entity_src_gen.pdbx_gene_src_ncbi_taxonomy_id     471 
_entity_src_gen.pdbx_gene_src_variant              ? 
_entity_src_gen.pdbx_gene_src_cell_line            ? 
_entity_src_gen.pdbx_gene_src_atcc                 ? 
_entity_src_gen.pdbx_gene_src_organ                ? 
_entity_src_gen.pdbx_gene_src_organelle            ? 
_entity_src_gen.pdbx_gene_src_cell                 ? 
_entity_src_gen.pdbx_gene_src_cellular_location    ? 
_entity_src_gen.host_org_common_name               ? 
_entity_src_gen.pdbx_host_org_scientific_name      'Escherichia coli' 
_entity_src_gen.pdbx_host_org_ncbi_taxonomy_id     562 
_entity_src_gen.host_org_genus                     Escherichia 
_entity_src_gen.pdbx_host_org_gene                 ? 
_entity_src_gen.pdbx_host_org_organ                ? 
_entity_src_gen.host_org_species                   ? 
_entity_src_gen.pdbx_host_org_tissue               ? 
_entity_src_gen.pdbx_host_org_tissue_fraction      ? 
_entity_src_gen.pdbx_host_org_strain               ? 
_entity_src_gen.pdbx_host_org_variant              ? 
_entity_src_gen.pdbx_host_org_cell_line            ? 
_entity_src_gen.pdbx_host_org_atcc                 ? 
_entity_src_gen.pdbx_host_org_culture_collection   ? 
_entity_src_gen.pdbx_host_org_cell                 ? 
_entity_src_gen.pdbx_host_org_organelle            ? 
_entity_src_gen.pdbx_host_org_cellular_location    ? 
_entity_src_gen.pdbx_host_org_vector_type          Plasmid 
_entity_src_gen.pdbx_host_org_vector               ? 
_entity_src_gen.host_org_details                   ? 
_entity_src_gen.expression_system_id               ? 
_entity_src_gen.plasmid_name                       ? 
_entity_src_gen.plasmid_details                    ? 
_entity_src_gen.pdbx_description                   ? 
# 
loop_
_chem_comp.id 
_chem_comp.type 
_chem_comp.mon_nstd_flag 
_chem_comp.name 
_chem_comp.pdbx_synonyms 
_chem_comp.formula 
_chem_comp.formula_weight 
ALA 'L-peptide linking' y ALANINE          ? 'C3 H7 N O2'     89.093  
ARG 'L-peptide linking' y ARGININE         ? 'C6 H15 N4 O2 1' 175.209 
ASN 'L-peptide linking' y ASPARAGINE       ? 'C4 H8 N2 O3'    132.118 
ASP 'L-peptide linking' y 'ASPARTIC ACID'  ? 'C4 H7 N O4'     133.103 
GLN 'L-peptide linking' y GLUTAMINE        ? 'C5 H10 N2 O3'   146.144 
GLU 'L-peptide linking' y 'GLUTAMIC ACID'  ? 'C5 H9 N O4'     147.129 
GLY 'peptide linking'   y GLYCINE          ? 'C2 H5 N O2'     75.067  
HIS 'L-peptide linking' y HISTIDINE        ? 'C6 H10 N3 O2 1' 156.162 
HOH non-polymer         . WATER            ? 'H2 O'           18.015  
ILE 'L-peptide linking' y ISOLEUCINE       ? 'C6 H13 N O2'    131.173 
K   non-polymer         . 'POTASSIUM ION'  ? 'K 1'            39.098  
LEU 'L-peptide linking' y LEUCINE          ? 'C6 H13 N O2'    131.173 
LYS 'L-peptide linking' y LYSINE           ? 'C6 H15 N2 O2 1' 147.195 
MET 'L-peptide linking' y METHIONINE       ? 'C5 H11 N O2 S'  149.211 
MSE 'L-peptide linking' n SELENOMETHIONINE ? 'C5 H11 N O2 Se' 196.106 
PHE 'L-peptide linking' y PHENYLALANINE    ? 'C9 H11 N O2'    165.189 
PRO 'L-peptide linking' y PROLINE          ? 'C5 H9 N O2'     115.130 
SER 'L-peptide linking' y SERINE           ? 'C3 H7 N O3'     105.093 
THR 'L-peptide linking' y THREONINE        ? 'C4 H9 N O3'     119.119 
TRP 'L-peptide linking' y TRYPTOPHAN       ? 'C11 H12 N2 O2'  204.225 
TYR 'L-peptide linking' y TYROSINE         ? 'C9 H11 N O3'    181.189 
UNL non-polymer         . 'UNKNOWN LIGAND' ? ?                ?       
VAL 'L-peptide linking' y VALINE           ? 'C5 H11 N O2'    117.146 
# 
loop_
_pdbx_poly_seq_scheme.asym_id 
_pdbx_poly_seq_scheme.entity_id 
_pdbx_poly_seq_scheme.seq_id 
_pdbx_poly_seq_scheme.mon_id 
_pdbx_poly_seq_scheme.ndb_seq_num 
_pdbx_poly_seq_scheme.pdb_seq_num 
_pdbx_poly_seq_scheme.auth_seq_num 
_pdbx_poly_seq_scheme.pdb_mon_id 
_pdbx_poly_seq_scheme.auth_mon_id 
_pdbx_poly_seq_scheme.pdb_strand_id 
_pdbx_poly_seq_scheme.pdb_ins_code 
_pdbx_poly_seq_scheme.hetero 
A 1 1   MSE 1   1   ?   ?   ?   A . n 
A 1 2   THR 2   2   ?   ?   ?   A . n 
A 1 3   PRO 3   3   ?   ?   ?   A . n 
A 1 4   THR 4   4   ?   ?   ?   A . n 
A 1 5   GLN 5   5   ?   ?   ?   A . n 
A 1 6   ASN 6   6   6   ASN ASN A . n 
A 1 7   VAL 7   7   7   VAL VAL A . n 
A 1 8   PRO 8   8   8   PRO PRO A . n 
A 1 9   GLU 9   9   9   GLU GLU A . n 
A 1 10  ASP 10  10  10  ASP ASP A . n 
A 1 11  ARG 11  11  11  ARG ARG A . n 
A 1 12  ILE 12  12  12  ILE ILE A . n 
A 1 13  GLN 13  13  13  GLN GLN A . n 
A 1 14  ILE 14  14  14  ILE ILE A . n 
A 1 15  GLY 15  15  15  GLY GLY A . n 
A 1 16  GLN 16  16  16  GLN GLN A . n 
A 1 17  LEU 17  17  17  LEU LEU A . n 
A 1 18  ARG 18  18  18  ARG ARG A . n 
A 1 19  SER 19  19  19  SER SER A . n 
A 1 20  ALA 20  20  20  ALA ALA A . n 
A 1 21  TYR 21  21  21  TYR TYR A . n 
A 1 22  GLY 22  22  22  GLY GLY A . n 
A 1 23  LEU 23  23  23  LEU LEU A . n 
A 1 24  ASN 24  24  24  ASN ASN A . n 
A 1 25  GLY 25  25  25  GLY GLY A . n 
A 1 26  TRP 26  26  26  TRP TRP A . n 
A 1 27  LEU 27  27  27  LEU LEU A . n 
A 1 28  TRP 28  28  28  TRP TRP A . n 
A 1 29  VAL 29  29  29  VAL VAL A . n 
A 1 30  TYR 30  30  30  TYR TYR A . n 
A 1 31  SER 31  31  31  SER SER A . n 
A 1 32  ASN 32  32  32  ASN ASN A . n 
A 1 33  THR 33  33  33  THR THR A . n 
A 1 34  GLU 34  34  34  GLU GLU A . n 
A 1 35  PRO 35  35  35  PRO PRO A . n 
A 1 36  MSE 36  36  36  MSE MSE A . n 
A 1 37  SER 37  37  37  SER SER A . n 
A 1 38  ASN 38  38  38  ASN ASN A . n 
A 1 39  MSE 39  39  39  MSE MSE A . n 
A 1 40  PHE 40  40  40  PHE PHE A . n 
A 1 41  ASP 41  41  41  ASP ASP A . n 
A 1 42  TYR 42  42  42  TYR TYR A . n 
A 1 43  LEU 43  43  43  LEU LEU A . n 
A 1 44  PRO 44  44  44  PRO PRO A . n 
A 1 45  TRP 45  45  45  TRP TRP A . n 
A 1 46  TYR 46  46  46  TYR TYR A . n 
A 1 47  ILE 47  47  47  ILE ILE A . n 
A 1 48  GLU 48  48  48  GLU GLU A . n 
A 1 49  THR 49  49  49  THR THR A . n 
A 1 50  LYS 50  50  50  LYS LYS A . n 
A 1 51  ALA 51  51  51  ALA ALA A . n 
A 1 52  GLY 52  52  52  GLY GLY A . n 
A 1 53  TRP 53  53  53  TRP TRP A . n 
A 1 54  GLN 54  54  54  GLN GLN A . n 
A 1 55  THR 55  55  55  THR THR A . n 
A 1 56  VAL 56  56  56  VAL VAL A . n 
A 1 57  ASP 57  57  57  ASP ASP A . n 
A 1 58  VAL 58  58  58  VAL VAL A . n 
A 1 59  LYS 59  59  59  LYS LYS A . n 
A 1 60  ARG 60  60  60  ARG ARG A . n 
A 1 61  TRP 61  61  61  TRP TRP A . n 
A 1 62  LYS 62  62  62  LYS LYS A . n 
A 1 63  PRO 63  63  63  PRO PRO A . n 
A 1 64  HIS 64  64  64  HIS HIS A . n 
A 1 65  GLY 65  65  65  GLY GLY A . n 
A 1 66  LYS 66  66  66  LYS LYS A . n 
A 1 67  GLY 67  67  67  GLY GLY A . n 
A 1 68  LEU 68  68  68  LEU LEU A . n 
A 1 69  VAL 69  69  69  VAL VAL A . n 
A 1 70  VAL 70  70  70  VAL VAL A . n 
A 1 71  SER 71  71  71  SER SER A . n 
A 1 72  LEU 72  72  72  LEU LEU A . n 
A 1 73  LYS 73  73  73  LYS LYS A . n 
A 1 74  GLY 74  74  74  GLY GLY A . n 
A 1 75  VAL 75  75  75  VAL VAL A . n 
A 1 76  SER 76  76  76  SER SER A . n 
A 1 77  ASP 77  77  77  ASP ASP A . n 
A 1 78  ARG 78  78  78  ARG ARG A . n 
A 1 79  THR 79  79  79  THR THR A . n 
A 1 80  GLY 80  80  80  GLY GLY A . n 
A 1 81  ALA 81  81  81  ALA ALA A . n 
A 1 82  GLU 82  82  82  GLU GLU A . n 
A 1 83  SER 83  83  83  SER SER A . n 
A 1 84  LEU 84  84  84  LEU LEU A . n 
A 1 85  VAL 85  85  85  VAL VAL A . n 
A 1 86  ALA 86  86  86  ALA ALA A . n 
A 1 87  SER 87  87  87  SER SER A . n 
A 1 88  ASN 88  88  88  ASN ASN A . n 
A 1 89  ILE 89  89  89  ILE ILE A . n 
A 1 90  TRP 90  90  90  TRP TRP A . n 
A 1 91  ILE 91  91  91  ILE ILE A . n 
A 1 92  ALA 92  92  92  ALA ALA A . n 
A 1 93  LYS 93  93  93  LYS LYS A . n 
A 1 94  SER 94  94  94  SER SER A . n 
A 1 95  GLN 95  95  95  GLN GLN A . n 
A 1 96  LEU 96  96  96  LEU LEU A . n 
A 1 97  PRO 97  97  97  PRO PRO A . n 
A 1 98  LYS 98  98  98  LYS LYS A . n 
A 1 99  ALA 99  99  99  ALA ALA A . n 
A 1 100 ASP 100 100 100 ASP ASP A . n 
A 1 101 VAL 101 101 101 VAL VAL A . n 
A 1 102 ASP 102 102 102 ASP ASP A . n 
A 1 103 GLU 103 103 103 GLU GLU A . n 
A 1 104 TYR 104 104 104 TYR TYR A . n 
A 1 105 TYR 105 105 105 TYR TYR A . n 
A 1 106 TRP 106 106 106 TRP TRP A . n 
A 1 107 SER 107 107 107 SER SER A . n 
A 1 108 ASP 108 108 108 ASP ASP A . n 
A 1 109 LEU 109 109 109 LEU LEU A . n 
A 1 110 LYS 110 110 110 LYS LYS A . n 
A 1 111 GLY 111 111 111 GLY GLY A . n 
A 1 112 LEU 112 112 112 LEU LEU A . n 
A 1 113 THR 113 113 113 THR THR A . n 
A 1 114 VAL 114 114 114 VAL VAL A . n 
A 1 115 LEU 115 115 115 LEU LEU A . n 
A 1 116 GLY 116 116 116 GLY GLY A . n 
A 1 117 LEU 117 117 117 LEU LEU A . n 
A 1 118 ASP 118 118 118 ASP ASP A . n 
A 1 119 ASP 119 119 119 ASP ASP A . n 
A 1 120 GLU 120 120 120 GLU GLU A . n 
A 1 121 GLU 121 121 121 GLU GLU A . n 
A 1 122 GLN 122 122 122 GLN GLN A . n 
A 1 123 GLU 123 123 123 GLU GLU A . n 
A 1 124 VAL 124 124 124 VAL VAL A . n 
A 1 125 ASN 125 125 125 ASN ASN A . n 
A 1 126 LEU 126 126 126 LEU LEU A . n 
A 1 127 GLY 127 127 127 GLY GLY A . n 
A 1 128 GLN 128 128 128 GLN GLN A . n 
A 1 129 ILE 129 129 129 ILE ILE A . n 
A 1 130 HIS 130 130 130 HIS HIS A . n 
A 1 131 GLU 131 131 131 GLU GLU A . n 
A 1 132 LEU 132 132 132 LEU LEU A . n 
A 1 133 PHE 133 133 133 PHE PHE A . n 
A 1 134 GLU 134 134 134 GLU GLU A . n 
A 1 135 THR 135 135 135 THR THR A . n 
A 1 136 GLY 136 136 136 GLY GLY A . n 
A 1 137 ALA 137 137 137 ALA ALA A . n 
A 1 138 ASN 138 138 138 ASN ASN A . n 
A 1 139 ASP 139 139 139 ASP ASP A . n 
A 1 140 VAL 140 140 140 VAL VAL A . n 
A 1 141 MSE 141 141 141 MSE MSE A . n 
A 1 142 VAL 142 142 142 VAL VAL A . n 
A 1 143 VAL 143 143 143 VAL VAL A . n 
A 1 144 ARG 144 144 144 ARG ARG A . n 
A 1 145 ALA 145 145 145 ALA ALA A . n 
A 1 146 THR 146 146 146 THR THR A . n 
A 1 147 PRO 147 147 147 PRO PRO A . n 
A 1 148 ASP 148 148 148 ASP ASP A . n 
A 1 149 SER 149 149 149 SER SER A . n 
A 1 150 ILE 150 150 150 ILE ILE A . n 
A 1 151 ASP 151 151 151 ASP ASP A . n 
A 1 152 SER 152 152 152 SER SER A . n 
A 1 153 GLU 153 153 153 GLU GLU A . n 
A 1 154 GLU 154 154 154 GLU GLU A . n 
A 1 155 ARG 155 155 155 ARG ARG A . n 
A 1 156 MSE 156 156 156 MSE MSE A . n 
A 1 157 ILE 157 157 157 ILE ILE A . n 
A 1 158 PRO 158 158 158 PRO PRO A . n 
A 1 159 TRP 159 159 159 TRP TRP A . n 
A 1 160 HIS 160 160 160 HIS HIS A . n 
A 1 161 LYS 161 161 161 LYS LYS A . n 
A 1 162 ASP 162 162 162 ASP ASP A . n 
A 1 163 VAL 163 163 163 VAL VAL A . n 
A 1 164 VAL 164 164 164 VAL VAL A . n 
A 1 165 GLN 165 165 165 GLN GLN A . n 
A 1 166 ARG 166 166 166 ARG ARG A . n 
A 1 167 VAL 167 167 167 VAL VAL A . n 
A 1 168 ASP 168 168 168 ASP ASP A . n 
A 1 169 LEU 169 169 169 LEU LEU A . n 
A 1 170 GLU 170 170 170 GLU GLU A . n 
A 1 171 ALA 171 171 171 ALA ALA A . n 
A 1 172 GLY 172 172 172 GLY GLY A . n 
A 1 173 ARG 173 173 173 ARG ARG A . n 
A 1 174 ILE 174 174 174 ILE ILE A . n 
A 1 175 TYR 175 175 175 TYR TYR A . n 
A 1 176 VAL 176 176 176 VAL VAL A . n 
A 1 177 ASN 177 177 177 ASN ASN A . n 
A 1 178 TRP 178 178 178 TRP TRP A . n 
A 1 179 GLY 179 179 179 GLY GLY A . n 
A 1 180 VAL 180 180 180 VAL VAL A . n 
A 1 181 ASP 181 181 181 ASP ASP A . n 
A 1 182 TYR 182 182 ?   ?   ?   A . n 
# 
loop_
_pdbx_nonpoly_scheme.asym_id 
_pdbx_nonpoly_scheme.entity_id 
_pdbx_nonpoly_scheme.mon_id 
_pdbx_nonpoly_scheme.ndb_seq_num 
_pdbx_nonpoly_scheme.pdb_seq_num 
_pdbx_nonpoly_scheme.auth_seq_num 
_pdbx_nonpoly_scheme.pdb_mon_id 
_pdbx_nonpoly_scheme.auth_mon_id 
_pdbx_nonpoly_scheme.pdb_strand_id 
_pdbx_nonpoly_scheme.pdb_ins_code 
B 2 K   1  201 201 K   K   A . 
C 3 UNL 1  202 1   UNL UNL A . 
D 4 HOH 1  203 8   HOH HOH A . 
D 4 HOH 2  204 9   HOH HOH A . 
D 4 HOH 3  205 10  HOH HOH A . 
D 4 HOH 4  206 11  HOH HOH A . 
D 4 HOH 5  207 12  HOH HOH A . 
D 4 HOH 6  208 13  HOH HOH A . 
D 4 HOH 7  209 14  HOH HOH A . 
D 4 HOH 8  210 15  HOH HOH A . 
D 4 HOH 9  211 16  HOH HOH A . 
D 4 HOH 10 212 17  HOH HOH A . 
D 4 HOH 11 213 18  HOH HOH A . 
D 4 HOH 12 214 19  HOH HOH A . 
D 4 HOH 13 215 21  HOH HOH A . 
D 4 HOH 14 216 22  HOH HOH A . 
D 4 HOH 15 217 23  HOH HOH A . 
D 4 HOH 16 218 24  HOH HOH A . 
D 4 HOH 17 219 25  HOH HOH A . 
D 4 HOH 18 220 26  HOH HOH A . 
D 4 HOH 19 221 27  HOH HOH A . 
D 4 HOH 20 222 28  HOH HOH A . 
D 4 HOH 21 223 29  HOH HOH A . 
D 4 HOH 22 224 30  HOH HOH A . 
D 4 HOH 23 225 31  HOH HOH A . 
D 4 HOH 24 226 32  HOH HOH A . 
D 4 HOH 25 227 33  HOH HOH A . 
D 4 HOH 26 228 34  HOH HOH A . 
D 4 HOH 27 229 35  HOH HOH A . 
D 4 HOH 28 230 36  HOH HOH A . 
D 4 HOH 29 231 37  HOH HOH A . 
D 4 HOH 30 232 38  HOH HOH A . 
D 4 HOH 31 233 39  HOH HOH A . 
D 4 HOH 32 234 40  HOH HOH A . 
D 4 HOH 33 235 41  HOH HOH A . 
D 4 HOH 34 236 42  HOH HOH A . 
D 4 HOH 35 237 43  HOH HOH A . 
D 4 HOH 36 238 44  HOH HOH A . 
D 4 HOH 37 239 45  HOH HOH A . 
D 4 HOH 38 240 46  HOH HOH A . 
D 4 HOH 39 241 47  HOH HOH A . 
D 4 HOH 40 242 49  HOH HOH A . 
D 4 HOH 41 243 50  HOH HOH A . 
D 4 HOH 42 244 51  HOH HOH A . 
D 4 HOH 43 245 52  HOH HOH A . 
D 4 HOH 44 246 53  HOH HOH A . 
D 4 HOH 45 247 54  HOH HOH A . 
D 4 HOH 46 248 55  HOH HOH A . 
D 4 HOH 47 249 56  HOH HOH A . 
D 4 HOH 48 250 57  HOH HOH A . 
D 4 HOH 49 251 59  HOH HOH A . 
D 4 HOH 50 252 61  HOH HOH A . 
D 4 HOH 51 253 62  HOH HOH A . 
D 4 HOH 52 254 64  HOH HOH A . 
# 
loop_
_software.name 
_software.classification 
_software.version 
_software.citation_id 
_software.pdbx_ordinal 
CNS       refinement        1.1     ? 1 
ADSC      'data collection' Quantum ? 2 
DENZO     'data reduction'  .       ? 3 
SCALEPACK 'data scaling'    .       ? 4 
SOLVE     phasing           .       ? 5 
# 
_cell.entry_id           2QGG 
_cell.length_a           44.899 
_cell.length_b           37.588 
_cell.length_c           69.200 
_cell.angle_alpha        90.00 
_cell.angle_beta         97.23 
_cell.angle_gamma        90.00 
_cell.Z_PDB              2 
_cell.pdbx_unique_axis   ? 
_cell.length_a_esd       ? 
_cell.length_b_esd       ? 
_cell.length_c_esd       ? 
_cell.angle_alpha_esd    ? 
_cell.angle_beta_esd     ? 
_cell.angle_gamma_esd    ? 
# 
_symmetry.entry_id                         2QGG 
_symmetry.space_group_name_H-M             'P 1 2 1' 
_symmetry.pdbx_full_space_group_name_H-M   ? 
_symmetry.cell_setting                     ? 
_symmetry.Int_Tables_number                3 
_symmetry.space_group_name_Hall            ? 
# 
_exptl.entry_id          2QGG 
_exptl.method            'X-RAY DIFFRACTION' 
_exptl.crystals_number   2 
# 
_exptl_crystal.id                    1 
_exptl_crystal.density_meas          ? 
_exptl_crystal.density_Matthews      2.75 
_exptl_crystal.density_percent_sol   55.33 
_exptl_crystal.description           ? 
_exptl_crystal.F_000                 ? 
_exptl_crystal.preparation           ? 
# 
_exptl_crystal_grow.crystal_id      1 
_exptl_crystal_grow.method          'VAPOR DIFFUSION, HANGING DROP' 
_exptl_crystal_grow.temp            293 
_exptl_crystal_grow.temp_details    ? 
_exptl_crystal_grow.pH              7.0 
_exptl_crystal_grow.pdbx_details    
'15% PEG 20000, 0.1M Potassium acetate, 0.1M MOPS, pH 7.0, VAPOR DIFFUSION, HANGING DROP, temperature 293K' 
_exptl_crystal_grow.pdbx_pH_range   . 
# 
_diffrn.id                     1 
_diffrn.ambient_temp           ? 
_diffrn.ambient_temp_details   ? 
_diffrn.crystal_id             1 
# 
_diffrn_detector.diffrn_id              1 
_diffrn_detector.detector               CCD 
_diffrn_detector.type                   'ADSC QUANTUM 4' 
_diffrn_detector.pdbx_collection_date   2007-04-27 
_diffrn_detector.details                ? 
# 
_diffrn_radiation.diffrn_id                        1 
_diffrn_radiation.wavelength_id                    1 
_diffrn_radiation.pdbx_monochromatic_or_laue_m_l   M 
_diffrn_radiation.monochromator                    ? 
_diffrn_radiation.pdbx_diffrn_protocol             'SINGLE WAVELENGTH' 
_diffrn_radiation.pdbx_scattering_type             x-ray 
# 
_diffrn_radiation_wavelength.id           1 
_diffrn_radiation_wavelength.wavelength   0.97900 
_diffrn_radiation_wavelength.wt           1.0 
# 
_diffrn_source.diffrn_id                   1 
_diffrn_source.source                      SYNCHROTRON 
_diffrn_source.type                        'NSLS BEAMLINE X4A' 
_diffrn_source.pdbx_synchrotron_site       NSLS 
_diffrn_source.pdbx_synchrotron_beamline   X4A 
_diffrn_source.pdbx_wavelength             ? 
_diffrn_source.pdbx_wavelength_list        0.97900 
# 
_reflns.entry_id                     2QGG 
_reflns.observed_criterion_sigma_I   -3.0 
_reflns.observed_criterion_sigma_F   ? 
_reflns.d_resolution_low             30 
_reflns.d_resolution_high            2.4 
_reflns.number_obs                   9040 
_reflns.number_all                   ? 
_reflns.percent_possible_obs         97.9 
_reflns.pdbx_Rmerge_I_obs            0.078 
_reflns.pdbx_Rsym_value              ? 
_reflns.pdbx_netI_over_sigmaI        ? 
_reflns.B_iso_Wilson_estimate        27.5 
_reflns.pdbx_redundancy              13.5 
_reflns.R_free_details               ? 
_reflns.limit_h_max                  ? 
_reflns.limit_h_min                  ? 
_reflns.limit_k_max                  ? 
_reflns.limit_k_min                  ? 
_reflns.limit_l_max                  ? 
_reflns.limit_l_min                  ? 
_reflns.observed_criterion_F_max     ? 
_reflns.observed_criterion_F_min     ? 
_reflns.pdbx_chi_squared             ? 
_reflns.pdbx_scaling_rejects         ? 
_reflns.pdbx_diffrn_id               1 
_reflns.pdbx_ordinal                 1 
# 
_reflns_shell.d_res_high             2.40 
_reflns_shell.d_res_low              2.49 
_reflns_shell.percent_possible_all   85.7 
_reflns_shell.Rmerge_I_obs           0.243 
_reflns_shell.pdbx_Rsym_value        ? 
_reflns_shell.meanI_over_sigI_obs    ? 
_reflns_shell.pdbx_redundancy        ? 
_reflns_shell.percent_possible_obs   ? 
_reflns_shell.number_unique_all      ? 
_reflns_shell.number_measured_all    ? 
_reflns_shell.number_measured_obs    ? 
_reflns_shell.number_unique_obs      ? 
_reflns_shell.pdbx_chi_squared       ? 
_reflns_shell.pdbx_diffrn_id         ? 
_reflns_shell.pdbx_ordinal           1 
# 
_refine.entry_id                                 2QGG 
_refine.ls_number_reflns_obs                     7729 
_refine.ls_number_reflns_all                     ? 
_refine.pdbx_ls_sigma_I                          ? 
_refine.pdbx_ls_sigma_F                          1.0 
_refine.pdbx_data_cutoff_high_absF               438858.54 
_refine.pdbx_data_cutoff_low_absF                0.000000 
_refine.pdbx_data_cutoff_high_rms_absF           ? 
_refine.ls_d_res_low                             19.86 
_refine.ls_d_res_high                            2.40 
_refine.ls_percent_reflns_obs                    84.0 
_refine.ls_R_factor_obs                          0.207 
_refine.ls_R_factor_all                          ? 
_refine.ls_R_factor_R_work                       0.207 
_refine.ls_R_factor_R_free                       0.256 
_refine.ls_R_factor_R_free_error                 0.012 
_refine.ls_R_factor_R_free_error_details         ? 
_refine.ls_percent_reflns_R_free                 5.4 
_refine.ls_number_reflns_R_free                  421 
_refine.ls_number_parameters                     ? 
_refine.ls_number_restraints                     ? 
_refine.occupancy_min                            ? 
_refine.occupancy_max                            ? 
_refine.correlation_coeff_Fo_to_Fc               ? 
_refine.correlation_coeff_Fo_to_Fc_free          ? 
_refine.B_iso_mean                               29.2 
_refine.aniso_B[1][1]                            11.05 
_refine.aniso_B[2][2]                            -4.68 
_refine.aniso_B[3][3]                            -6.37 
_refine.aniso_B[1][2]                            0.00 
_refine.aniso_B[1][3]                            -3.96 
_refine.aniso_B[2][3]                            0.00 
_refine.solvent_model_details                    'FLAT MODEL' 
_refine.solvent_model_param_ksol                 0.306619 
_refine.solvent_model_param_bsol                 23.779 
_refine.pdbx_solvent_vdw_probe_radii             ? 
_refine.pdbx_solvent_ion_probe_radii             ? 
_refine.pdbx_solvent_shrinkage_radii             ? 
_refine.pdbx_ls_cross_valid_method               THROUGHOUT 
_refine.details                                  ? 
_refine.pdbx_starting_model                      ? 
_refine.pdbx_method_to_determine_struct          SAD 
_refine.pdbx_isotropic_thermal_model             RESTRAINED 
_refine.pdbx_stereochemistry_target_values       'Engh & Huber' 
_refine.pdbx_stereochem_target_val_spec_case     ? 
_refine.pdbx_R_Free_selection_details            RANDOM 
_refine.pdbx_overall_ESU_R                       ? 
_refine.pdbx_overall_ESU_R_Free                  ? 
_refine.overall_SU_ML                            ? 
_refine.overall_SU_B                             ? 
_refine.ls_redundancy_reflns_obs                 ? 
_refine.B_iso_min                                ? 
_refine.B_iso_max                                ? 
_refine.overall_SU_R_Cruickshank_DPI             ? 
_refine.overall_SU_R_free                        ? 
_refine.ls_wR_factor_R_free                      ? 
_refine.ls_wR_factor_R_work                      ? 
_refine.overall_FOM_free_R_set                   ? 
_refine.overall_FOM_work_R_set                   ? 
_refine.pdbx_refine_id                           'X-RAY DIFFRACTION' 
_refine.pdbx_diffrn_id                           1 
_refine.pdbx_TLS_residual_ADP_flag               ? 
_refine.pdbx_overall_phase_error                 ? 
_refine.pdbx_overall_SU_R_free_Cruickshank_DPI   ? 
_refine.pdbx_overall_SU_R_Blow_DPI               ? 
_refine.pdbx_overall_SU_R_free_Blow_DPI          ? 
# 
_refine_analyze.entry_id                        2QGG 
_refine_analyze.Luzzati_coordinate_error_obs    0.29 
_refine_analyze.Luzzati_sigma_a_obs             0.28 
_refine_analyze.Luzzati_d_res_low_obs           5.00 
_refine_analyze.Luzzati_coordinate_error_free   0.37 
_refine_analyze.Luzzati_sigma_a_free            0.47 
_refine_analyze.Luzzati_d_res_low_free          ? 
_refine_analyze.number_disordered_residues      ? 
_refine_analyze.occupancy_sum_hydrogen          ? 
_refine_analyze.occupancy_sum_non_hydrogen      ? 
_refine_analyze.pdbx_Luzzati_d_res_high_obs     ? 
_refine_analyze.pdbx_refine_id                  'X-RAY DIFFRACTION' 
# 
_refine_hist.pdbx_refine_id                   'X-RAY DIFFRACTION' 
_refine_hist.cycle_id                         LAST 
_refine_hist.pdbx_number_atoms_protein        1417 
_refine_hist.pdbx_number_atoms_nucleic_acid   0 
_refine_hist.pdbx_number_atoms_ligand         8 
_refine_hist.number_atoms_solvent             52 
_refine_hist.number_atoms_total               1477 
_refine_hist.d_res_high                       2.40 
_refine_hist.d_res_low                        19.86 
# 
loop_
_refine_ls_restr.type 
_refine_ls_restr.dev_ideal 
_refine_ls_restr.dev_ideal_target 
_refine_ls_restr.weight 
_refine_ls_restr.number 
_refine_ls_restr.pdbx_refine_id 
_refine_ls_restr.pdbx_restraint_function 
c_bond_d                0.006 ?    ? ? 'X-RAY DIFFRACTION' ? 
c_bond_d_na             ?     ?    ? ? 'X-RAY DIFFRACTION' ? 
c_bond_d_prot           ?     ?    ? ? 'X-RAY DIFFRACTION' ? 
c_angle_d               ?     ?    ? ? 'X-RAY DIFFRACTION' ? 
c_angle_d_na            ?     ?    ? ? 'X-RAY DIFFRACTION' ? 
c_angle_d_prot          ?     ?    ? ? 'X-RAY DIFFRACTION' ? 
c_angle_deg             1.4   ?    ? ? 'X-RAY DIFFRACTION' ? 
c_angle_deg_na          ?     ?    ? ? 'X-RAY DIFFRACTION' ? 
c_angle_deg_prot        ?     ?    ? ? 'X-RAY DIFFRACTION' ? 
c_dihedral_angle_d      25.4  ?    ? ? 'X-RAY DIFFRACTION' ? 
c_dihedral_angle_d_na   ?     ?    ? ? 'X-RAY DIFFRACTION' ? 
c_dihedral_angle_d_prot ?     ?    ? ? 'X-RAY DIFFRACTION' ? 
c_improper_angle_d      0.71  ?    ? ? 'X-RAY DIFFRACTION' ? 
c_improper_angle_d_na   ?     ?    ? ? 'X-RAY DIFFRACTION' ? 
c_improper_angle_d_prot ?     ?    ? ? 'X-RAY DIFFRACTION' ? 
c_mcbond_it             1.66  1.50 ? ? 'X-RAY DIFFRACTION' ? 
c_mcangle_it            2.92  2.00 ? ? 'X-RAY DIFFRACTION' ? 
c_scbond_it             2.14  2.00 ? ? 'X-RAY DIFFRACTION' ? 
c_scangle_it            3.20  2.50 ? ? 'X-RAY DIFFRACTION' ? 
# 
_refine_ls_shell.pdbx_total_number_of_bins_used   6 
_refine_ls_shell.d_res_high                       2.40 
_refine_ls_shell.d_res_low                        2.55 
_refine_ls_shell.number_reflns_R_work             845 
_refine_ls_shell.R_factor_R_work                  0.272 
_refine_ls_shell.percent_reflns_obs               58.6 
_refine_ls_shell.R_factor_R_free                  0.362 
_refine_ls_shell.R_factor_R_free_error            0.054 
_refine_ls_shell.percent_reflns_R_free            5.1 
_refine_ls_shell.number_reflns_R_free             45 
_refine_ls_shell.number_reflns_all                ? 
_refine_ls_shell.R_factor_all                     ? 
_refine_ls_shell.redundancy_reflns_obs            ? 
_refine_ls_shell.number_reflns_obs                ? 
_refine_ls_shell.pdbx_refine_id                   'X-RAY DIFFRACTION' 
# 
loop_
_pdbx_xplor_file.serial_no 
_pdbx_xplor_file.param_file 
_pdbx_xplor_file.topol_file 
_pdbx_xplor_file.pdbx_refine_id 
1 protein_rep.param protein.top 'X-RAY DIFFRACTION' 
2 water_rep.param   water.top   'X-RAY DIFFRACTION' 
3 ion.param         ion.top     'X-RAY DIFFRACTION' 
# 
_struct.entry_id                  2QGG 
_struct.title                     
;X-Ray structure of the protein Q6F7I0 from Acinetobacter calcoaceticus AmMS 248. Northeast Structural Genomics Consortium target AsR73.
;
_struct.pdbx_model_details        ? 
_struct.pdbx_CASP_flag            ? 
_struct.pdbx_model_type_details   ? 
# 
_struct_keywords.entry_id        2QGG 
_struct_keywords.pdbx_keywords   'STRUCTURAL GENOMICS, UNKNOWN FUNCTION' 
_struct_keywords.text            
;NESG, AsR73, Acinetobacter calcoaceticus, Structural Genomics, PSI-2, Protein Structure Initiative, Northeast Structural Genomics Consortium, UNKNOWN FUNCTION
;
# 
loop_
_struct_asym.id 
_struct_asym.pdbx_blank_PDB_chainid_flag 
_struct_asym.pdbx_modified 
_struct_asym.entity_id 
_struct_asym.details 
A N N 1 ? 
B N N 2 ? 
C N N 3 ? 
D N N 4 ? 
# 
_struct_ref.id                         1 
_struct_ref.db_name                    UNP 
_struct_ref.db_code                    RIMM_ACIAD 
_struct_ref.pdbx_db_accession          Q6F7I0 
_struct_ref.entity_id                  1 
_struct_ref.pdbx_seq_one_letter_code   
;MTPTQNVPEDRIQIGQLRSAYGLNGWLWVYSNTEPMSNMFDYLPWFIETKAGWQTVDVKRWKPHGKGLVVSLKNVSDRNA
AESLIGSTIWVAKSQLPKTDVDEYYWSDLKGLTVLGLDEEEQEVNLGQIHELFETGANDVMVVRATADSVDAEERMIPWH
KDVVQRVDLEAGRIYVNWGVDY
;
_struct_ref.pdbx_align_begin           1 
_struct_ref.pdbx_db_isoform            ? 
# 
_struct_ref_seq.align_id                      1 
_struct_ref_seq.ref_id                        1 
_struct_ref_seq.pdbx_PDB_id_code              2QGG 
_struct_ref_seq.pdbx_strand_id                A 
_struct_ref_seq.seq_align_beg                 1 
_struct_ref_seq.pdbx_seq_align_beg_ins_code   ? 
_struct_ref_seq.seq_align_end                 182 
_struct_ref_seq.pdbx_seq_align_end_ins_code   ? 
_struct_ref_seq.pdbx_db_accession             Q6F7I0 
_struct_ref_seq.db_align_beg                  1 
_struct_ref_seq.pdbx_db_align_beg_ins_code    ? 
_struct_ref_seq.db_align_end                  182 
_struct_ref_seq.pdbx_db_align_end_ins_code    ? 
_struct_ref_seq.pdbx_auth_seq_align_beg       1 
_struct_ref_seq.pdbx_auth_seq_align_end       182 
# 
loop_
_struct_ref_seq_dif.align_id 
_struct_ref_seq_dif.pdbx_pdb_id_code 
_struct_ref_seq_dif.mon_id 
_struct_ref_seq_dif.pdbx_pdb_strand_id 
_struct_ref_seq_dif.seq_num 
_struct_ref_seq_dif.pdbx_pdb_ins_code 
_struct_ref_seq_dif.pdbx_seq_db_name 
_struct_ref_seq_dif.pdbx_seq_db_accession_code 
_struct_ref_seq_dif.db_mon_id 
_struct_ref_seq_dif.pdbx_seq_db_seq_num 
_struct_ref_seq_dif.details 
_struct_ref_seq_dif.pdbx_auth_seq_num 
_struct_ref_seq_dif.pdbx_ordinal 
1 2QGG MSE A 1   ? UNP Q6F7I0 MET 1   'modified residue' 1   1  
1 2QGG MSE A 36  ? UNP Q6F7I0 MET 36  'modified residue' 36  2  
1 2QGG MSE A 39  ? UNP Q6F7I0 MET 39  'modified residue' 39  3  
1 2QGG TYR A 46  ? UNP Q6F7I0 PHE 46  'SEE REMARK 999'   46  4  
1 2QGG GLY A 74  ? UNP Q6F7I0 ASN 74  'SEE REMARK 999'   74  5  
1 2QGG THR A 79  ? UNP Q6F7I0 ASN 79  'SEE REMARK 999'   79  6  
1 2QGG GLY A 80  ? UNP Q6F7I0 ALA 80  'SEE REMARK 999'   80  7  
1 2QGG VAL A 85  ? UNP Q6F7I0 ILE 85  'SEE REMARK 999'   85  8  
1 2QGG ALA A 86  ? UNP Q6F7I0 GLY 86  'SEE REMARK 999'   86  9  
1 2QGG ASN A 88  ? UNP Q6F7I0 THR 88  'SEE REMARK 999'   88  10 
1 2QGG ILE A 91  ? UNP Q6F7I0 VAL 91  'SEE REMARK 999'   91  11 
1 2QGG ALA A 99  ? UNP Q6F7I0 THR 99  'SEE REMARK 999'   99  12 
1 2QGG ASP A 119 ? UNP Q6F7I0 GLU 119 'SEE REMARK 999'   119 13 
1 2QGG MSE A 141 ? UNP Q6F7I0 MET 141 'modified residue' 141 14 
1 2QGG PRO A 147 ? UNP Q6F7I0 ALA 147 'SEE REMARK 999'   147 15 
1 2QGG ILE A 150 ? UNP Q6F7I0 VAL 150 'SEE REMARK 999'   150 16 
1 2QGG SER A 152 ? UNP Q6F7I0 ALA 152 'SEE REMARK 999'   152 17 
1 2QGG MSE A 156 ? UNP Q6F7I0 MET 156 'modified residue' 156 18 
# 
_pdbx_struct_assembly.id                   1 
_pdbx_struct_assembly.details              author_defined_assembly 
_pdbx_struct_assembly.method_details       ? 
_pdbx_struct_assembly.oligomeric_details   monomeric 
_pdbx_struct_assembly.oligomeric_count     1 
# 
_pdbx_struct_assembly_gen.assembly_id       1 
_pdbx_struct_assembly_gen.oper_expression   1 
_pdbx_struct_assembly_gen.asym_id_list      A,B,C,D 
# 
_pdbx_struct_oper_list.id                   1 
_pdbx_struct_oper_list.type                 'identity operation' 
_pdbx_struct_oper_list.name                 1_555 
_pdbx_struct_oper_list.symmetry_operation   x,y,z 
_pdbx_struct_oper_list.matrix[1][1]         1.0000000000 
_pdbx_struct_oper_list.matrix[1][2]         0.0000000000 
_pdbx_struct_oper_list.matrix[1][3]         0.0000000000 
_pdbx_struct_oper_list.vector[1]            0.0000000000 
_pdbx_struct_oper_list.matrix[2][1]         0.0000000000 
_pdbx_struct_oper_list.matrix[2][2]         1.0000000000 
_pdbx_struct_oper_list.matrix[2][3]         0.0000000000 
_pdbx_struct_oper_list.vector[2]            0.0000000000 
_pdbx_struct_oper_list.matrix[3][1]         0.0000000000 
_pdbx_struct_oper_list.matrix[3][2]         0.0000000000 
_pdbx_struct_oper_list.matrix[3][3]         1.0000000000 
_pdbx_struct_oper_list.vector[3]            0.0000000000 
# 
loop_
_struct_conf.conf_type_id 
_struct_conf.id 
_struct_conf.pdbx_PDB_helix_id 
_struct_conf.beg_label_comp_id 
_struct_conf.beg_label_asym_id 
_struct_conf.beg_label_seq_id 
_struct_conf.pdbx_beg_PDB_ins_code 
_struct_conf.end_label_comp_id 
_struct_conf.end_label_asym_id 
_struct_conf.end_label_seq_id 
_struct_conf.pdbx_end_PDB_ins_code 
_struct_conf.beg_auth_comp_id 
_struct_conf.beg_auth_asym_id 
_struct_conf.beg_auth_seq_id 
_struct_conf.end_auth_comp_id 
_struct_conf.end_auth_asym_id 
_struct_conf.end_auth_seq_id 
_struct_conf.pdbx_PDB_helix_class 
_struct_conf.details 
_struct_conf.pdbx_PDB_helix_length 
HELX_P HELX_P1 1 PRO A 35  ? TYR A 42  ? PRO A 35  TYR A 42  5 ? 8 
HELX_P HELX_P2 2 ASP A 77  ? SER A 83  ? ASP A 77  SER A 83  1 ? 7 
HELX_P HELX_P3 3 ALA A 99  ? TYR A 104 ? ALA A 99  TYR A 104 1 ? 6 
HELX_P HELX_P4 4 TYR A 105 ? LYS A 110 ? TYR A 105 LYS A 110 1 ? 6 
# 
_struct_conf_type.id          HELX_P 
_struct_conf_type.criteria    ? 
_struct_conf_type.reference   ? 
# 
loop_
_struct_conn.id 
_struct_conn.conn_type_id 
_struct_conn.pdbx_leaving_atom_flag 
_struct_conn.pdbx_PDB_id 
_struct_conn.ptnr1_label_asym_id 
_struct_conn.ptnr1_label_comp_id 
_struct_conn.ptnr1_label_seq_id 
_struct_conn.ptnr1_label_atom_id 
_struct_conn.pdbx_ptnr1_label_alt_id 
_struct_conn.pdbx_ptnr1_PDB_ins_code 
_struct_conn.pdbx_ptnr1_standard_comp_id 
_struct_conn.ptnr1_symmetry 
_struct_conn.ptnr2_label_asym_id 
_struct_conn.ptnr2_label_comp_id 
_struct_conn.ptnr2_label_seq_id 
_struct_conn.ptnr2_label_atom_id 
_struct_conn.pdbx_ptnr2_label_alt_id 
_struct_conn.pdbx_ptnr2_PDB_ins_code 
_struct_conn.ptnr1_auth_asym_id 
_struct_conn.ptnr1_auth_comp_id 
_struct_conn.ptnr1_auth_seq_id 
_struct_conn.ptnr2_auth_asym_id 
_struct_conn.ptnr2_auth_comp_id 
_struct_conn.ptnr2_auth_seq_id 
_struct_conn.ptnr2_symmetry 
_struct_conn.pdbx_ptnr3_label_atom_id 
_struct_conn.pdbx_ptnr3_label_seq_id 
_struct_conn.pdbx_ptnr3_label_comp_id 
_struct_conn.pdbx_ptnr3_label_asym_id 
_struct_conn.pdbx_ptnr3_label_alt_id 
_struct_conn.pdbx_ptnr3_PDB_ins_code 
_struct_conn.details 
_struct_conn.pdbx_dist_value 
_struct_conn.pdbx_value_order 
_struct_conn.pdbx_role 
covale1 covale both ? A PRO 35  C ? ? ? 1_555 A MSE 36  N ? ? A PRO 35  A MSE 36  1_555 ? ? ? ? ? ? ? 1.329 ? ? 
covale2 covale both ? A MSE 36  C ? ? ? 1_555 A SER 37  N ? ? A MSE 36  A SER 37  1_555 ? ? ? ? ? ? ? 1.330 ? ? 
covale3 covale both ? A ASN 38  C ? ? ? 1_555 A MSE 39  N ? ? A ASN 38  A MSE 39  1_555 ? ? ? ? ? ? ? 1.327 ? ? 
covale4 covale both ? A MSE 39  C ? ? ? 1_555 A PHE 40  N ? ? A MSE 39  A PHE 40  1_555 ? ? ? ? ? ? ? 1.329 ? ? 
covale5 covale both ? A VAL 140 C ? ? ? 1_555 A MSE 141 N ? ? A VAL 140 A MSE 141 1_555 ? ? ? ? ? ? ? 1.323 ? ? 
covale6 covale both ? A MSE 141 C ? ? ? 1_555 A VAL 142 N ? ? A MSE 141 A VAL 142 1_555 ? ? ? ? ? ? ? 1.326 ? ? 
covale7 covale both ? A ARG 155 C ? ? ? 1_555 A MSE 156 N ? ? A ARG 155 A MSE 156 1_555 ? ? ? ? ? ? ? 1.326 ? ? 
covale8 covale both ? A MSE 156 C ? ? ? 1_555 A ILE 157 N ? ? A MSE 156 A ILE 157 1_555 ? ? ? ? ? ? ? 1.329 ? ? 
metalc1 metalc ?    ? A THR 146 O ? ? ? 1_555 B K   .   K ? ? A THR 146 A K   201 1_555 ? ? ? ? ? ? ? 2.615 ? ? 
metalc2 metalc ?    ? A SER 149 O ? ? ? 1_555 B K   .   K ? ? A SER 149 A K   201 1_555 ? ? ? ? ? ? ? 2.991 ? ? 
metalc3 metalc ?    ? A ASP 151 O ? ? ? 1_555 B K   .   K ? ? A ASP 151 A K   201 1_555 ? ? ? ? ? ? ? 2.801 ? ? 
# 
loop_
_struct_conn_type.id 
_struct_conn_type.criteria 
_struct_conn_type.reference 
covale ? ? 
metalc ? ? 
# 
loop_
_pdbx_struct_conn_angle.id 
_pdbx_struct_conn_angle.ptnr1_label_atom_id 
_pdbx_struct_conn_angle.ptnr1_label_alt_id 
_pdbx_struct_conn_angle.ptnr1_label_asym_id 
_pdbx_struct_conn_angle.ptnr1_label_comp_id 
_pdbx_struct_conn_angle.ptnr1_label_seq_id 
_pdbx_struct_conn_angle.ptnr1_auth_atom_id 
_pdbx_struct_conn_angle.ptnr1_auth_asym_id 
_pdbx_struct_conn_angle.ptnr1_auth_comp_id 
_pdbx_struct_conn_angle.ptnr1_auth_seq_id 
_pdbx_struct_conn_angle.ptnr1_PDB_ins_code 
_pdbx_struct_conn_angle.ptnr1_symmetry 
_pdbx_struct_conn_angle.ptnr2_label_atom_id 
_pdbx_struct_conn_angle.ptnr2_label_alt_id 
_pdbx_struct_conn_angle.ptnr2_label_asym_id 
_pdbx_struct_conn_angle.ptnr2_label_comp_id 
_pdbx_struct_conn_angle.ptnr2_label_seq_id 
_pdbx_struct_conn_angle.ptnr2_auth_atom_id 
_pdbx_struct_conn_angle.ptnr2_auth_asym_id 
_pdbx_struct_conn_angle.ptnr2_auth_comp_id 
_pdbx_struct_conn_angle.ptnr2_auth_seq_id 
_pdbx_struct_conn_angle.ptnr2_PDB_ins_code 
_pdbx_struct_conn_angle.ptnr2_symmetry 
_pdbx_struct_conn_angle.ptnr3_label_atom_id 
_pdbx_struct_conn_angle.ptnr3_label_alt_id 
_pdbx_struct_conn_angle.ptnr3_label_asym_id 
_pdbx_struct_conn_angle.ptnr3_label_comp_id 
_pdbx_struct_conn_angle.ptnr3_label_seq_id 
_pdbx_struct_conn_angle.ptnr3_auth_atom_id 
_pdbx_struct_conn_angle.ptnr3_auth_asym_id 
_pdbx_struct_conn_angle.ptnr3_auth_comp_id 
_pdbx_struct_conn_angle.ptnr3_auth_seq_id 
_pdbx_struct_conn_angle.ptnr3_PDB_ins_code 
_pdbx_struct_conn_angle.ptnr3_symmetry 
_pdbx_struct_conn_angle.value 
_pdbx_struct_conn_angle.value_esd 
1 O ? A THR 146 ? A THR 146 ? 1_555 K ? B K . ? A K 201 ? 1_555 O ? A SER 149 ? A SER 149 ? 1_555 97.3  ? 
2 O ? A THR 146 ? A THR 146 ? 1_555 K ? B K . ? A K 201 ? 1_555 O ? A ASP 151 ? A ASP 151 ? 1_555 114.0 ? 
3 O ? A SER 149 ? A SER 149 ? 1_555 K ? B K . ? A K 201 ? 1_555 O ? A ASP 151 ? A ASP 151 ? 1_555 102.4 ? 
# 
loop_
_pdbx_modification_feature.ordinal 
_pdbx_modification_feature.label_comp_id 
_pdbx_modification_feature.label_asym_id 
_pdbx_modification_feature.label_seq_id 
_pdbx_modification_feature.label_alt_id 
_pdbx_modification_feature.modified_residue_label_comp_id 
_pdbx_modification_feature.modified_residue_label_asym_id 
_pdbx_modification_feature.modified_residue_label_seq_id 
_pdbx_modification_feature.modified_residue_label_alt_id 
_pdbx_modification_feature.auth_comp_id 
_pdbx_modification_feature.auth_asym_id 
_pdbx_modification_feature.auth_seq_id 
_pdbx_modification_feature.PDB_ins_code 
_pdbx_modification_feature.symmetry 
_pdbx_modification_feature.modified_residue_auth_comp_id 
_pdbx_modification_feature.modified_residue_auth_asym_id 
_pdbx_modification_feature.modified_residue_auth_seq_id 
_pdbx_modification_feature.modified_residue_PDB_ins_code 
_pdbx_modification_feature.modified_residue_symmetry 
_pdbx_modification_feature.comp_id_linking_atom 
_pdbx_modification_feature.modified_residue_id_linking_atom 
_pdbx_modification_feature.modified_residue_id 
_pdbx_modification_feature.ref_pcm_id 
_pdbx_modification_feature.ref_comp_id 
_pdbx_modification_feature.type 
_pdbx_modification_feature.category 
1 MSE A 36  ? . . . . MSE A 36  ? 1_555 . . . . . . . MET 1 MSE Selenomethionine 'Named protein modification' 
2 MSE A 39  ? . . . . MSE A 39  ? 1_555 . . . . . . . MET 1 MSE Selenomethionine 'Named protein modification' 
3 MSE A 141 ? . . . . MSE A 141 ? 1_555 . . . . . . . MET 1 MSE Selenomethionine 'Named protein modification' 
4 MSE A 156 ? . . . . MSE A 156 ? 1_555 . . . . . . . MET 1 MSE Selenomethionine 'Named protein modification' 
# 
loop_
_struct_mon_prot_cis.pdbx_id 
_struct_mon_prot_cis.label_comp_id 
_struct_mon_prot_cis.label_seq_id 
_struct_mon_prot_cis.label_asym_id 
_struct_mon_prot_cis.label_alt_id 
_struct_mon_prot_cis.pdbx_PDB_ins_code 
_struct_mon_prot_cis.auth_comp_id 
_struct_mon_prot_cis.auth_seq_id 
_struct_mon_prot_cis.auth_asym_id 
_struct_mon_prot_cis.pdbx_label_comp_id_2 
_struct_mon_prot_cis.pdbx_label_seq_id_2 
_struct_mon_prot_cis.pdbx_label_asym_id_2 
_struct_mon_prot_cis.pdbx_PDB_ins_code_2 
_struct_mon_prot_cis.pdbx_auth_comp_id_2 
_struct_mon_prot_cis.pdbx_auth_seq_id_2 
_struct_mon_prot_cis.pdbx_auth_asym_id_2 
_struct_mon_prot_cis.pdbx_PDB_model_num 
_struct_mon_prot_cis.pdbx_omega_angle 
1 GLU 34 A . ? GLU 34 A PRO 35 A ? PRO 35 A 1 -0.03 
2 LEU 43 A . ? LEU 43 A PRO 44 A ? PRO 44 A 1 -0.05 
# 
loop_
_struct_sheet.id 
_struct_sheet.type 
_struct_sheet.number_strands 
_struct_sheet.details 
A ? 7 ? 
B ? 6 ? 
# 
loop_
_struct_sheet_order.sheet_id 
_struct_sheet_order.range_id_1 
_struct_sheet_order.range_id_2 
_struct_sheet_order.offset 
_struct_sheet_order.sense 
A 1 2 ? anti-parallel 
A 2 3 ? anti-parallel 
A 3 4 ? anti-parallel 
A 4 5 ? anti-parallel 
A 5 6 ? anti-parallel 
A 6 7 ? anti-parallel 
B 1 2 ? anti-parallel 
B 2 3 ? anti-parallel 
B 3 4 ? anti-parallel 
B 4 5 ? parallel      
B 5 6 ? anti-parallel 
# 
loop_
_struct_sheet_range.sheet_id 
_struct_sheet_range.id 
_struct_sheet_range.beg_label_comp_id 
_struct_sheet_range.beg_label_asym_id 
_struct_sheet_range.beg_label_seq_id 
_struct_sheet_range.pdbx_beg_PDB_ins_code 
_struct_sheet_range.end_label_comp_id 
_struct_sheet_range.end_label_asym_id 
_struct_sheet_range.end_label_seq_id 
_struct_sheet_range.pdbx_end_PDB_ins_code 
_struct_sheet_range.beg_auth_comp_id 
_struct_sheet_range.beg_auth_asym_id 
_struct_sheet_range.beg_auth_seq_id 
_struct_sheet_range.end_auth_comp_id 
_struct_sheet_range.end_auth_asym_id 
_struct_sheet_range.end_auth_seq_id 
A 1 GLY A 52  ? VAL A 56  ? GLY A 52  VAL A 56  
A 2 TRP A 45  ? THR A 49  ? TRP A 45  THR A 49  
A 3 ASN A 88  ? ALA A 92  ? ASN A 88  ALA A 92  
A 4 ARG A 11  ? TYR A 21  ? ARG A 11  TYR A 21  
A 5 TRP A 26  ? SER A 31  ? TRP A 26  SER A 31  
A 6 GLY A 67  ? LEU A 72  ? GLY A 67  LEU A 72  
A 7 VAL A 58  ? HIS A 64  ? VAL A 58  HIS A 64  
B 1 ARG A 155 ? PRO A 158 ? ARG A 155 PRO A 158 
B 2 ASP A 139 ? ARG A 144 ? ASP A 139 ARG A 144 
B 3 GLU A 123 ? GLU A 134 ? GLU A 123 GLU A 134 
B 4 THR A 113 ? LEU A 117 ? THR A 113 LEU A 117 
B 5 ARG A 173 ? VAL A 176 ? ARG A 173 VAL A 176 
B 6 VAL A 164 ? ASP A 168 ? VAL A 164 ASP A 168 
# 
loop_
_pdbx_struct_sheet_hbond.sheet_id 
_pdbx_struct_sheet_hbond.range_id_1 
_pdbx_struct_sheet_hbond.range_id_2 
_pdbx_struct_sheet_hbond.range_1_label_atom_id 
_pdbx_struct_sheet_hbond.range_1_label_comp_id 
_pdbx_struct_sheet_hbond.range_1_label_asym_id 
_pdbx_struct_sheet_hbond.range_1_label_seq_id 
_pdbx_struct_sheet_hbond.range_1_PDB_ins_code 
_pdbx_struct_sheet_hbond.range_1_auth_atom_id 
_pdbx_struct_sheet_hbond.range_1_auth_comp_id 
_pdbx_struct_sheet_hbond.range_1_auth_asym_id 
_pdbx_struct_sheet_hbond.range_1_auth_seq_id 
_pdbx_struct_sheet_hbond.range_2_label_atom_id 
_pdbx_struct_sheet_hbond.range_2_label_comp_id 
_pdbx_struct_sheet_hbond.range_2_label_asym_id 
_pdbx_struct_sheet_hbond.range_2_label_seq_id 
_pdbx_struct_sheet_hbond.range_2_PDB_ins_code 
_pdbx_struct_sheet_hbond.range_2_auth_atom_id 
_pdbx_struct_sheet_hbond.range_2_auth_comp_id 
_pdbx_struct_sheet_hbond.range_2_auth_asym_id 
_pdbx_struct_sheet_hbond.range_2_auth_seq_id 
A 1 2 O VAL A 56  ? O VAL A 56  N TRP A 45  ? N TRP A 45  
A 2 3 N TYR A 46  ? N TYR A 46  O TRP A 90  ? O TRP A 90  
A 3 4 O ILE A 89  ? O ILE A 89  N GLY A 15  ? N GLY A 15  
A 4 5 N SER A 19  ? N SER A 19  O TRP A 28  ? O TRP A 28  
A 5 6 N LEU A 27  ? N LEU A 27  O VAL A 70  ? O VAL A 70  
A 6 7 O SER A 71  ? O SER A 71  N ARG A 60  ? N ARG A 60  
B 1 2 O ILE A 157 ? O ILE A 157 N MSE A 141 ? N MSE A 141 
B 2 3 O VAL A 142 ? O VAL A 142 N GLU A 131 ? N GLU A 131 
B 3 4 O GLY A 127 ? O GLY A 127 N VAL A 114 ? N VAL A 114 
B 4 5 N LEU A 115 ? N LEU A 115 O ILE A 174 ? O ILE A 174 
B 5 6 O ARG A 173 ? O ARG A 173 N ASP A 168 ? N ASP A 168 
# 
loop_
_struct_site.id 
_struct_site.pdbx_evidence_code 
_struct_site.pdbx_auth_asym_id 
_struct_site.pdbx_auth_comp_id 
_struct_site.pdbx_auth_seq_id 
_struct_site.pdbx_auth_ins_code 
_struct_site.pdbx_num_residues 
_struct_site.details 
AC1 Software A K   201 ? 3 'BINDING SITE FOR RESIDUE K A 201'   
AC2 Software A UNL 202 ? 5 'BINDING SITE FOR RESIDUE UNL A 202' 
# 
loop_
_struct_site_gen.id 
_struct_site_gen.site_id 
_struct_site_gen.pdbx_num_res 
_struct_site_gen.label_comp_id 
_struct_site_gen.label_asym_id 
_struct_site_gen.label_seq_id 
_struct_site_gen.pdbx_auth_ins_code 
_struct_site_gen.auth_comp_id 
_struct_site_gen.auth_asym_id 
_struct_site_gen.auth_seq_id 
_struct_site_gen.label_atom_id 
_struct_site_gen.label_alt_id 
_struct_site_gen.symmetry 
_struct_site_gen.details 
1 AC1 3 THR A 146 ? THR A 146 . ? 1_555 ? 
2 AC1 3 SER A 149 ? SER A 149 . ? 1_555 ? 
3 AC1 3 ASP A 151 ? ASP A 151 . ? 1_555 ? 
4 AC2 5 TYR A 105 ? TYR A 105 . ? 1_555 ? 
5 AC2 5 TRP A 106 ? TRP A 106 . ? 1_555 ? 
6 AC2 5 GLU A 131 ? GLU A 131 . ? 1_555 ? 
7 AC2 5 LEU A 132 ? LEU A 132 . ? 1_555 ? 
8 AC2 5 GLU A 134 ? GLU A 134 . ? 1_555 ? 
# 
_pdbx_entry_details.entry_id                   2QGG 
_pdbx_entry_details.compound_details           ? 
_pdbx_entry_details.source_details             ? 
_pdbx_entry_details.nonpolymer_details         ? 
_pdbx_entry_details.sequence_details           ? 
_pdbx_entry_details.has_ligand_of_interest     ? 
_pdbx_entry_details.has_protein_modification   Y 
# 
loop_
_pdbx_validate_torsion.id 
_pdbx_validate_torsion.PDB_model_num 
_pdbx_validate_torsion.auth_comp_id 
_pdbx_validate_torsion.auth_asym_id 
_pdbx_validate_torsion.auth_seq_id 
_pdbx_validate_torsion.PDB_ins_code 
_pdbx_validate_torsion.label_alt_id 
_pdbx_validate_torsion.phi 
_pdbx_validate_torsion.psi 
1 1 ARG A 18  ? ? -99.51  -140.12 
2 1 LYS A 110 ? ? -38.21  123.17  
3 1 SER A 149 ? ? -43.50  158.03  
4 1 ASP A 151 ? ? -147.86 -159.56 
# 
_pdbx_SG_project.id                    1 
_pdbx_SG_project.project_name          'PSI, Protein Structure Initiative' 
_pdbx_SG_project.full_name_of_center   'Northeast Structural Genomics Consortium' 
_pdbx_SG_project.initial_of_center     NESG 
# 
loop_
_pdbx_struct_mod_residue.id 
_pdbx_struct_mod_residue.label_asym_id 
_pdbx_struct_mod_residue.label_comp_id 
_pdbx_struct_mod_residue.label_seq_id 
_pdbx_struct_mod_residue.auth_asym_id 
_pdbx_struct_mod_residue.auth_comp_id 
_pdbx_struct_mod_residue.auth_seq_id 
_pdbx_struct_mod_residue.PDB_ins_code 
_pdbx_struct_mod_residue.parent_comp_id 
_pdbx_struct_mod_residue.details 
1 A MSE 36  A MSE 36  ? MET SELENOMETHIONINE 
2 A MSE 39  A MSE 39  ? MET SELENOMETHIONINE 
3 A MSE 141 A MSE 141 ? MET SELENOMETHIONINE 
4 A MSE 156 A MSE 156 ? MET SELENOMETHIONINE 
# 
loop_
_pdbx_database_remark.id 
_pdbx_database_remark.text 
600 
;
HETEROGEN
THE ATOMS OF UNKNOWN LIGAND HAVE BEEN REFINED
AS WATER OXYGEN ATOMS.
;
999 
;
SEQUENCE
AUTHORS STATE THAT THE SEQUENCE DIFFERENCE IS DUE
TO ANNOTATION ERROR OF THE ENTRY Q6F7I0.
THE AUTHOR'S SEQUENCE CONTAINS 13 NATURAL
(NOT ENGINEERED) REPLACEMENTS FROM ANNOTATED Q6F7I0.
;
# 
loop_
_pdbx_unobs_or_zero_occ_residues.id 
_pdbx_unobs_or_zero_occ_residues.PDB_model_num 
_pdbx_unobs_or_zero_occ_residues.polymer_flag 
_pdbx_unobs_or_zero_occ_residues.occupancy_flag 
_pdbx_unobs_or_zero_occ_residues.auth_asym_id 
_pdbx_unobs_or_zero_occ_residues.auth_comp_id 
_pdbx_unobs_or_zero_occ_residues.auth_seq_id 
_pdbx_unobs_or_zero_occ_residues.PDB_ins_code 
_pdbx_unobs_or_zero_occ_residues.label_asym_id 
_pdbx_unobs_or_zero_occ_residues.label_comp_id 
_pdbx_unobs_or_zero_occ_residues.label_seq_id 
1 1 Y 1 A MSE 1   ? A MSE 1   
2 1 Y 1 A THR 2   ? A THR 2   
3 1 Y 1 A PRO 3   ? A PRO 3   
4 1 Y 1 A THR 4   ? A THR 4   
5 1 Y 1 A GLN 5   ? A GLN 5   
6 1 Y 1 A TYR 182 ? A TYR 182 
# 
loop_
_chem_comp_atom.comp_id 
_chem_comp_atom.atom_id 
_chem_comp_atom.type_symbol 
_chem_comp_atom.pdbx_aromatic_flag 
_chem_comp_atom.pdbx_stereo_config 
_chem_comp_atom.pdbx_ordinal 
ALA N    N  N N 1   
ALA CA   C  N S 2   
ALA C    C  N N 3   
ALA O    O  N N 4   
ALA CB   C  N N 5   
ALA OXT  O  N N 6   
ALA H    H  N N 7   
ALA H2   H  N N 8   
ALA HA   H  N N 9   
ALA HB1  H  N N 10  
ALA HB2  H  N N 11  
ALA HB3  H  N N 12  
ALA HXT  H  N N 13  
ARG N    N  N N 14  
ARG CA   C  N S 15  
ARG C    C  N N 16  
ARG O    O  N N 17  
ARG CB   C  N N 18  
ARG CG   C  N N 19  
ARG CD   C  N N 20  
ARG NE   N  N N 21  
ARG CZ   C  N N 22  
ARG NH1  N  N N 23  
ARG NH2  N  N N 24  
ARG OXT  O  N N 25  
ARG H    H  N N 26  
ARG H2   H  N N 27  
ARG HA   H  N N 28  
ARG HB2  H  N N 29  
ARG HB3  H  N N 30  
ARG HG2  H  N N 31  
ARG HG3  H  N N 32  
ARG HD2  H  N N 33  
ARG HD3  H  N N 34  
ARG HE   H  N N 35  
ARG HH11 H  N N 36  
ARG HH12 H  N N 37  
ARG HH21 H  N N 38  
ARG HH22 H  N N 39  
ARG HXT  H  N N 40  
ASN N    N  N N 41  
ASN CA   C  N S 42  
ASN C    C  N N 43  
ASN O    O  N N 44  
ASN CB   C  N N 45  
ASN CG   C  N N 46  
ASN OD1  O  N N 47  
ASN ND2  N  N N 48  
ASN OXT  O  N N 49  
ASN H    H  N N 50  
ASN H2   H  N N 51  
ASN HA   H  N N 52  
ASN HB2  H  N N 53  
ASN HB3  H  N N 54  
ASN HD21 H  N N 55  
ASN HD22 H  N N 56  
ASN HXT  H  N N 57  
ASP N    N  N N 58  
ASP CA   C  N S 59  
ASP C    C  N N 60  
ASP O    O  N N 61  
ASP CB   C  N N 62  
ASP CG   C  N N 63  
ASP OD1  O  N N 64  
ASP OD2  O  N N 65  
ASP OXT  O  N N 66  
ASP H    H  N N 67  
ASP H2   H  N N 68  
ASP HA   H  N N 69  
ASP HB2  H  N N 70  
ASP HB3  H  N N 71  
ASP HD2  H  N N 72  
ASP HXT  H  N N 73  
GLN N    N  N N 74  
GLN CA   C  N S 75  
GLN C    C  N N 76  
GLN O    O  N N 77  
GLN CB   C  N N 78  
GLN CG   C  N N 79  
GLN CD   C  N N 80  
GLN OE1  O  N N 81  
GLN NE2  N  N N 82  
GLN OXT  O  N N 83  
GLN H    H  N N 84  
GLN H2   H  N N 85  
GLN HA   H  N N 86  
GLN HB2  H  N N 87  
GLN HB3  H  N N 88  
GLN HG2  H  N N 89  
GLN HG3  H  N N 90  
GLN HE21 H  N N 91  
GLN HE22 H  N N 92  
GLN HXT  H  N N 93  
GLU N    N  N N 94  
GLU CA   C  N S 95  
GLU C    C  N N 96  
GLU O    O  N N 97  
GLU CB   C  N N 98  
GLU CG   C  N N 99  
GLU CD   C  N N 100 
GLU OE1  O  N N 101 
GLU OE2  O  N N 102 
GLU OXT  O  N N 103 
GLU H    H  N N 104 
GLU H2   H  N N 105 
GLU HA   H  N N 106 
GLU HB2  H  N N 107 
GLU HB3  H  N N 108 
GLU HG2  H  N N 109 
GLU HG3  H  N N 110 
GLU HE2  H  N N 111 
GLU HXT  H  N N 112 
GLY N    N  N N 113 
GLY CA   C  N N 114 
GLY C    C  N N 115 
GLY O    O  N N 116 
GLY OXT  O  N N 117 
GLY H    H  N N 118 
GLY H2   H  N N 119 
GLY HA2  H  N N 120 
GLY HA3  H  N N 121 
GLY HXT  H  N N 122 
HIS N    N  N N 123 
HIS CA   C  N S 124 
HIS C    C  N N 125 
HIS O    O  N N 126 
HIS CB   C  N N 127 
HIS CG   C  Y N 128 
HIS ND1  N  Y N 129 
HIS CD2  C  Y N 130 
HIS CE1  C  Y N 131 
HIS NE2  N  Y N 132 
HIS OXT  O  N N 133 
HIS H    H  N N 134 
HIS H2   H  N N 135 
HIS HA   H  N N 136 
HIS HB2  H  N N 137 
HIS HB3  H  N N 138 
HIS HD1  H  N N 139 
HIS HD2  H  N N 140 
HIS HE1  H  N N 141 
HIS HE2  H  N N 142 
HIS HXT  H  N N 143 
HOH O    O  N N 144 
HOH H1   H  N N 145 
HOH H2   H  N N 146 
ILE N    N  N N 147 
ILE CA   C  N S 148 
ILE C    C  N N 149 
ILE O    O  N N 150 
ILE CB   C  N S 151 
ILE CG1  C  N N 152 
ILE CG2  C  N N 153 
ILE CD1  C  N N 154 
ILE OXT  O  N N 155 
ILE H    H  N N 156 
ILE H2   H  N N 157 
ILE HA   H  N N 158 
ILE HB   H  N N 159 
ILE HG12 H  N N 160 
ILE HG13 H  N N 161 
ILE HG21 H  N N 162 
ILE HG22 H  N N 163 
ILE HG23 H  N N 164 
ILE HD11 H  N N 165 
ILE HD12 H  N N 166 
ILE HD13 H  N N 167 
ILE HXT  H  N N 168 
K   K    K  N N 169 
LEU N    N  N N 170 
LEU CA   C  N S 171 
LEU C    C  N N 172 
LEU O    O  N N 173 
LEU CB   C  N N 174 
LEU CG   C  N N 175 
LEU CD1  C  N N 176 
LEU CD2  C  N N 177 
LEU OXT  O  N N 178 
LEU H    H  N N 179 
LEU H2   H  N N 180 
LEU HA   H  N N 181 
LEU HB2  H  N N 182 
LEU HB3  H  N N 183 
LEU HG   H  N N 184 
LEU HD11 H  N N 185 
LEU HD12 H  N N 186 
LEU HD13 H  N N 187 
LEU HD21 H  N N 188 
LEU HD22 H  N N 189 
LEU HD23 H  N N 190 
LEU HXT  H  N N 191 
LYS N    N  N N 192 
LYS CA   C  N S 193 
LYS C    C  N N 194 
LYS O    O  N N 195 
LYS CB   C  N N 196 
LYS CG   C  N N 197 
LYS CD   C  N N 198 
LYS CE   C  N N 199 
LYS NZ   N  N N 200 
LYS OXT  O  N N 201 
LYS H    H  N N 202 
LYS H2   H  N N 203 
LYS HA   H  N N 204 
LYS HB2  H  N N 205 
LYS HB3  H  N N 206 
LYS HG2  H  N N 207 
LYS HG3  H  N N 208 
LYS HD2  H  N N 209 
LYS HD3  H  N N 210 
LYS HE2  H  N N 211 
LYS HE3  H  N N 212 
LYS HZ1  H  N N 213 
LYS HZ2  H  N N 214 
LYS HZ3  H  N N 215 
LYS HXT  H  N N 216 
MET N    N  N N 217 
MET CA   C  N S 218 
MET C    C  N N 219 
MET O    O  N N 220 
MET CB   C  N N 221 
MET CG   C  N N 222 
MET SD   S  N N 223 
MET CE   C  N N 224 
MET OXT  O  N N 225 
MET H    H  N N 226 
MET H2   H  N N 227 
MET HA   H  N N 228 
MET HB2  H  N N 229 
MET HB3  H  N N 230 
MET HG2  H  N N 231 
MET HG3  H  N N 232 
MET HE1  H  N N 233 
MET HE2  H  N N 234 
MET HE3  H  N N 235 
MET HXT  H  N N 236 
MSE N    N  N N 237 
MSE CA   C  N S 238 
MSE C    C  N N 239 
MSE O    O  N N 240 
MSE OXT  O  N N 241 
MSE CB   C  N N 242 
MSE CG   C  N N 243 
MSE SE   SE N N 244 
MSE CE   C  N N 245 
MSE H    H  N N 246 
MSE H2   H  N N 247 
MSE HA   H  N N 248 
MSE HXT  H  N N 249 
MSE HB2  H  N N 250 
MSE HB3  H  N N 251 
MSE HG2  H  N N 252 
MSE HG3  H  N N 253 
MSE HE1  H  N N 254 
MSE HE2  H  N N 255 
MSE HE3  H  N N 256 
PHE N    N  N N 257 
PHE CA   C  N S 258 
PHE C    C  N N 259 
PHE O    O  N N 260 
PHE CB   C  N N 261 
PHE CG   C  Y N 262 
PHE CD1  C  Y N 263 
PHE CD2  C  Y N 264 
PHE CE1  C  Y N 265 
PHE CE2  C  Y N 266 
PHE CZ   C  Y N 267 
PHE OXT  O  N N 268 
PHE H    H  N N 269 
PHE H2   H  N N 270 
PHE HA   H  N N 271 
PHE HB2  H  N N 272 
PHE HB3  H  N N 273 
PHE HD1  H  N N 274 
PHE HD2  H  N N 275 
PHE HE1  H  N N 276 
PHE HE2  H  N N 277 
PHE HZ   H  N N 278 
PHE HXT  H  N N 279 
PRO N    N  N N 280 
PRO CA   C  N S 281 
PRO C    C  N N 282 
PRO O    O  N N 283 
PRO CB   C  N N 284 
PRO CG   C  N N 285 
PRO CD   C  N N 286 
PRO OXT  O  N N 287 
PRO H    H  N N 288 
PRO HA   H  N N 289 
PRO HB2  H  N N 290 
PRO HB3  H  N N 291 
PRO HG2  H  N N 292 
PRO HG3  H  N N 293 
PRO HD2  H  N N 294 
PRO HD3  H  N N 295 
PRO HXT  H  N N 296 
SER N    N  N N 297 
SER CA   C  N S 298 
SER C    C  N N 299 
SER O    O  N N 300 
SER CB   C  N N 301 
SER OG   O  N N 302 
SER OXT  O  N N 303 
SER H    H  N N 304 
SER H2   H  N N 305 
SER HA   H  N N 306 
SER HB2  H  N N 307 
SER HB3  H  N N 308 
SER HG   H  N N 309 
SER HXT  H  N N 310 
THR N    N  N N 311 
THR CA   C  N S 312 
THR C    C  N N 313 
THR O    O  N N 314 
THR CB   C  N R 315 
THR OG1  O  N N 316 
THR CG2  C  N N 317 
THR OXT  O  N N 318 
THR H    H  N N 319 
THR H2   H  N N 320 
THR HA   H  N N 321 
THR HB   H  N N 322 
THR HG1  H  N N 323 
THR HG21 H  N N 324 
THR HG22 H  N N 325 
THR HG23 H  N N 326 
THR HXT  H  N N 327 
TRP N    N  N N 328 
TRP CA   C  N S 329 
TRP C    C  N N 330 
TRP O    O  N N 331 
TRP CB   C  N N 332 
TRP CG   C  Y N 333 
TRP CD1  C  Y N 334 
TRP CD2  C  Y N 335 
TRP NE1  N  Y N 336 
TRP CE2  C  Y N 337 
TRP CE3  C  Y N 338 
TRP CZ2  C  Y N 339 
TRP CZ3  C  Y N 340 
TRP CH2  C  Y N 341 
TRP OXT  O  N N 342 
TRP H    H  N N 343 
TRP H2   H  N N 344 
TRP HA   H  N N 345 
TRP HB2  H  N N 346 
TRP HB3  H  N N 347 
TRP HD1  H  N N 348 
TRP HE1  H  N N 349 
TRP HE3  H  N N 350 
TRP HZ2  H  N N 351 
TRP HZ3  H  N N 352 
TRP HH2  H  N N 353 
TRP HXT  H  N N 354 
TYR N    N  N N 355 
TYR CA   C  N S 356 
TYR C    C  N N 357 
TYR O    O  N N 358 
TYR CB   C  N N 359 
TYR CG   C  Y N 360 
TYR CD1  C  Y N 361 
TYR CD2  C  Y N 362 
TYR CE1  C  Y N 363 
TYR CE2  C  Y N 364 
TYR CZ   C  Y N 365 
TYR OH   O  N N 366 
TYR OXT  O  N N 367 
TYR H    H  N N 368 
TYR H2   H  N N 369 
TYR HA   H  N N 370 
TYR HB2  H  N N 371 
TYR HB3  H  N N 372 
TYR HD1  H  N N 373 
TYR HD2  H  N N 374 
TYR HE1  H  N N 375 
TYR HE2  H  N N 376 
TYR HH   H  N N 377 
TYR HXT  H  N N 378 
VAL N    N  N N 379 
VAL CA   C  N S 380 
VAL C    C  N N 381 
VAL O    O  N N 382 
VAL CB   C  N N 383 
VAL CG1  C  N N 384 
VAL CG2  C  N N 385 
VAL OXT  O  N N 386 
VAL H    H  N N 387 
VAL H2   H  N N 388 
VAL HA   H  N N 389 
VAL HB   H  N N 390 
VAL HG11 H  N N 391 
VAL HG12 H  N N 392 
VAL HG13 H  N N 393 
VAL HG21 H  N N 394 
VAL HG22 H  N N 395 
VAL HG23 H  N N 396 
VAL HXT  H  N N 397 
# 
loop_
_chem_comp_bond.comp_id 
_chem_comp_bond.atom_id_1 
_chem_comp_bond.atom_id_2 
_chem_comp_bond.value_order 
_chem_comp_bond.pdbx_aromatic_flag 
_chem_comp_bond.pdbx_stereo_config 
_chem_comp_bond.pdbx_ordinal 
ALA N   CA   sing N N 1   
ALA N   H    sing N N 2   
ALA N   H2   sing N N 3   
ALA CA  C    sing N N 4   
ALA CA  CB   sing N N 5   
ALA CA  HA   sing N N 6   
ALA C   O    doub N N 7   
ALA C   OXT  sing N N 8   
ALA CB  HB1  sing N N 9   
ALA CB  HB2  sing N N 10  
ALA CB  HB3  sing N N 11  
ALA OXT HXT  sing N N 12  
ARG N   CA   sing N N 13  
ARG N   H    sing N N 14  
ARG N   H2   sing N N 15  
ARG CA  C    sing N N 16  
ARG CA  CB   sing N N 17  
ARG CA  HA   sing N N 18  
ARG C   O    doub N N 19  
ARG C   OXT  sing N N 20  
ARG CB  CG   sing N N 21  
ARG CB  HB2  sing N N 22  
ARG CB  HB3  sing N N 23  
ARG CG  CD   sing N N 24  
ARG CG  HG2  sing N N 25  
ARG CG  HG3  sing N N 26  
ARG CD  NE   sing N N 27  
ARG CD  HD2  sing N N 28  
ARG CD  HD3  sing N N 29  
ARG NE  CZ   sing N N 30  
ARG NE  HE   sing N N 31  
ARG CZ  NH1  sing N N 32  
ARG CZ  NH2  doub N N 33  
ARG NH1 HH11 sing N N 34  
ARG NH1 HH12 sing N N 35  
ARG NH2 HH21 sing N N 36  
ARG NH2 HH22 sing N N 37  
ARG OXT HXT  sing N N 38  
ASN N   CA   sing N N 39  
ASN N   H    sing N N 40  
ASN N   H2   sing N N 41  
ASN CA  C    sing N N 42  
ASN CA  CB   sing N N 43  
ASN CA  HA   sing N N 44  
ASN C   O    doub N N 45  
ASN C   OXT  sing N N 46  
ASN CB  CG   sing N N 47  
ASN CB  HB2  sing N N 48  
ASN CB  HB3  sing N N 49  
ASN CG  OD1  doub N N 50  
ASN CG  ND2  sing N N 51  
ASN ND2 HD21 sing N N 52  
ASN ND2 HD22 sing N N 53  
ASN OXT HXT  sing N N 54  
ASP N   CA   sing N N 55  
ASP N   H    sing N N 56  
ASP N   H2   sing N N 57  
ASP CA  C    sing N N 58  
ASP CA  CB   sing N N 59  
ASP CA  HA   sing N N 60  
ASP C   O    doub N N 61  
ASP C   OXT  sing N N 62  
ASP CB  CG   sing N N 63  
ASP CB  HB2  sing N N 64  
ASP CB  HB3  sing N N 65  
ASP CG  OD1  doub N N 66  
ASP CG  OD2  sing N N 67  
ASP OD2 HD2  sing N N 68  
ASP OXT HXT  sing N N 69  
GLN N   CA   sing N N 70  
GLN N   H    sing N N 71  
GLN N   H2   sing N N 72  
GLN CA  C    sing N N 73  
GLN CA  CB   sing N N 74  
GLN CA  HA   sing N N 75  
GLN C   O    doub N N 76  
GLN C   OXT  sing N N 77  
GLN CB  CG   sing N N 78  
GLN CB  HB2  sing N N 79  
GLN CB  HB3  sing N N 80  
GLN CG  CD   sing N N 81  
GLN CG  HG2  sing N N 82  
GLN CG  HG3  sing N N 83  
GLN CD  OE1  doub N N 84  
GLN CD  NE2  sing N N 85  
GLN NE2 HE21 sing N N 86  
GLN NE2 HE22 sing N N 87  
GLN OXT HXT  sing N N 88  
GLU N   CA   sing N N 89  
GLU N   H    sing N N 90  
GLU N   H2   sing N N 91  
GLU CA  C    sing N N 92  
GLU CA  CB   sing N N 93  
GLU CA  HA   sing N N 94  
GLU C   O    doub N N 95  
GLU C   OXT  sing N N 96  
GLU CB  CG   sing N N 97  
GLU CB  HB2  sing N N 98  
GLU CB  HB3  sing N N 99  
GLU CG  CD   sing N N 100 
GLU CG  HG2  sing N N 101 
GLU CG  HG3  sing N N 102 
GLU CD  OE1  doub N N 103 
GLU CD  OE2  sing N N 104 
GLU OE2 HE2  sing N N 105 
GLU OXT HXT  sing N N 106 
GLY N   CA   sing N N 107 
GLY N   H    sing N N 108 
GLY N   H2   sing N N 109 
GLY CA  C    sing N N 110 
GLY CA  HA2  sing N N 111 
GLY CA  HA3  sing N N 112 
GLY C   O    doub N N 113 
GLY C   OXT  sing N N 114 
GLY OXT HXT  sing N N 115 
HIS N   CA   sing N N 116 
HIS N   H    sing N N 117 
HIS N   H2   sing N N 118 
HIS CA  C    sing N N 119 
HIS CA  CB   sing N N 120 
HIS CA  HA   sing N N 121 
HIS C   O    doub N N 122 
HIS C   OXT  sing N N 123 
HIS CB  CG   sing N N 124 
HIS CB  HB2  sing N N 125 
HIS CB  HB3  sing N N 126 
HIS CG  ND1  sing Y N 127 
HIS CG  CD2  doub Y N 128 
HIS ND1 CE1  doub Y N 129 
HIS ND1 HD1  sing N N 130 
HIS CD2 NE2  sing Y N 131 
HIS CD2 HD2  sing N N 132 
HIS CE1 NE2  sing Y N 133 
HIS CE1 HE1  sing N N 134 
HIS NE2 HE2  sing N N 135 
HIS OXT HXT  sing N N 136 
HOH O   H1   sing N N 137 
HOH O   H2   sing N N 138 
ILE N   CA   sing N N 139 
ILE N   H    sing N N 140 
ILE N   H2   sing N N 141 
ILE CA  C    sing N N 142 
ILE CA  CB   sing N N 143 
ILE CA  HA   sing N N 144 
ILE C   O    doub N N 145 
ILE C   OXT  sing N N 146 
ILE CB  CG1  sing N N 147 
ILE CB  CG2  sing N N 148 
ILE CB  HB   sing N N 149 
ILE CG1 CD1  sing N N 150 
ILE CG1 HG12 sing N N 151 
ILE CG1 HG13 sing N N 152 
ILE CG2 HG21 sing N N 153 
ILE CG2 HG22 sing N N 154 
ILE CG2 HG23 sing N N 155 
ILE CD1 HD11 sing N N 156 
ILE CD1 HD12 sing N N 157 
ILE CD1 HD13 sing N N 158 
ILE OXT HXT  sing N N 159 
LEU N   CA   sing N N 160 
LEU N   H    sing N N 161 
LEU N   H2   sing N N 162 
LEU CA  C    sing N N 163 
LEU CA  CB   sing N N 164 
LEU CA  HA   sing N N 165 
LEU C   O    doub N N 166 
LEU C   OXT  sing N N 167 
LEU CB  CG   sing N N 168 
LEU CB  HB2  sing N N 169 
LEU CB  HB3  sing N N 170 
LEU CG  CD1  sing N N 171 
LEU CG  CD2  sing N N 172 
LEU CG  HG   sing N N 173 
LEU CD1 HD11 sing N N 174 
LEU CD1 HD12 sing N N 175 
LEU CD1 HD13 sing N N 176 
LEU CD2 HD21 sing N N 177 
LEU CD2 HD22 sing N N 178 
LEU CD2 HD23 sing N N 179 
LEU OXT HXT  sing N N 180 
LYS N   CA   sing N N 181 
LYS N   H    sing N N 182 
LYS N   H2   sing N N 183 
LYS CA  C    sing N N 184 
LYS CA  CB   sing N N 185 
LYS CA  HA   sing N N 186 
LYS C   O    doub N N 187 
LYS C   OXT  sing N N 188 
LYS CB  CG   sing N N 189 
LYS CB  HB2  sing N N 190 
LYS CB  HB3  sing N N 191 
LYS CG  CD   sing N N 192 
LYS CG  HG2  sing N N 193 
LYS CG  HG3  sing N N 194 
LYS CD  CE   sing N N 195 
LYS CD  HD2  sing N N 196 
LYS CD  HD3  sing N N 197 
LYS CE  NZ   sing N N 198 
LYS CE  HE2  sing N N 199 
LYS CE  HE3  sing N N 200 
LYS NZ  HZ1  sing N N 201 
LYS NZ  HZ2  sing N N 202 
LYS NZ  HZ3  sing N N 203 
LYS OXT HXT  sing N N 204 
MET N   CA   sing N N 205 
MET N   H    sing N N 206 
MET N   H2   sing N N 207 
MET CA  C    sing N N 208 
MET CA  CB   sing N N 209 
MET CA  HA   sing N N 210 
MET C   O    doub N N 211 
MET C   OXT  sing N N 212 
MET CB  CG   sing N N 213 
MET CB  HB2  sing N N 214 
MET CB  HB3  sing N N 215 
MET CG  SD   sing N N 216 
MET CG  HG2  sing N N 217 
MET CG  HG3  sing N N 218 
MET SD  CE   sing N N 219 
MET CE  HE1  sing N N 220 
MET CE  HE2  sing N N 221 
MET CE  HE3  sing N N 222 
MET OXT HXT  sing N N 223 
MSE N   CA   sing N N 224 
MSE N   H    sing N N 225 
MSE N   H2   sing N N 226 
MSE CA  C    sing N N 227 
MSE CA  CB   sing N N 228 
MSE CA  HA   sing N N 229 
MSE C   O    doub N N 230 
MSE C   OXT  sing N N 231 
MSE OXT HXT  sing N N 232 
MSE CB  CG   sing N N 233 
MSE CB  HB2  sing N N 234 
MSE CB  HB3  sing N N 235 
MSE CG  SE   sing N N 236 
MSE CG  HG2  sing N N 237 
MSE CG  HG3  sing N N 238 
MSE SE  CE   sing N N 239 
MSE CE  HE1  sing N N 240 
MSE CE  HE2  sing N N 241 
MSE CE  HE3  sing N N 242 
PHE N   CA   sing N N 243 
PHE N   H    sing N N 244 
PHE N   H2   sing N N 245 
PHE CA  C    sing N N 246 
PHE CA  CB   sing N N 247 
PHE CA  HA   sing N N 248 
PHE C   O    doub N N 249 
PHE C   OXT  sing N N 250 
PHE CB  CG   sing N N 251 
PHE CB  HB2  sing N N 252 
PHE CB  HB3  sing N N 253 
PHE CG  CD1  doub Y N 254 
PHE CG  CD2  sing Y N 255 
PHE CD1 CE1  sing Y N 256 
PHE CD1 HD1  sing N N 257 
PHE CD2 CE2  doub Y N 258 
PHE CD2 HD2  sing N N 259 
PHE CE1 CZ   doub Y N 260 
PHE CE1 HE1  sing N N 261 
PHE CE2 CZ   sing Y N 262 
PHE CE2 HE2  sing N N 263 
PHE CZ  HZ   sing N N 264 
PHE OXT HXT  sing N N 265 
PRO N   CA   sing N N 266 
PRO N   CD   sing N N 267 
PRO N   H    sing N N 268 
PRO CA  C    sing N N 269 
PRO CA  CB   sing N N 270 
PRO CA  HA   sing N N 271 
PRO C   O    doub N N 272 
PRO C   OXT  sing N N 273 
PRO CB  CG   sing N N 274 
PRO CB  HB2  sing N N 275 
PRO CB  HB3  sing N N 276 
PRO CG  CD   sing N N 277 
PRO CG  HG2  sing N N 278 
PRO CG  HG3  sing N N 279 
PRO CD  HD2  sing N N 280 
PRO CD  HD3  sing N N 281 
PRO OXT HXT  sing N N 282 
SER N   CA   sing N N 283 
SER N   H    sing N N 284 
SER N   H2   sing N N 285 
SER CA  C    sing N N 286 
SER CA  CB   sing N N 287 
SER CA  HA   sing N N 288 
SER C   O    doub N N 289 
SER C   OXT  sing N N 290 
SER CB  OG   sing N N 291 
SER CB  HB2  sing N N 292 
SER CB  HB3  sing N N 293 
SER OG  HG   sing N N 294 
SER OXT HXT  sing N N 295 
THR N   CA   sing N N 296 
THR N   H    sing N N 297 
THR N   H2   sing N N 298 
THR CA  C    sing N N 299 
THR CA  CB   sing N N 300 
THR CA  HA   sing N N 301 
THR C   O    doub N N 302 
THR C   OXT  sing N N 303 
THR CB  OG1  sing N N 304 
THR CB  CG2  sing N N 305 
THR CB  HB   sing N N 306 
THR OG1 HG1  sing N N 307 
THR CG2 HG21 sing N N 308 
THR CG2 HG22 sing N N 309 
THR CG2 HG23 sing N N 310 
THR OXT HXT  sing N N 311 
TRP N   CA   sing N N 312 
TRP N   H    sing N N 313 
TRP N   H2   sing N N 314 
TRP CA  C    sing N N 315 
TRP CA  CB   sing N N 316 
TRP CA  HA   sing N N 317 
TRP C   O    doub N N 318 
TRP C   OXT  sing N N 319 
TRP CB  CG   sing N N 320 
TRP CB  HB2  sing N N 321 
TRP CB  HB3  sing N N 322 
TRP CG  CD1  doub Y N 323 
TRP CG  CD2  sing Y N 324 
TRP CD1 NE1  sing Y N 325 
TRP CD1 HD1  sing N N 326 
TRP CD2 CE2  doub Y N 327 
TRP CD2 CE3  sing Y N 328 
TRP NE1 CE2  sing Y N 329 
TRP NE1 HE1  sing N N 330 
TRP CE2 CZ2  sing Y N 331 
TRP CE3 CZ3  doub Y N 332 
TRP CE3 HE3  sing N N 333 
TRP CZ2 CH2  doub Y N 334 
TRP CZ2 HZ2  sing N N 335 
TRP CZ3 CH2  sing Y N 336 
TRP CZ3 HZ3  sing N N 337 
TRP CH2 HH2  sing N N 338 
TRP OXT HXT  sing N N 339 
TYR N   CA   sing N N 340 
TYR N   H    sing N N 341 
TYR N   H2   sing N N 342 
TYR CA  C    sing N N 343 
TYR CA  CB   sing N N 344 
TYR CA  HA   sing N N 345 
TYR C   O    doub N N 346 
TYR C   OXT  sing N N 347 
TYR CB  CG   sing N N 348 
TYR CB  HB2  sing N N 349 
TYR CB  HB3  sing N N 350 
TYR CG  CD1  doub Y N 351 
TYR CG  CD2  sing Y N 352 
TYR CD1 CE1  sing Y N 353 
TYR CD1 HD1  sing N N 354 
TYR CD2 CE2  doub Y N 355 
TYR CD2 HD2  sing N N 356 
TYR CE1 CZ   doub Y N 357 
TYR CE1 HE1  sing N N 358 
TYR CE2 CZ   sing Y N 359 
TYR CE2 HE2  sing N N 360 
TYR CZ  OH   sing N N 361 
TYR OH  HH   sing N N 362 
TYR OXT HXT  sing N N 363 
VAL N   CA   sing N N 364 
VAL N   H    sing N N 365 
VAL N   H2   sing N N 366 
VAL CA  C    sing N N 367 
VAL CA  CB   sing N N 368 
VAL CA  HA   sing N N 369 
VAL C   O    doub N N 370 
VAL C   OXT  sing N N 371 
VAL CB  CG1  sing N N 372 
VAL CB  CG2  sing N N 373 
VAL CB  HB   sing N N 374 
VAL CG1 HG11 sing N N 375 
VAL CG1 HG12 sing N N 376 
VAL CG1 HG13 sing N N 377 
VAL CG2 HG21 sing N N 378 
VAL CG2 HG22 sing N N 379 
VAL CG2 HG23 sing N N 380 
VAL OXT HXT  sing N N 381 
# 
_atom_sites.entry_id                    2QGG 
_atom_sites.fract_transf_matrix[1][1]   0.01981636 
_atom_sites.fract_transf_matrix[1][2]   -0.00578668 
_atom_sites.fract_transf_matrix[1][3]   0.00882319 
_atom_sites.fract_transf_matrix[2][1]   -0.01124359 
_atom_sites.fract_transf_matrix[2][2]   -0.02131300 
_atom_sites.fract_transf_matrix[2][3]   0.01127434 
_atom_sites.fract_transf_matrix[3][1]   0.00458932 
_atom_sites.fract_transf_matrix[3][2]   -0.00827839 
_atom_sites.fract_transf_matrix[3][3]   -0.01107266 
_atom_sites.fract_transf_vector[1]      0.219720 
_atom_sites.fract_transf_vector[2]      0.006764 
_atom_sites.fract_transf_vector[3]      0.264853 
# 
loop_
_atom_type.symbol 
C  
K  
N  
O  
SE 
# 
loop_
_atom_site.group_PDB 
_atom_site.id 
_atom_site.type_symbol 
_atom_site.label_atom_id 
_atom_site.label_alt_id 
_atom_site.label_comp_id 
_atom_site.label_asym_id 
_atom_site.label_entity_id 
_atom_site.label_seq_id 
_atom_site.pdbx_PDB_ins_code 
_atom_site.Cartn_x 
_atom_site.Cartn_y 
_atom_site.Cartn_z 
_atom_site.occupancy 
_atom_site.B_iso_or_equiv 
_atom_site.pdbx_formal_charge 
_atom_site.auth_seq_id 
_atom_site.auth_comp_id 
_atom_site.auth_asym_id 
_atom_site.auth_atom_id 
_atom_site.pdbx_PDB_model_num 
ATOM   1    N  N   . ASN A 1 6   ? 4.896   12.257  17.502  1.00 66.02 ? 6   ASN A N   1 
ATOM   2    C  CA  . ASN A 1 6   ? 4.121   11.210  18.234  1.00 64.09 ? 6   ASN A CA  1 
ATOM   3    C  C   . ASN A 1 6   ? 2.605   11.393  18.135  1.00 61.41 ? 6   ASN A C   1 
ATOM   4    O  O   . ASN A 1 6   ? 2.108   12.163  17.309  1.00 61.51 ? 6   ASN A O   1 
ATOM   5    C  CB  . ASN A 1 6   ? 4.546   11.165  19.712  1.00 66.09 ? 6   ASN A CB  1 
ATOM   6    C  CG  . ASN A 1 6   ? 4.968   12.523  20.247  1.00 67.12 ? 6   ASN A CG  1 
ATOM   7    O  OD1 . ASN A 1 6   ? 6.061   13.010  19.949  1.00 66.97 ? 6   ASN A OD1 1 
ATOM   8    N  ND2 . ASN A 1 6   ? 4.099   13.144  21.037  1.00 68.63 ? 6   ASN A ND2 1 
ATOM   9    N  N   . VAL A 1 7   ? 1.886   10.670  18.988  1.00 57.36 ? 7   VAL A N   1 
ATOM   10   C  CA  . VAL A 1 7   ? 0.426   10.686  19.030  1.00 52.62 ? 7   VAL A CA  1 
ATOM   11   C  C   . VAL A 1 7   ? -0.163  12.089  19.120  1.00 48.30 ? 7   VAL A C   1 
ATOM   12   O  O   . VAL A 1 7   ? 0.026   12.784  20.117  1.00 48.02 ? 7   VAL A O   1 
ATOM   13   C  CB  . VAL A 1 7   ? -0.084  9.873   20.233  1.00 52.80 ? 7   VAL A CB  1 
ATOM   14   C  CG1 . VAL A 1 7   ? -1.534  9.488   20.019  1.00 54.00 ? 7   VAL A CG1 1 
ATOM   15   C  CG2 . VAL A 1 7   ? 0.776   8.642   20.425  1.00 53.93 ? 7   VAL A CG2 1 
ATOM   16   N  N   . PRO A 1 8   ? -0.900  12.518  18.082  1.00 43.98 ? 8   PRO A N   1 
ATOM   17   C  CA  . PRO A 1 8   ? -1.495  13.854  18.102  1.00 41.76 ? 8   PRO A CA  1 
ATOM   18   C  C   . PRO A 1 8   ? -2.572  14.000  19.176  1.00 40.57 ? 8   PRO A C   1 
ATOM   19   O  O   . PRO A 1 8   ? -3.324  13.060  19.445  1.00 38.39 ? 8   PRO A O   1 
ATOM   20   C  CB  . PRO A 1 8   ? -2.039  14.006  16.685  1.00 41.32 ? 8   PRO A CB  1 
ATOM   21   C  CG  . PRO A 1 8   ? -2.408  12.610  16.317  1.00 41.91 ? 8   PRO A CG  1 
ATOM   22   C  CD  . PRO A 1 8   ? -1.238  11.810  16.836  1.00 42.94 ? 8   PRO A CD  1 
ATOM   23   N  N   . GLU A 1 9   ? -2.628  15.181  19.794  1.00 40.23 ? 9   GLU A N   1 
ATOM   24   C  CA  . GLU A 1 9   ? -3.606  15.470  20.840  1.00 39.77 ? 9   GLU A CA  1 
ATOM   25   C  C   . GLU A 1 9   ? -5.020  15.359  20.280  1.00 37.96 ? 9   GLU A C   1 
ATOM   26   O  O   . GLU A 1 9   ? -5.881  14.693  20.858  1.00 37.98 ? 9   GLU A O   1 
ATOM   27   C  CB  . GLU A 1 9   ? -3.396  16.882  21.392  1.00 43.22 ? 9   GLU A CB  1 
ATOM   28   C  CG  . GLU A 1 9   ? -2.903  16.968  22.835  1.00 48.23 ? 9   GLU A CG  1 
ATOM   29   C  CD  . GLU A 1 9   ? -1.382  17.035  22.948  1.00 51.23 ? 9   GLU A CD  1 
ATOM   30   O  OE1 . GLU A 1 9   ? -0.762  17.787  22.163  1.00 52.28 ? 9   GLU A OE1 1 
ATOM   31   O  OE2 . GLU A 1 9   ? -0.811  16.355  23.831  1.00 51.94 ? 9   GLU A OE2 1 
ATOM   32   N  N   . ASP A 1 10  ? -5.258  16.035  19.161  1.00 35.23 ? 10  ASP A N   1 
ATOM   33   C  CA  . ASP A 1 10  ? -6.556  16.013  18.498  1.00 32.83 ? 10  ASP A CA  1 
ATOM   34   C  C   . ASP A 1 10  ? -6.445  15.021  17.351  1.00 30.46 ? 10  ASP A C   1 
ATOM   35   O  O   . ASP A 1 10  ? -5.592  15.163  16.479  1.00 27.47 ? 10  ASP A O   1 
ATOM   36   C  CB  . ASP A 1 10  ? -6.912  17.398  17.947  1.00 35.59 ? 10  ASP A CB  1 
ATOM   37   C  CG  . ASP A 1 10  ? -7.216  18.410  19.037  1.00 39.45 ? 10  ASP A CG  1 
ATOM   38   O  OD1 . ASP A 1 10  ? -8.180  18.195  19.807  1.00 40.57 ? 10  ASP A OD1 1 
ATOM   39   O  OD2 . ASP A 1 10  ? -6.492  19.429  19.119  1.00 42.79 ? 10  ASP A OD2 1 
ATOM   40   N  N   . ARG A 1 11  ? -7.313  14.016  17.353  1.00 28.95 ? 11  ARG A N   1 
ATOM   41   C  CA  . ARG A 1 11  ? -7.272  13.002  16.314  1.00 26.30 ? 11  ARG A CA  1 
ATOM   42   C  C   . ARG A 1 11  ? -8.646  12.431  15.989  1.00 25.94 ? 11  ARG A C   1 
ATOM   43   O  O   . ARG A 1 11  ? -9.597  12.599  16.752  1.00 26.09 ? 11  ARG A O   1 
ATOM   44   C  CB  . ARG A 1 11  ? -6.334  11.884  16.747  1.00 24.85 ? 11  ARG A CB  1 
ATOM   45   C  CG  . ARG A 1 11  ? -6.526  11.477  18.187  1.00 25.41 ? 11  ARG A CG  1 
ATOM   46   C  CD  . ARG A 1 11  ? -5.726  10.244  18.511  1.00 24.32 ? 11  ARG A CD  1 
ATOM   47   N  NE  . ARG A 1 11  ? -6.042  9.730   19.838  1.00 25.62 ? 11  ARG A NE  1 
ATOM   48   C  CZ  . ARG A 1 11  ? -5.539  10.214  20.967  1.00 26.73 ? 11  ARG A CZ  1 
ATOM   49   N  NH1 . ARG A 1 11  ? -4.693  11.233  20.932  1.00 27.27 ? 11  ARG A NH1 1 
ATOM   50   N  NH2 . ARG A 1 11  ? -5.875  9.669   22.129  1.00 26.63 ? 11  ARG A NH2 1 
ATOM   51   N  N   . ILE A 1 12  ? -8.731  11.749  14.849  1.00 23.60 ? 12  ILE A N   1 
ATOM   52   C  CA  . ILE A 1 12  ? -9.968  11.137  14.390  1.00 21.60 ? 12  ILE A CA  1 
ATOM   53   C  C   . ILE A 1 12  ? -9.742  9.650   14.154  1.00 21.92 ? 12  ILE A C   1 
ATOM   54   O  O   . ILE A 1 12  ? -8.716  9.258   13.605  1.00 22.60 ? 12  ILE A O   1 
ATOM   55   C  CB  . ILE A 1 12  ? -10.421 11.770  13.068  1.00 22.03 ? 12  ILE A CB  1 
ATOM   56   C  CG1 . ILE A 1 12  ? -10.546 13.282  13.238  1.00 23.46 ? 12  ILE A CG1 1 
ATOM   57   C  CG2 . ILE A 1 12  ? -11.755 11.180  12.639  1.00 23.72 ? 12  ILE A CG2 1 
ATOM   58   C  CD1 . ILE A 1 12  ? -10.691 14.037  11.938  1.00 22.85 ? 12  ILE A CD1 1 
ATOM   59   N  N   . GLN A 1 13  ? -10.685 8.808   14.563  1.00 20.39 ? 13  GLN A N   1 
ATOM   60   C  CA  . GLN A 1 13  ? -10.506 7.386   14.339  1.00 18.13 ? 13  GLN A CA  1 
ATOM   61   C  C   . GLN A 1 13  ? -11.021 7.064   12.940  1.00 18.20 ? 13  GLN A C   1 
ATOM   62   O  O   . GLN A 1 13  ? -12.207 7.244   12.667  1.00 16.98 ? 13  GLN A O   1 
ATOM   63   C  CB  . GLN A 1 13  ? -11.264 6.564   15.385  1.00 19.08 ? 13  GLN A CB  1 
ATOM   64   C  CG  . GLN A 1 13  ? -10.854 5.097   15.373  1.00 20.69 ? 13  GLN A CG  1 
ATOM   65   C  CD  . GLN A 1 13  ? -11.639 4.241   16.335  1.00 21.09 ? 13  GLN A CD  1 
ATOM   66   O  OE1 . GLN A 1 13  ? -12.094 4.713   17.371  1.00 22.31 ? 13  GLN A OE1 1 
ATOM   67   N  NE2 . GLN A 1 13  ? -11.786 2.963   16.005  1.00 21.20 ? 13  GLN A NE2 1 
ATOM   68   N  N   . ILE A 1 14  ? -10.135 6.600   12.055  1.00 14.68 ? 14  ILE A N   1 
ATOM   69   C  CA  . ILE A 1 14  ? -10.542 6.286   10.692  1.00 14.15 ? 14  ILE A CA  1 
ATOM   70   C  C   . ILE A 1 14  ? -10.709 4.801   10.417  1.00 15.04 ? 14  ILE A C   1 
ATOM   71   O  O   . ILE A 1 14  ? -11.000 4.423   9.291   1.00 16.04 ? 14  ILE A O   1 
ATOM   72   C  CB  . ILE A 1 14  ? -9.555  6.816   9.638   1.00 14.48 ? 14  ILE A CB  1 
ATOM   73   C  CG1 . ILE A 1 14  ? -8.232  6.059   9.735   1.00 14.87 ? 14  ILE A CG1 1 
ATOM   74   C  CG2 . ILE A 1 14  ? -9.357  8.304   9.804   1.00 14.02 ? 14  ILE A CG2 1 
ATOM   75   C  CD1 . ILE A 1 14  ? -7.352  6.241   8.517   1.00 18.33 ? 14  ILE A CD1 1 
ATOM   76   N  N   . GLY A 1 15  ? -10.524 3.963   11.432  1.00 15.50 ? 15  GLY A N   1 
ATOM   77   C  CA  . GLY A 1 15  ? -10.678 2.532   11.229  1.00 15.20 ? 15  GLY A CA  1 
ATOM   78   C  C   . GLY A 1 15  ? -10.227 1.666   12.390  1.00 14.56 ? 15  GLY A C   1 
ATOM   79   O  O   . GLY A 1 15  ? -9.963  2.161   13.484  1.00 12.67 ? 15  GLY A O   1 
ATOM   80   N  N   . GLN A 1 16  ? -10.139 0.364   12.144  1.00 15.44 ? 16  GLN A N   1 
ATOM   81   C  CA  . GLN A 1 16  ? -9.722  -0.588  13.174  1.00 15.96 ? 16  GLN A CA  1 
ATOM   82   C  C   . GLN A 1 16  ? -9.157  -1.843  12.538  1.00 16.86 ? 16  GLN A C   1 
ATOM   83   O  O   . GLN A 1 16  ? -9.760  -2.421  11.631  1.00 16.13 ? 16  GLN A O   1 
ATOM   84   C  CB  . GLN A 1 16  ? -10.905 -0.992  14.070  1.00 13.96 ? 16  GLN A CB  1 
ATOM   85   C  CG  . GLN A 1 16  ? -10.489 -1.796  15.299  1.00 16.85 ? 16  GLN A CG  1 
ATOM   86   C  CD  . GLN A 1 16  ? -11.647 -2.524  15.979  1.00 21.31 ? 16  GLN A CD  1 
ATOM   87   O  OE1 . GLN A 1 16  ? -11.536 -2.940  17.131  1.00 23.75 ? 16  GLN A OE1 1 
ATOM   88   N  NE2 . GLN A 1 16  ? -12.754 -2.697  15.261  1.00 21.79 ? 16  GLN A NE2 1 
ATOM   89   N  N   . LEU A 1 17  ? -7.997  -2.270  13.012  1.00 17.51 ? 17  LEU A N   1 
ATOM   90   C  CA  . LEU A 1 17  ? -7.389  -3.480  12.484  1.00 18.29 ? 17  LEU A CA  1 
ATOM   91   C  C   . LEU A 1 17  ? -8.160  -4.646  13.069  1.00 19.48 ? 17  LEU A C   1 
ATOM   92   O  O   . LEU A 1 17  ? -8.328  -4.721  14.277  1.00 22.72 ? 17  LEU A O   1 
ATOM   93   C  CB  . LEU A 1 17  ? -5.939  -3.556  12.925  1.00 17.57 ? 17  LEU A CB  1 
ATOM   94   C  CG  . LEU A 1 17  ? -5.118  -2.378  12.423  1.00 14.35 ? 17  LEU A CG  1 
ATOM   95   C  CD1 . LEU A 1 17  ? -3.777  -2.334  13.133  1.00 11.01 ? 17  LEU A CD1 1 
ATOM   96   C  CD2 . LEU A 1 17  ? -4.957  -2.518  10.925  1.00 14.49 ? 17  LEU A CD2 1 
ATOM   97   N  N   . ARG A 1 18  ? -8.636  -5.549  12.224  1.00 21.05 ? 18  ARG A N   1 
ATOM   98   C  CA  . ARG A 1 18  ? -9.388  -6.700  12.717  1.00 22.66 ? 18  ARG A CA  1 
ATOM   99   C  C   . ARG A 1 18  ? -8.519  -7.961  12.802  1.00 22.43 ? 18  ARG A C   1 
ATOM   100  O  O   . ARG A 1 18  ? -7.356  -7.883  13.190  1.00 22.87 ? 18  ARG A O   1 
ATOM   101  C  CB  . ARG A 1 18  ? -10.615 -6.940  11.831  1.00 24.15 ? 18  ARG A CB  1 
ATOM   102  C  CG  . ARG A 1 18  ? -11.695 -5.858  11.973  1.00 29.13 ? 18  ARG A CG  1 
ATOM   103  C  CD  . ARG A 1 18  ? -12.480 -6.027  13.260  1.00 31.25 ? 18  ARG A CD  1 
ATOM   104  N  NE  . ARG A 1 18  ? -13.284 -4.852  13.586  1.00 36.81 ? 18  ARG A NE  1 
ATOM   105  C  CZ  . ARG A 1 18  ? -14.381 -4.468  12.935  1.00 38.64 ? 18  ARG A CZ  1 
ATOM   106  N  NH1 . ARG A 1 18  ? -14.830 -5.166  11.899  1.00 39.22 ? 18  ARG A NH1 1 
ATOM   107  N  NH2 . ARG A 1 18  ? -15.036 -3.380  13.331  1.00 37.31 ? 18  ARG A NH2 1 
ATOM   108  N  N   . SER A 1 19  ? -9.081  -9.112  12.433  1.00 21.94 ? 19  SER A N   1 
ATOM   109  C  CA  . SER A 1 19  ? -8.365  -10.392 12.479  1.00 21.33 ? 19  SER A CA  1 
ATOM   110  C  C   . SER A 1 19  ? -7.130  -10.491 11.586  1.00 20.60 ? 19  SER A C   1 
ATOM   111  O  O   . SER A 1 19  ? -7.016  -9.816  10.564  1.00 20.04 ? 19  SER A O   1 
ATOM   112  C  CB  . SER A 1 19  ? -9.312  -11.536 12.111  1.00 23.79 ? 19  SER A CB  1 
ATOM   113  O  OG  . SER A 1 19  ? -10.339 -11.708 13.077  1.00 28.13 ? 19  SER A OG  1 
ATOM   114  N  N   . ALA A 1 20  ? -6.206  -11.357 11.980  1.00 19.32 ? 20  ALA A N   1 
ATOM   115  C  CA  . ALA A 1 20  ? -4.994  -11.580 11.210  1.00 18.73 ? 20  ALA A CA  1 
ATOM   116  C  C   . ALA A 1 20  ? -5.391  -12.273 9.908   1.00 16.31 ? 20  ALA A C   1 
ATOM   117  O  O   . ALA A 1 20  ? -6.292  -13.112 9.898   1.00 14.22 ? 20  ALA A O   1 
ATOM   118  C  CB  . ALA A 1 20  ? -4.022  -12.453 12.003  1.00 16.90 ? 20  ALA A CB  1 
ATOM   119  N  N   . TYR A 1 21  ? -4.724  -11.922 8.814   1.00 16.50 ? 21  TYR A N   1 
ATOM   120  C  CA  . TYR A 1 21  ? -5.028  -12.510 7.513   1.00 16.71 ? 21  TYR A CA  1 
ATOM   121  C  C   . TYR A 1 21  ? -3.814  -13.164 6.890   1.00 18.48 ? 21  TYR A C   1 
ATOM   122  O  O   . TYR A 1 21  ? -2.845  -12.486 6.544   1.00 19.46 ? 21  TYR A O   1 
ATOM   123  C  CB  . TYR A 1 21  ? -5.543  -11.446 6.549   1.00 16.18 ? 21  TYR A CB  1 
ATOM   124  C  CG  . TYR A 1 21  ? -5.875  -11.995 5.181   1.00 14.15 ? 21  TYR A CG  1 
ATOM   125  C  CD1 . TYR A 1 21  ? -7.033  -12.745 4.977   1.00 15.60 ? 21  TYR A CD1 1 
ATOM   126  C  CD2 . TYR A 1 21  ? -5.027  -11.787 4.096   1.00 14.13 ? 21  TYR A CD2 1 
ATOM   127  C  CE1 . TYR A 1 21  ? -7.343  -13.278 3.730   1.00 14.09 ? 21  TYR A CE1 1 
ATOM   128  C  CE2 . TYR A 1 21  ? -5.325  -12.320 2.838   1.00 14.80 ? 21  TYR A CE2 1 
ATOM   129  C  CZ  . TYR A 1 21  ? -6.486  -13.066 2.666   1.00 16.03 ? 21  TYR A CZ  1 
ATOM   130  O  OH  . TYR A 1 21  ? -6.788  -13.619 1.444   1.00 18.57 ? 21  TYR A OH  1 
ATOM   131  N  N   . GLY A 1 22  ? -3.871  -14.479 6.728   1.00 19.52 ? 22  GLY A N   1 
ATOM   132  C  CA  . GLY A 1 22  ? -2.754  -15.180 6.128   1.00 20.96 ? 22  GLY A CA  1 
ATOM   133  C  C   . GLY A 1 22  ? -1.592  -15.382 7.086   1.00 22.58 ? 22  GLY A C   1 
ATOM   134  O  O   . GLY A 1 22  ? -1.740  -15.220 8.298   1.00 22.64 ? 22  GLY A O   1 
ATOM   135  N  N   . LEU A 1 23  ? -0.430  -15.718 6.532   1.00 22.18 ? 23  LEU A N   1 
ATOM   136  C  CA  . LEU A 1 23  ? 0.754   -15.980 7.327   1.00 24.09 ? 23  LEU A CA  1 
ATOM   137  C  C   . LEU A 1 23  ? 1.861   -14.956 7.081   1.00 25.68 ? 23  LEU A C   1 
ATOM   138  O  O   . LEU A 1 23  ? 2.940   -15.044 7.684   1.00 27.35 ? 23  LEU A O   1 
ATOM   139  C  CB  . LEU A 1 23  ? 1.258   -17.391 7.020   1.00 22.85 ? 23  LEU A CB  1 
ATOM   140  C  CG  . LEU A 1 23  ? 0.163   -18.470 7.105   1.00 26.51 ? 23  LEU A CG  1 
ATOM   141  C  CD1 . LEU A 1 23  ? 0.621   -19.767 6.449   1.00 23.77 ? 23  LEU A CD1 1 
ATOM   142  C  CD2 . LEU A 1 23  ? -0.201  -18.714 8.560   1.00 24.28 ? 23  LEU A CD2 1 
ATOM   143  N  N   . ASN A 1 24  ? 1.592   -13.982 6.210   1.00 24.61 ? 24  ASN A N   1 
ATOM   144  C  CA  . ASN A 1 24  ? 2.589   -12.959 5.893   1.00 23.37 ? 24  ASN A CA  1 
ATOM   145  C  C   . ASN A 1 24  ? 2.389   -11.622 6.604   1.00 22.40 ? 24  ASN A C   1 
ATOM   146  O  O   . ASN A 1 24  ? 2.841   -10.581 6.121   1.00 22.01 ? 24  ASN A O   1 
ATOM   147  C  CB  . ASN A 1 24  ? 2.647   -12.718 4.382   1.00 26.03 ? 24  ASN A CB  1 
ATOM   148  C  CG  . ASN A 1 24  ? 3.072   -13.953 3.610   1.00 27.20 ? 24  ASN A CG  1 
ATOM   149  O  OD1 . ASN A 1 24  ? 4.080   -14.580 3.930   1.00 28.61 ? 24  ASN A OD1 1 
ATOM   150  N  ND2 . ASN A 1 24  ? 2.306   -14.306 2.585   1.00 27.74 ? 24  ASN A ND2 1 
ATOM   151  N  N   . GLY A 1 25  ? 1.710   -11.642 7.747   1.00 19.55 ? 25  GLY A N   1 
ATOM   152  C  CA  . GLY A 1 25  ? 1.515   -10.413 8.490   1.00 16.80 ? 25  GLY A CA  1 
ATOM   153  C  C   . GLY A 1 25  ? 0.379   -9.496  8.089   1.00 15.73 ? 25  GLY A C   1 
ATOM   154  O  O   . GLY A 1 25  ? 0.213   -8.438  8.691   1.00 18.77 ? 25  GLY A O   1 
ATOM   155  N  N   . TRP A 1 26  ? -0.402  -9.867  7.084   1.00 14.38 ? 26  TRP A N   1 
ATOM   156  C  CA  . TRP A 1 26  ? -1.530  -9.036  6.669   1.00 14.89 ? 26  TRP A CA  1 
ATOM   157  C  C   . TRP A 1 26  ? -2.601  -9.047  7.760   1.00 16.33 ? 26  TRP A C   1 
ATOM   158  O  O   . TRP A 1 26  ? -2.564  -9.887  8.659   1.00 18.16 ? 26  TRP A O   1 
ATOM   159  C  CB  . TRP A 1 26  ? -2.140  -9.565  5.373   1.00 14.71 ? 26  TRP A CB  1 
ATOM   160  C  CG  . TRP A 1 26  ? -1.289  -9.343  4.152   1.00 18.82 ? 26  TRP A CG  1 
ATOM   161  C  CD1 . TRP A 1 26  ? 0.007   -9.744  3.958   1.00 17.34 ? 26  TRP A CD1 1 
ATOM   162  C  CD2 . TRP A 1 26  ? -1.689  -8.689  2.938   1.00 18.45 ? 26  TRP A CD2 1 
ATOM   163  N  NE1 . TRP A 1 26  ? 0.433   -9.381  2.704   1.00 16.40 ? 26  TRP A NE1 1 
ATOM   164  C  CE2 . TRP A 1 26  ? -0.586  -8.736  2.054   1.00 16.48 ? 26  TRP A CE2 1 
ATOM   165  C  CE3 . TRP A 1 26  ? -2.875  -8.070  2.512   1.00 17.62 ? 26  TRP A CE3 1 
ATOM   166  C  CZ2 . TRP A 1 26  ? -0.631  -8.191  0.770   1.00 16.42 ? 26  TRP A CZ2 1 
ATOM   167  C  CZ3 . TRP A 1 26  ? -2.918  -7.526  1.229   1.00 19.03 ? 26  TRP A CZ3 1 
ATOM   168  C  CH2 . TRP A 1 26  ? -1.800  -7.591  0.376   1.00 16.63 ? 26  TRP A CH2 1 
ATOM   169  N  N   . LEU A 1 27  ? -3.556  -8.122  7.675   1.00 15.76 ? 27  LEU A N   1 
ATOM   170  C  CA  . LEU A 1 27  ? -4.655  -8.033  8.645   1.00 14.21 ? 27  LEU A CA  1 
ATOM   171  C  C   . LEU A 1 27  ? -5.936  -7.533  7.983   1.00 14.78 ? 27  LEU A C   1 
ATOM   172  O  O   . LEU A 1 27  ? -5.894  -6.743  7.042   1.00 15.62 ? 27  LEU A O   1 
ATOM   173  C  CB  . LEU A 1 27  ? -4.307  -7.059  9.780   1.00 12.38 ? 27  LEU A CB  1 
ATOM   174  C  CG  . LEU A 1 27  ? -3.390  -7.450  10.943  1.00 12.32 ? 27  LEU A CG  1 
ATOM   175  C  CD1 . LEU A 1 27  ? -2.431  -6.318  11.228  1.00 11.86 ? 27  LEU A CD1 1 
ATOM   176  C  CD2 . LEU A 1 27  ? -4.215  -7.766  12.190  1.00 9.67  ? 27  LEU A CD2 1 
ATOM   177  N  N   . TRP A 1 28  ? -7.079  -8.009  8.459   1.00 14.55 ? 28  TRP A N   1 
ATOM   178  C  CA  . TRP A 1 28  ? -8.340  -7.512  7.945   1.00 14.25 ? 28  TRP A CA  1 
ATOM   179  C  C   . TRP A 1 28  ? -8.425  -6.127  8.584   1.00 14.73 ? 28  TRP A C   1 
ATOM   180  O  O   . TRP A 1 28  ? -7.874  -5.910  9.661   1.00 13.89 ? 28  TRP A O   1 
ATOM   181  C  CB  . TRP A 1 28  ? -9.512  -8.377  8.423   1.00 14.98 ? 28  TRP A CB  1 
ATOM   182  C  CG  . TRP A 1 28  ? -9.694  -9.629  7.639   1.00 15.24 ? 28  TRP A CG  1 
ATOM   183  C  CD1 . TRP A 1 28  ? -9.206  -10.873 7.934   1.00 15.80 ? 28  TRP A CD1 1 
ATOM   184  C  CD2 . TRP A 1 28  ? -10.380 -9.754  6.388   1.00 16.09 ? 28  TRP A CD2 1 
ATOM   185  N  NE1 . TRP A 1 28  ? -9.547  -11.763 6.943   1.00 13.96 ? 28  TRP A NE1 1 
ATOM   186  C  CE2 . TRP A 1 28  ? -10.267 -11.106 5.983   1.00 14.79 ? 28  TRP A CE2 1 
ATOM   187  C  CE3 . TRP A 1 28  ? -11.079 -8.857  5.568   1.00 14.99 ? 28  TRP A CE3 1 
ATOM   188  C  CZ2 . TRP A 1 28  ? -10.828 -11.581 4.795   1.00 14.27 ? 28  TRP A CZ2 1 
ATOM   189  C  CZ3 . TRP A 1 28  ? -11.636 -9.332  4.382   1.00 16.43 ? 28  TRP A CZ3 1 
ATOM   190  C  CH2 . TRP A 1 28  ? -11.507 -10.681 4.009   1.00 15.72 ? 28  TRP A CH2 1 
ATOM   191  N  N   . VAL A 1 29  ? -9.107  -5.189  7.943   1.00 14.66 ? 29  VAL A N   1 
ATOM   192  C  CA  . VAL A 1 29  ? -9.212  -3.854  8.506   1.00 14.72 ? 29  VAL A CA  1 
ATOM   193  C  C   . VAL A 1 29  ? -10.586 -3.250  8.242   1.00 19.69 ? 29  VAL A C   1 
ATOM   194  O  O   . VAL A 1 29  ? -11.135 -3.400  7.145   1.00 18.77 ? 29  VAL A O   1 
ATOM   195  C  CB  . VAL A 1 29  ? -8.125  -2.935  7.913   1.00 12.64 ? 29  VAL A CB  1 
ATOM   196  C  CG1 . VAL A 1 29  ? -8.213  -2.941  6.409   1.00 11.46 ? 29  VAL A CG1 1 
ATOM   197  C  CG2 . VAL A 1 29  ? -8.278  -1.534  8.439   1.00 10.06 ? 29  VAL A CG2 1 
ATOM   198  N  N   . TYR A 1 30  ? -11.144 -2.583  9.254   1.00 22.87 ? 30  TYR A N   1 
ATOM   199  C  CA  . TYR A 1 30  ? -12.445 -1.933  9.119   1.00 25.91 ? 30  TYR A CA  1 
ATOM   200  C  C   . TYR A 1 30  ? -12.246 -0.437  8.884   1.00 25.21 ? 30  TYR A C   1 
ATOM   201  O  O   . TYR A 1 30  ? -11.547 0.228   9.644   1.00 26.24 ? 30  TYR A O   1 
ATOM   202  C  CB  . TYR A 1 30  ? -13.302 -2.154  10.369  1.00 30.13 ? 30  TYR A CB  1 
ATOM   203  C  CG  . TYR A 1 30  ? -14.670 -1.527  10.247  1.00 37.21 ? 30  TYR A CG  1 
ATOM   204  C  CD1 . TYR A 1 30  ? -14.891 -0.199  10.620  1.00 38.94 ? 30  TYR A CD1 1 
ATOM   205  C  CD2 . TYR A 1 30  ? -15.731 -2.233  9.676   1.00 39.09 ? 30  TYR A CD2 1 
ATOM   206  C  CE1 . TYR A 1 30  ? -16.137 0.412   10.417  1.00 41.47 ? 30  TYR A CE1 1 
ATOM   207  C  CE2 . TYR A 1 30  ? -16.981 -1.627  9.467   1.00 40.79 ? 30  TYR A CE2 1 
ATOM   208  C  CZ  . TYR A 1 30  ? -17.173 -0.306  9.838   1.00 40.50 ? 30  TYR A CZ  1 
ATOM   209  O  OH  . TYR A 1 30  ? -18.383 0.306   9.607   1.00 42.59 ? 30  TYR A OH  1 
ATOM   210  N  N   . SER A 1 31  ? -12.862 0.088   7.830   1.00 23.79 ? 31  SER A N   1 
ATOM   211  C  CA  . SER A 1 31  ? -12.718 1.498   7.491   1.00 20.51 ? 31  SER A CA  1 
ATOM   212  C  C   . SER A 1 31  ? -13.925 2.357   7.843   1.00 20.71 ? 31  SER A C   1 
ATOM   213  O  O   . SER A 1 31  ? -15.069 1.923   7.719   1.00 21.56 ? 31  SER A O   1 
ATOM   214  C  CB  . SER A 1 31  ? -12.425 1.650   5.996   1.00 19.92 ? 31  SER A CB  1 
ATOM   215  O  OG  . SER A 1 31  ? -12.474 3.011   5.598   1.00 18.98 ? 31  SER A OG  1 
ATOM   216  N  N   . ASN A 1 32  ? -13.653 3.586   8.274   1.00 17.92 ? 32  ASN A N   1 
ATOM   217  C  CA  . ASN A 1 32  ? -14.702 4.527   8.618   1.00 16.77 ? 32  ASN A CA  1 
ATOM   218  C  C   . ASN A 1 32  ? -14.903 5.529   7.484   1.00 16.36 ? 32  ASN A C   1 
ATOM   219  O  O   . ASN A 1 32  ? -15.721 6.438   7.595   1.00 16.15 ? 32  ASN A O   1 
ATOM   220  C  CB  . ASN A 1 32  ? -14.339 5.276   9.898   1.00 17.55 ? 32  ASN A CB  1 
ATOM   221  C  CG  . ASN A 1 32  ? -14.513 4.431   11.145  1.00 17.26 ? 32  ASN A CG  1 
ATOM   222  O  OD1 . ASN A 1 32  ? -13.917 4.719   12.176  1.00 16.85 ? 32  ASN A OD1 1 
ATOM   223  N  ND2 . ASN A 1 32  ? -15.343 3.390   11.059  1.00 15.30 ? 32  ASN A ND2 1 
ATOM   224  N  N   . THR A 1 33  ? -14.144 5.361   6.403   1.00 14.41 ? 33  THR A N   1 
ATOM   225  C  CA  . THR A 1 33  ? -14.253 6.241   5.249   1.00 15.52 ? 33  THR A CA  1 
ATOM   226  C  C   . THR A 1 33  ? -15.124 5.609   4.160   1.00 17.72 ? 33  THR A C   1 
ATOM   227  O  O   . THR A 1 33  ? -15.390 4.400   4.171   1.00 19.62 ? 33  THR A O   1 
ATOM   228  C  CB  . THR A 1 33  ? -12.869 6.560   4.633   1.00 14.66 ? 33  THR A CB  1 
ATOM   229  O  OG1 . THR A 1 33  ? -12.323 5.381   4.026   1.00 15.52 ? 33  THR A OG1 1 
ATOM   230  C  CG2 . THR A 1 33  ? -11.913 7.056   5.707   1.00 14.65 ? 33  THR A CG2 1 
ATOM   231  N  N   . GLU A 1 34  ? -15.569 6.436   3.225   1.00 17.94 ? 34  GLU A N   1 
ATOM   232  C  CA  . GLU A 1 34  ? -16.406 5.983   2.129   1.00 19.88 ? 34  GLU A CA  1 
ATOM   233  C  C   . GLU A 1 34  ? -16.093 6.815   0.890   1.00 21.63 ? 34  GLU A C   1 
ATOM   234  O  O   . GLU A 1 34  ? -16.278 8.042   0.885   1.00 23.39 ? 34  GLU A O   1 
ATOM   235  C  CB  . GLU A 1 34  ? -17.879 6.128   2.521   1.00 21.10 ? 34  GLU A CB  1 
ATOM   236  C  CG  . GLU A 1 34  ? -18.878 5.777   1.445   1.00 22.12 ? 34  GLU A CG  1 
ATOM   237  C  CD  . GLU A 1 34  ? -18.600 4.432   0.787   1.00 27.10 ? 34  GLU A CD  1 
ATOM   238  O  OE1 . GLU A 1 34  ? -18.286 3.456   1.515   1.00 25.34 ? 34  GLU A OE1 1 
ATOM   239  O  OE2 . GLU A 1 34  ? -18.710 4.363   -0.460  1.00 25.38 ? 34  GLU A OE2 1 
ATOM   240  N  N   . PRO A 1 35  ? -15.568 6.170   -0.164  1.00 21.82 ? 35  PRO A N   1 
ATOM   241  C  CA  . PRO A 1 35  ? -15.249 4.739   -0.280  1.00 23.58 ? 35  PRO A CA  1 
ATOM   242  C  C   . PRO A 1 35  ? -14.286 4.287   0.825   1.00 25.71 ? 35  PRO A C   1 
ATOM   243  O  O   . PRO A 1 35  ? -13.422 5.054   1.264   1.00 27.25 ? 35  PRO A O   1 
ATOM   244  C  CB  . PRO A 1 35  ? -14.621 4.633   -1.671  1.00 21.71 ? 35  PRO A CB  1 
ATOM   245  C  CG  . PRO A 1 35  ? -15.274 5.748   -2.432  1.00 19.44 ? 35  PRO A CG  1 
ATOM   246  C  CD  . PRO A 1 35  ? -15.250 6.875   -1.418  1.00 21.91 ? 35  PRO A CD  1 
HETATM 247  N  N   . MSE A 1 36  ? -14.436 3.037   1.253   1.00 26.87 ? 36  MSE A N   1 
HETATM 248  C  CA  . MSE A 1 36  ? -13.631 2.468   2.330   1.00 27.96 ? 36  MSE A CA  1 
HETATM 249  C  C   . MSE A 1 36  ? -12.128 2.560   2.141   1.00 25.65 ? 36  MSE A C   1 
HETATM 250  O  O   . MSE A 1 36  ? -11.412 2.853   3.090   1.00 24.81 ? 36  MSE A O   1 
HETATM 251  C  CB  . MSE A 1 36  ? -14.034 1.007   2.557   1.00 32.75 ? 36  MSE A CB  1 
HETATM 252  C  CG  . MSE A 1 36  ? -15.540 0.816   2.761   1.00 39.05 ? 36  MSE A CG  1 
HETATM 253  SE SE  . MSE A 1 36  ? -16.068 -1.009  3.163   1.00 51.59 ? 36  MSE A SE  1 
HETATM 254  C  CE  . MSE A 1 36  ? -15.119 -1.916  1.726   1.00 41.53 ? 36  MSE A CE  1 
ATOM   255  N  N   . SER A 1 37  ? -11.648 2.320   0.923   1.00 23.79 ? 37  SER A N   1 
ATOM   256  C  CA  . SER A 1 37  ? -10.216 2.370   0.661   1.00 20.92 ? 37  SER A CA  1 
ATOM   257  C  C   . SER A 1 37  ? -9.584  3.759   0.813   1.00 20.52 ? 37  SER A C   1 
ATOM   258  O  O   . SER A 1 37  ? -8.360  3.898   0.740   1.00 20.26 ? 37  SER A O   1 
ATOM   259  C  CB  . SER A 1 37  ? -9.910  1.814   -0.727  1.00 20.05 ? 37  SER A CB  1 
ATOM   260  O  OG  . SER A 1 37  ? -10.563 2.561   -1.728  1.00 22.05 ? 37  SER A OG  1 
ATOM   261  N  N   . ASN A 1 38  ? -10.394 4.787   1.038   1.00 18.87 ? 38  ASN A N   1 
ATOM   262  C  CA  . ASN A 1 38  ? -9.822  6.117   1.217   1.00 19.68 ? 38  ASN A CA  1 
ATOM   263  C  C   . ASN A 1 38  ? -8.957  6.146   2.478   1.00 18.82 ? 38  ASN A C   1 
ATOM   264  O  O   . ASN A 1 38  ? -8.123  7.030   2.647   1.00 18.90 ? 38  ASN A O   1 
ATOM   265  C  CB  . ASN A 1 38  ? -10.913 7.178   1.340   1.00 20.98 ? 38  ASN A CB  1 
ATOM   266  C  CG  . ASN A 1 38  ? -11.456 7.634   -0.003  1.00 21.89 ? 38  ASN A CG  1 
ATOM   267  O  OD1 . ASN A 1 38  ? -11.175 7.049   -1.044  1.00 23.00 ? 38  ASN A OD1 1 
ATOM   268  N  ND2 . ASN A 1 38  ? -12.259 8.690   0.029   1.00 23.49 ? 38  ASN A ND2 1 
HETATM 269  N  N   . MSE A 1 39  ? -9.162  5.180   3.363   1.00 16.69 ? 39  MSE A N   1 
HETATM 270  C  CA  . MSE A 1 39  ? -8.370  5.146   4.585   1.00 17.73 ? 39  MSE A CA  1 
HETATM 271  C  C   . MSE A 1 39  ? -6.885  4.945   4.262   1.00 18.20 ? 39  MSE A C   1 
HETATM 272  O  O   . MSE A 1 39  ? -6.010  5.360   5.018   1.00 16.82 ? 39  MSE A O   1 
HETATM 273  C  CB  . MSE A 1 39  ? -8.859  4.037   5.524   1.00 17.56 ? 39  MSE A CB  1 
HETATM 274  C  CG  . MSE A 1 39  ? -8.468  2.616   5.114   1.00 17.28 ? 39  MSE A CG  1 
HETATM 275  SE SE  . MSE A 1 39  ? -8.935  1.325   6.470   1.00 23.47 ? 39  MSE A SE  1 
HETATM 276  C  CE  . MSE A 1 39  ? -9.696  -0.061  5.380   1.00 25.73 ? 39  MSE A CE  1 
ATOM   277  N  N   . PHE A 1 40  ? -6.613  4.323   3.119   1.00 19.47 ? 40  PHE A N   1 
ATOM   278  C  CA  . PHE A 1 40  ? -5.239  4.047   2.703   1.00 21.37 ? 40  PHE A CA  1 
ATOM   279  C  C   . PHE A 1 40  ? -4.475  5.240   2.129   1.00 22.77 ? 40  PHE A C   1 
ATOM   280  O  O   . PHE A 1 40  ? -3.310  5.110   1.788   1.00 23.01 ? 40  PHE A O   1 
ATOM   281  C  CB  . PHE A 1 40  ? -5.242  2.911   1.688   1.00 20.90 ? 40  PHE A CB  1 
ATOM   282  C  CG  . PHE A 1 40  ? -5.880  1.656   2.202   1.00 21.71 ? 40  PHE A CG  1 
ATOM   283  C  CD1 . PHE A 1 40  ? -5.333  0.989   3.299   1.00 19.19 ? 40  PHE A CD1 1 
ATOM   284  C  CD2 . PHE A 1 40  ? -7.026  1.140   1.609   1.00 20.60 ? 40  PHE A CD2 1 
ATOM   285  C  CE1 . PHE A 1 40  ? -5.920  -0.170  3.787   1.00 19.52 ? 40  PHE A CE1 1 
ATOM   286  C  CE2 . PHE A 1 40  ? -7.621  -0.020  2.092   1.00 19.76 ? 40  PHE A CE2 1 
ATOM   287  C  CZ  . PHE A 1 40  ? -7.065  -0.676  3.185   1.00 20.36 ? 40  PHE A CZ  1 
ATOM   288  N  N   . ASP A 1 41  ? -5.129  6.394   2.033   1.00 25.38 ? 41  ASP A N   1 
ATOM   289  C  CA  . ASP A 1 41  ? -4.481  7.588   1.509   1.00 26.73 ? 41  ASP A CA  1 
ATOM   290  C  C   . ASP A 1 41  ? -3.824  8.404   2.603   1.00 28.20 ? 41  ASP A C   1 
ATOM   291  O  O   . ASP A 1 41  ? -3.141  9.385   2.320   1.00 30.57 ? 41  ASP A O   1 
ATOM   292  C  CB  . ASP A 1 41  ? -5.478  8.479   0.774   1.00 25.73 ? 41  ASP A CB  1 
ATOM   293  C  CG  . ASP A 1 41  ? -6.056  7.813   -0.440  1.00 27.15 ? 41  ASP A CG  1 
ATOM   294  O  OD1 . ASP A 1 41  ? -5.351  6.969   -1.036  1.00 26.51 ? 41  ASP A OD1 1 
ATOM   295  O  OD2 . ASP A 1 41  ? -7.203  8.141   -0.804  1.00 27.22 ? 41  ASP A OD2 1 
ATOM   296  N  N   . TYR A 1 42  ? -4.041  8.004   3.849   1.00 27.98 ? 42  TYR A N   1 
ATOM   297  C  CA  . TYR A 1 42  ? -3.460  8.713   4.976   1.00 28.89 ? 42  TYR A CA  1 
ATOM   298  C  C   . TYR A 1 42  ? -2.144  8.052   5.332   1.00 29.65 ? 42  TYR A C   1 
ATOM   299  O  O   . TYR A 1 42  ? -2.045  6.833   5.365   1.00 31.33 ? 42  TYR A O   1 
ATOM   300  C  CB  . TYR A 1 42  ? -4.406  8.672   6.169   1.00 28.85 ? 42  TYR A CB  1 
ATOM   301  C  CG  . TYR A 1 42  ? -5.682  9.443   5.949   1.00 29.91 ? 42  TYR A CG  1 
ATOM   302  C  CD1 . TYR A 1 42  ? -5.700  10.839  5.987   1.00 30.26 ? 42  TYR A CD1 1 
ATOM   303  C  CD2 . TYR A 1 42  ? -6.872  8.781   5.692   1.00 30.79 ? 42  TYR A CD2 1 
ATOM   304  C  CE1 . TYR A 1 42  ? -6.880  11.552  5.776   1.00 29.69 ? 42  TYR A CE1 1 
ATOM   305  C  CE2 . TYR A 1 42  ? -8.055  9.481   5.477   1.00 32.55 ? 42  TYR A CE2 1 
ATOM   306  C  CZ  . TYR A 1 42  ? -8.054  10.864  5.521   1.00 31.59 ? 42  TYR A CZ  1 
ATOM   307  O  OH  . TYR A 1 42  ? -9.236  11.534  5.311   1.00 32.81 ? 42  TYR A OH  1 
ATOM   308  N  N   . LEU A 1 43  ? -1.135  8.873   5.589   1.00 30.17 ? 43  LEU A N   1 
ATOM   309  C  CA  . LEU A 1 43  ? 0.204   8.405   5.930   1.00 30.49 ? 43  LEU A CA  1 
ATOM   310  C  C   . LEU A 1 43  ? 0.793   9.384   6.932   1.00 29.27 ? 43  LEU A C   1 
ATOM   311  O  O   . LEU A 1 43  ? 0.954   10.568  6.625   1.00 31.78 ? 43  LEU A O   1 
ATOM   312  C  CB  . LEU A 1 43  ? 1.080   8.376   4.671   1.00 33.03 ? 43  LEU A CB  1 
ATOM   313  C  CG  . LEU A 1 43  ? 2.592   8.173   4.841   1.00 36.03 ? 43  LEU A CG  1 
ATOM   314  C  CD1 . LEU A 1 43  ? 2.895   6.774   5.384   1.00 36.34 ? 43  LEU A CD1 1 
ATOM   315  C  CD2 . LEU A 1 43  ? 3.271   8.375   3.498   1.00 37.13 ? 43  LEU A CD2 1 
ATOM   316  N  N   . PRO A 1 44  ? 1.162   8.909   8.127   1.00 27.29 ? 44  PRO A N   1 
ATOM   317  C  CA  . PRO A 1 44  ? 1.091   7.545   8.663   1.00 27.05 ? 44  PRO A CA  1 
ATOM   318  C  C   . PRO A 1 44  ? -0.197  7.247   9.416   1.00 26.59 ? 44  PRO A C   1 
ATOM   319  O  O   . PRO A 1 44  ? -1.159  8.007   9.359   1.00 28.69 ? 44  PRO A O   1 
ATOM   320  C  CB  . PRO A 1 44  ? 2.285   7.502   9.598   1.00 25.54 ? 44  PRO A CB  1 
ATOM   321  C  CG  . PRO A 1 44  ? 2.212   8.866   10.213  1.00 25.91 ? 44  PRO A CG  1 
ATOM   322  C  CD  . PRO A 1 44  ? 1.935   9.777   9.032   1.00 24.32 ? 44  PRO A CD  1 
ATOM   323  N  N   . TRP A 1 45  ? -0.195  6.132   10.134  1.00 25.80 ? 45  TRP A N   1 
ATOM   324  C  CA  . TRP A 1 45  ? -1.336  5.715   10.945  1.00 24.88 ? 45  TRP A CA  1 
ATOM   325  C  C   . TRP A 1 45  ? -0.859  5.653   12.382  1.00 27.30 ? 45  TRP A C   1 
ATOM   326  O  O   . TRP A 1 45  ? 0.294   5.304   12.637  1.00 29.31 ? 45  TRP A O   1 
ATOM   327  C  CB  . TRP A 1 45  ? -1.816  4.313   10.562  1.00 20.65 ? 45  TRP A CB  1 
ATOM   328  C  CG  . TRP A 1 45  ? -2.674  4.237   9.362   1.00 17.91 ? 45  TRP A CG  1 
ATOM   329  C  CD1 . TRP A 1 45  ? -3.007  5.254   8.521   1.00 17.29 ? 45  TRP A CD1 1 
ATOM   330  C  CD2 . TRP A 1 45  ? -3.311  3.062   8.850   1.00 16.77 ? 45  TRP A CD2 1 
ATOM   331  N  NE1 . TRP A 1 45  ? -3.813  4.784   7.511   1.00 16.59 ? 45  TRP A NE1 1 
ATOM   332  C  CE2 . TRP A 1 45  ? -4.018  3.442   7.692   1.00 15.68 ? 45  TRP A CE2 1 
ATOM   333  C  CE3 . TRP A 1 45  ? -3.353  1.721   9.262   1.00 17.35 ? 45  TRP A CE3 1 
ATOM   334  C  CZ2 . TRP A 1 45  ? -4.765  2.530   6.934   1.00 14.63 ? 45  TRP A CZ2 1 
ATOM   335  C  CZ3 . TRP A 1 45  ? -4.093  0.809   8.509   1.00 18.11 ? 45  TRP A CZ3 1 
ATOM   336  C  CH2 . TRP A 1 45  ? -4.790  1.223   7.355   1.00 16.86 ? 45  TRP A CH2 1 
ATOM   337  N  N   . TYR A 1 46  ? -1.741  5.982   13.316  1.00 26.83 ? 46  TYR A N   1 
ATOM   338  C  CA  . TYR A 1 46  ? -1.411  5.922   14.726  1.00 27.00 ? 46  TYR A CA  1 
ATOM   339  C  C   . TYR A 1 46  ? -2.331  4.854   15.299  1.00 28.43 ? 46  TYR A C   1 
ATOM   340  O  O   . TYR A 1 46  ? -3.528  5.071   15.452  1.00 30.91 ? 46  TYR A O   1 
ATOM   341  C  CB  . TYR A 1 46  ? -1.675  7.280   15.379  1.00 26.15 ? 46  TYR A CB  1 
ATOM   342  C  CG  . TYR A 1 46  ? -0.858  8.399   14.768  1.00 24.67 ? 46  TYR A CG  1 
ATOM   343  C  CD1 . TYR A 1 46  ? 0.506   8.515   15.027  1.00 23.09 ? 46  TYR A CD1 1 
ATOM   344  C  CD2 . TYR A 1 46  ? -1.440  9.317   13.906  1.00 25.30 ? 46  TYR A CD2 1 
ATOM   345  C  CE1 . TYR A 1 46  ? 1.273   9.518   14.439  1.00 21.97 ? 46  TYR A CE1 1 
ATOM   346  C  CE2 . TYR A 1 46  ? -0.681  10.329  13.311  1.00 26.55 ? 46  TYR A CE2 1 
ATOM   347  C  CZ  . TYR A 1 46  ? 0.676   10.418  13.585  1.00 24.84 ? 46  TYR A CZ  1 
ATOM   348  O  OH  . TYR A 1 46  ? 1.423   11.403  12.987  1.00 26.41 ? 46  TYR A OH  1 
ATOM   349  N  N   . ILE A 1 47  ? -1.787  3.685   15.594  1.00 29.74 ? 47  ILE A N   1 
ATOM   350  C  CA  . ILE A 1 47  ? -2.615  2.619   16.133  1.00 32.87 ? 47  ILE A CA  1 
ATOM   351  C  C   . ILE A 1 47  ? -2.325  2.420   17.612  1.00 35.46 ? 47  ILE A C   1 
ATOM   352  O  O   . ILE A 1 47  ? -1.174  2.486   18.041  1.00 37.02 ? 47  ILE A O   1 
ATOM   353  C  CB  . ILE A 1 47  ? -2.389  1.281   15.361  1.00 32.04 ? 47  ILE A CB  1 
ATOM   354  C  CG1 . ILE A 1 47  ? -0.904  0.903   15.376  1.00 32.37 ? 47  ILE A CG1 1 
ATOM   355  C  CG2 . ILE A 1 47  ? -2.868  1.419   13.916  1.00 29.98 ? 47  ILE A CG2 1 
ATOM   356  C  CD1 . ILE A 1 47  ? -0.603  -0.439  14.732  1.00 32.05 ? 47  ILE A CD1 1 
ATOM   357  N  N   . GLU A 1 48  ? -3.373  2.197   18.394  1.00 37.84 ? 48  GLU A N   1 
ATOM   358  C  CA  . GLU A 1 48  ? -3.209  1.986   19.829  1.00 41.84 ? 48  GLU A CA  1 
ATOM   359  C  C   . GLU A 1 48  ? -3.201  0.485   20.110  1.00 42.38 ? 48  GLU A C   1 
ATOM   360  O  O   . GLU A 1 48  ? -4.251  -0.161  20.138  1.00 40.91 ? 48  GLU A O   1 
ATOM   361  C  CB  . GLU A 1 48  ? -4.351  2.653   20.602  1.00 42.99 ? 48  GLU A CB  1 
ATOM   362  C  CG  . GLU A 1 48  ? -3.983  3.006   22.039  1.00 47.32 ? 48  GLU A CG  1 
ATOM   363  C  CD  . GLU A 1 48  ? -5.199  3.273   22.903  1.00 49.35 ? 48  GLU A CD  1 
ATOM   364  O  OE1 . GLU A 1 48  ? -6.132  3.950   22.417  1.00 50.65 ? 48  GLU A OE1 1 
ATOM   365  O  OE2 . GLU A 1 48  ? -5.213  2.809   24.064  1.00 48.44 ? 48  GLU A OE2 1 
ATOM   366  N  N   . THR A 1 49  ? -2.009  -0.062  20.323  1.00 44.69 ? 49  THR A N   1 
ATOM   367  C  CA  . THR A 1 49  ? -1.849  -1.491  20.568  1.00 46.77 ? 49  THR A CA  1 
ATOM   368  C  C   . THR A 1 49  ? -1.727  -1.828  22.042  1.00 48.53 ? 49  THR A C   1 
ATOM   369  O  O   . THR A 1 49  ? -1.552  -0.946  22.882  1.00 48.82 ? 49  THR A O   1 
ATOM   370  C  CB  . THR A 1 49  ? -0.596  -2.035  19.867  1.00 46.84 ? 49  THR A CB  1 
ATOM   371  O  OG1 . THR A 1 49  ? 0.575   -1.593  20.571  1.00 47.00 ? 49  THR A OG1 1 
ATOM   372  C  CG2 . THR A 1 49  ? -0.533  -1.530  18.434  1.00 47.32 ? 49  THR A CG2 1 
ATOM   373  N  N   . LYS A 1 50  ? -1.803  -3.122  22.337  1.00 50.34 ? 50  LYS A N   1 
ATOM   374  C  CA  . LYS A 1 50  ? -1.703  -3.620  23.701  1.00 51.61 ? 50  LYS A CA  1 
ATOM   375  C  C   . LYS A 1 50  ? -0.389  -3.209  24.358  1.00 50.86 ? 50  LYS A C   1 
ATOM   376  O  O   . LYS A 1 50  ? -0.261  -3.238  25.581  1.00 51.26 ? 50  LYS A O   1 
ATOM   377  C  CB  . LYS A 1 50  ? -1.811  -5.146  23.703  1.00 53.81 ? 50  LYS A CB  1 
ATOM   378  C  CG  . LYS A 1 50  ? -3.069  -5.682  23.051  1.00 56.50 ? 50  LYS A CG  1 
ATOM   379  C  CD  . LYS A 1 50  ? -3.190  -7.182  23.256  1.00 60.01 ? 50  LYS A CD  1 
ATOM   380  C  CE  . LYS A 1 50  ? -3.295  -7.531  24.737  1.00 60.58 ? 50  LYS A CE  1 
ATOM   381  N  NZ  . LYS A 1 50  ? -4.445  -6.835  25.381  1.00 61.67 ? 50  LYS A NZ  1 
ATOM   382  N  N   . ALA A 1 51  ? 0.588   -2.831  23.545  1.00 49.40 ? 51  ALA A N   1 
ATOM   383  C  CA  . ALA A 1 51  ? 1.880   -2.428  24.072  1.00 49.16 ? 51  ALA A CA  1 
ATOM   384  C  C   . ALA A 1 51  ? 2.157   -0.963  23.784  1.00 48.61 ? 51  ALA A C   1 
ATOM   385  O  O   . ALA A 1 51  ? 3.275   -0.596  23.423  1.00 48.03 ? 51  ALA A O   1 
ATOM   386  C  CB  . ALA A 1 51  ? 2.977   -3.289  23.472  1.00 51.48 ? 51  ALA A CB  1 
ATOM   387  N  N   . GLY A 1 52  ? 1.131   -0.131  23.938  1.00 48.32 ? 52  GLY A N   1 
ATOM   388  C  CA  . GLY A 1 52  ? 1.288   1.291   23.700  1.00 47.42 ? 52  GLY A CA  1 
ATOM   389  C  C   . GLY A 1 52  ? 0.993   1.727   22.278  1.00 46.78 ? 52  GLY A C   1 
ATOM   390  O  O   . GLY A 1 52  ? 0.574   0.930   21.434  1.00 46.92 ? 52  GLY A O   1 
ATOM   391  N  N   . TRP A 1 53  ? 1.208   3.008   22.011  1.00 44.94 ? 53  TRP A N   1 
ATOM   392  C  CA  . TRP A 1 53  ? 0.965   3.548   20.690  1.00 43.93 ? 53  TRP A CA  1 
ATOM   393  C  C   . TRP A 1 53  ? 2.099   3.188   19.745  1.00 43.69 ? 53  TRP A C   1 
ATOM   394  O  O   . TRP A 1 53  ? 3.231   2.999   20.175  1.00 45.17 ? 53  TRP A O   1 
ATOM   395  C  CB  . TRP A 1 53  ? 0.822   5.074   20.759  1.00 44.08 ? 53  TRP A CB  1 
ATOM   396  C  CG  . TRP A 1 53  ? -0.483  5.540   21.344  1.00 43.98 ? 53  TRP A CG  1 
ATOM   397  C  CD1 . TRP A 1 53  ? -0.773  5.747   22.662  1.00 43.26 ? 53  TRP A CD1 1 
ATOM   398  C  CD2 . TRP A 1 53  ? -1.691  5.820   20.621  1.00 43.11 ? 53  TRP A CD2 1 
ATOM   399  N  NE1 . TRP A 1 53  ? -2.085  6.138   22.805  1.00 41.49 ? 53  TRP A NE1 1 
ATOM   400  C  CE2 . TRP A 1 53  ? -2.671  6.189   21.569  1.00 41.81 ? 53  TRP A CE2 1 
ATOM   401  C  CE3 . TRP A 1 53  ? -2.038  5.790   19.263  1.00 40.72 ? 53  TRP A CE3 1 
ATOM   402  C  CZ2 . TRP A 1 53  ? -3.974  6.529   21.203  1.00 41.17 ? 53  TRP A CZ2 1 
ATOM   403  C  CZ3 . TRP A 1 53  ? -3.333  6.127   18.900  1.00 42.05 ? 53  TRP A CZ3 1 
ATOM   404  C  CH2 . TRP A 1 53  ? -4.287  6.492   19.869  1.00 41.27 ? 53  TRP A CH2 1 
ATOM   405  N  N   . GLN A 1 54  ? 1.784   3.085   18.457  1.00 42.83 ? 54  GLN A N   1 
ATOM   406  C  CA  . GLN A 1 54  ? 2.772   2.773   17.430  1.00 41.70 ? 54  GLN A CA  1 
ATOM   407  C  C   . GLN A 1 54  ? 2.395   3.527   16.168  1.00 39.51 ? 54  GLN A C   1 
ATOM   408  O  O   . GLN A 1 54  ? 1.215   3.671   15.860  1.00 39.15 ? 54  GLN A O   1 
ATOM   409  C  CB  . GLN A 1 54  ? 2.789   1.278   17.093  1.00 44.86 ? 54  GLN A CB  1 
ATOM   410  C  CG  . GLN A 1 54  ? 3.110   0.335   18.241  1.00 49.58 ? 54  GLN A CG  1 
ATOM   411  C  CD  . GLN A 1 54  ? 3.201   -1.120  17.786  1.00 52.26 ? 54  GLN A CD  1 
ATOM   412  O  OE1 . GLN A 1 54  ? 3.186   -2.041  18.607  1.00 53.61 ? 54  GLN A OE1 1 
ATOM   413  N  NE2 . GLN A 1 54  ? 3.305   -1.330  16.469  1.00 52.92 ? 54  GLN A NE2 1 
ATOM   414  N  N   . THR A 1 55  ? 3.391   4.011   15.443  1.00 37.10 ? 55  THR A N   1 
ATOM   415  C  CA  . THR A 1 55  ? 3.122   4.713   14.204  1.00 35.43 ? 55  THR A CA  1 
ATOM   416  C  C   . THR A 1 55  ? 3.393   3.700   13.103  1.00 35.29 ? 55  THR A C   1 
ATOM   417  O  O   . THR A 1 55  ? 4.406   2.997   13.139  1.00 36.36 ? 55  THR A O   1 
ATOM   418  C  CB  . THR A 1 55  ? 4.023   5.942   14.065  1.00 35.12 ? 55  THR A CB  1 
ATOM   419  O  OG1 . THR A 1 55  ? 3.726   6.860   15.128  1.00 35.93 ? 55  THR A OG1 1 
ATOM   420  C  CG2 . THR A 1 55  ? 3.785   6.638   12.734  1.00 35.12 ? 55  THR A CG2 1 
ATOM   421  N  N   . VAL A 1 56  ? 2.481   3.608   12.138  1.00 33.04 ? 56  VAL A N   1 
ATOM   422  C  CA  . VAL A 1 56  ? 2.622   2.631   11.068  1.00 30.67 ? 56  VAL A CA  1 
ATOM   423  C  C   . VAL A 1 56  ? 2.311   3.152   9.673   1.00 30.11 ? 56  VAL A C   1 
ATOM   424  O  O   . VAL A 1 56  ? 1.408   3.955   9.478   1.00 29.29 ? 56  VAL A O   1 
ATOM   425  C  CB  . VAL A 1 56  ? 1.714   1.415   11.326  1.00 29.30 ? 56  VAL A CB  1 
ATOM   426  C  CG1 . VAL A 1 56  ? 1.906   0.392   10.238  1.00 32.31 ? 56  VAL A CG1 1 
ATOM   427  C  CG2 . VAL A 1 56  ? 2.026   0.815   12.681  1.00 29.41 ? 56  VAL A CG2 1 
ATOM   428  N  N   . ASP A 1 57  ? 3.069   2.664   8.701   1.00 30.03 ? 57  ASP A N   1 
ATOM   429  C  CA  . ASP A 1 57  ? 2.893   3.044   7.302   1.00 29.46 ? 57  ASP A CA  1 
ATOM   430  C  C   . ASP A 1 57  ? 2.262   1.875   6.562   1.00 27.63 ? 57  ASP A C   1 
ATOM   431  O  O   . ASP A 1 57  ? 2.643   0.723   6.773   1.00 29.06 ? 57  ASP A O   1 
ATOM   432  C  CB  . ASP A 1 57  ? 4.250   3.337   6.646   1.00 29.72 ? 57  ASP A CB  1 
ATOM   433  C  CG  . ASP A 1 57  ? 4.851   4.655   7.086   1.00 32.32 ? 57  ASP A CG  1 
ATOM   434  O  OD1 . ASP A 1 57  ? 4.681   5.038   8.265   1.00 31.37 ? 57  ASP A OD1 1 
ATOM   435  O  OD2 . ASP A 1 57  ? 5.515   5.303   6.246   1.00 34.57 ? 57  ASP A OD2 1 
ATOM   436  N  N   . VAL A 1 58  ? 1.301   2.168   5.697   1.00 23.99 ? 58  VAL A N   1 
ATOM   437  C  CA  . VAL A 1 58  ? 0.678   1.128   4.894   1.00 20.19 ? 58  VAL A CA  1 
ATOM   438  C  C   . VAL A 1 58  ? 1.618   0.832   3.720   1.00 18.68 ? 58  VAL A C   1 
ATOM   439  O  O   . VAL A 1 58  ? 2.167   1.755   3.116   1.00 17.86 ? 58  VAL A O   1 
ATOM   440  C  CB  . VAL A 1 58  ? -0.676  1.601   4.315   1.00 19.22 ? 58  VAL A CB  1 
ATOM   441  C  CG1 . VAL A 1 58  ? -1.192  0.586   3.304   1.00 15.57 ? 58  VAL A CG1 1 
ATOM   442  C  CG2 . VAL A 1 58  ? -1.678  1.798   5.430   1.00 15.96 ? 58  VAL A CG2 1 
ATOM   443  N  N   . LYS A 1 59  ? 1.823   -0.442  3.402   1.00 17.48 ? 59  LYS A N   1 
ATOM   444  C  CA  . LYS A 1 59  ? 2.669   -0.785  2.265   1.00 16.84 ? 59  LYS A CA  1 
ATOM   445  C  C   . LYS A 1 59  ? 1.756   -1.165  1.100   1.00 17.07 ? 59  LYS A C   1 
ATOM   446  O  O   . LYS A 1 59  ? 1.922   -0.689  -0.019  1.00 15.07 ? 59  LYS A O   1 
ATOM   447  C  CB  . LYS A 1 59  ? 3.606   -1.940  2.599   1.00 18.52 ? 59  LYS A CB  1 
ATOM   448  C  CG  . LYS A 1 59  ? 4.660   -2.139  1.528   1.00 21.28 ? 59  LYS A CG  1 
ATOM   449  C  CD  . LYS A 1 59  ? 5.584   -3.297  1.834   1.00 25.84 ? 59  LYS A CD  1 
ATOM   450  C  CE  . LYS A 1 59  ? 4.859   -4.626  1.801   1.00 27.27 ? 59  LYS A CE  1 
ATOM   451  N  NZ  . LYS A 1 59  ? 5.833   -5.748  1.921   1.00 30.97 ? 59  LYS A NZ  1 
ATOM   452  N  N   . ARG A 1 60  ? 0.783   -2.026  1.364   1.00 17.68 ? 60  ARG A N   1 
ATOM   453  C  CA  . ARG A 1 60  ? -0.150  -2.415  0.331   1.00 18.85 ? 60  ARG A CA  1 
ATOM   454  C  C   . ARG A 1 60  ? -1.453  -2.904  0.941   1.00 19.89 ? 60  ARG A C   1 
ATOM   455  O  O   . ARG A 1 60  ? -1.540  -3.128  2.151   1.00 20.89 ? 60  ARG A O   1 
ATOM   456  C  CB  . ARG A 1 60  ? 0.475   -3.459  -0.595  1.00 19.32 ? 60  ARG A CB  1 
ATOM   457  C  CG  . ARG A 1 60  ? 0.844   -4.788  0.035   1.00 23.03 ? 60  ARG A CG  1 
ATOM   458  C  CD  . ARG A 1 60  ? 1.904   -5.459  -0.833  1.00 23.09 ? 60  ARG A CD  1 
ATOM   459  N  NE  . ARG A 1 60  ? 1.636   -5.233  -2.249  1.00 23.32 ? 60  ARG A NE  1 
ATOM   460  C  CZ  . ARG A 1 60  ? 2.542   -5.354  -3.212  1.00 23.29 ? 60  ARG A CZ  1 
ATOM   461  N  NH1 . ARG A 1 60  ? 3.782   -5.706  -2.918  1.00 22.07 ? 60  ARG A NH1 1 
ATOM   462  N  NH2 . ARG A 1 60  ? 2.205   -5.104  -4.466  1.00 25.21 ? 60  ARG A NH2 1 
ATOM   463  N  N   . TRP A 1 61  ? -2.475  -3.036  0.101   1.00 19.41 ? 61  TRP A N   1 
ATOM   464  C  CA  . TRP A 1 61  ? -3.789  -3.459  0.547   1.00 17.49 ? 61  TRP A CA  1 
ATOM   465  C  C   . TRP A 1 61  ? -4.597  -3.978  -0.620  1.00 17.74 ? 61  TRP A C   1 
ATOM   466  O  O   . TRP A 1 61  ? -4.232  -3.796  -1.777  1.00 16.24 ? 61  TRP A O   1 
ATOM   467  C  CB  . TRP A 1 61  ? -4.543  -2.281  1.164   1.00 17.80 ? 61  TRP A CB  1 
ATOM   468  C  CG  . TRP A 1 61  ? -4.693  -1.099  0.233   1.00 17.28 ? 61  TRP A CG  1 
ATOM   469  C  CD1 . TRP A 1 61  ? -3.809  -0.081  0.064   1.00 17.52 ? 61  TRP A CD1 1 
ATOM   470  C  CD2 . TRP A 1 61  ? -5.772  -0.846  -0.684  1.00 17.07 ? 61  TRP A CD2 1 
ATOM   471  N  NE1 . TRP A 1 61  ? -4.259  0.789   -0.897  1.00 18.88 ? 61  TRP A NE1 1 
ATOM   472  C  CE2 . TRP A 1 61  ? -5.461  0.346   -1.374  1.00 17.62 ? 61  TRP A CE2 1 
ATOM   473  C  CE3 . TRP A 1 61  ? -6.969  -1.513  -0.989  1.00 17.51 ? 61  TRP A CE3 1 
ATOM   474  C  CZ2 . TRP A 1 61  ? -6.300  0.895   -2.357  1.00 19.34 ? 61  TRP A CZ2 1 
ATOM   475  C  CZ3 . TRP A 1 61  ? -7.814  -0.969  -1.971  1.00 18.23 ? 61  TRP A CZ3 1 
ATOM   476  C  CH2 . TRP A 1 61  ? -7.470  0.226   -2.641  1.00 19.99 ? 61  TRP A CH2 1 
ATOM   477  N  N   . LYS A 1 62  ? -5.706  -4.632  -0.317  1.00 17.73 ? 62  LYS A N   1 
ATOM   478  C  CA  . LYS A 1 62  ? -6.559  -5.128  -1.371  1.00 18.91 ? 62  LYS A CA  1 
ATOM   479  C  C   . LYS A 1 62  ? -7.896  -5.517  -0.809  1.00 19.37 ? 62  LYS A C   1 
ATOM   480  O  O   . LYS A 1 62  ? -8.019  -5.848  0.364   1.00 19.46 ? 62  LYS A O   1 
ATOM   481  C  CB  . LYS A 1 62  ? -5.921  -6.323  -2.087  1.00 19.49 ? 62  LYS A CB  1 
ATOM   482  C  CG  . LYS A 1 62  ? -5.883  -7.627  -1.301  1.00 20.19 ? 62  LYS A CG  1 
ATOM   483  C  CD  . LYS A 1 62  ? -5.427  -8.794  -2.191  1.00 18.20 ? 62  LYS A CD  1 
ATOM   484  C  CE  . LYS A 1 62  ? -5.678  -10.143 -1.507  1.00 21.77 ? 62  LYS A CE  1 
ATOM   485  N  NZ  . LYS A 1 62  ? -5.381  -11.336 -2.355  1.00 22.07 ? 62  LYS A NZ  1 
ATOM   486  N  N   . PRO A 1 63  ? -8.940  -5.410  -1.628  1.00 20.70 ? 63  PRO A N   1 
ATOM   487  C  CA  . PRO A 1 63  ? -10.253 -5.789  -1.126  1.00 21.15 ? 63  PRO A CA  1 
ATOM   488  C  C   . PRO A 1 63  ? -10.311 -7.307  -1.193  1.00 22.82 ? 63  PRO A C   1 
ATOM   489  O  O   . PRO A 1 63  ? -9.763  -7.917  -2.116  1.00 23.41 ? 63  PRO A O   1 
ATOM   490  C  CB  . PRO A 1 63  ? -11.201 -5.112  -2.108  1.00 21.48 ? 63  PRO A CB  1 
ATOM   491  C  CG  . PRO A 1 63  ? -10.426 -5.129  -3.388  1.00 20.01 ? 63  PRO A CG  1 
ATOM   492  C  CD  . PRO A 1 63  ? -9.039  -4.747  -2.942  1.00 20.44 ? 63  PRO A CD  1 
ATOM   493  N  N   . HIS A 1 64  ? -10.928 -7.932  -0.202  1.00 25.67 ? 64  HIS A N   1 
ATOM   494  C  CA  . HIS A 1 64  ? -11.032 -9.379  -0.209  1.00 28.07 ? 64  HIS A CA  1 
ATOM   495  C  C   . HIS A 1 64  ? -12.447 -9.745  0.153   1.00 29.99 ? 64  HIS A C   1 
ATOM   496  O  O   . HIS A 1 64  ? -12.853 -9.606  1.301   1.00 30.89 ? 64  HIS A O   1 
ATOM   497  C  CB  . HIS A 1 64  ? -10.064 -10.019 0.777   1.00 27.16 ? 64  HIS A CB  1 
ATOM   498  C  CG  . HIS A 1 64  ? -9.829  -11.471 0.513   1.00 30.83 ? 64  HIS A CG  1 
ATOM   499  N  ND1 . HIS A 1 64  ? -9.382  -11.938 -0.706  1.00 31.23 ? 64  HIS A ND1 1 
ATOM   500  C  CD2 . HIS A 1 64  ? -10.003 -12.564 1.294   1.00 30.87 ? 64  HIS A CD2 1 
ATOM   501  C  CE1 . HIS A 1 64  ? -9.296  -13.255 -0.665  1.00 29.81 ? 64  HIS A CE1 1 
ATOM   502  N  NE2 . HIS A 1 64  ? -9.666  -13.660 0.537   1.00 31.21 ? 64  HIS A NE2 1 
ATOM   503  N  N   . GLY A 1 65  ? -13.186 -10.198 -0.855  1.00 32.33 ? 65  GLY A N   1 
ATOM   504  C  CA  . GLY A 1 65  ? -14.568 -10.573 -0.670  1.00 33.12 ? 65  GLY A CA  1 
ATOM   505  C  C   . GLY A 1 65  ? -15.304 -9.435  -0.011  1.00 34.98 ? 65  GLY A C   1 
ATOM   506  O  O   . GLY A 1 65  ? -15.394 -8.330  -0.544  1.00 35.31 ? 65  GLY A O   1 
ATOM   507  N  N   . LYS A 1 66  ? -15.813 -9.726  1.176   1.00 36.37 ? 66  LYS A N   1 
ATOM   508  C  CA  . LYS A 1 66  ? -16.556 -8.772  1.977   1.00 37.00 ? 66  LYS A CA  1 
ATOM   509  C  C   . LYS A 1 66  ? -15.870 -7.416  2.187   1.00 35.75 ? 66  LYS A C   1 
ATOM   510  O  O   . LYS A 1 66  ? -16.391 -6.375  1.770   1.00 35.75 ? 66  LYS A O   1 
ATOM   511  C  CB  . LYS A 1 66  ? -16.861 -9.414  3.336   1.00 39.38 ? 66  LYS A CB  1 
ATOM   512  C  CG  . LYS A 1 66  ? -16.052 -10.694 3.606   1.00 39.31 ? 66  LYS A CG  1 
ATOM   513  C  CD  . LYS A 1 66  ? -15.826 -10.949 5.098   1.00 39.38 ? 66  LYS A CD  1 
ATOM   514  C  CE  . LYS A 1 66  ? -14.935 -9.872  5.724   1.00 39.57 ? 66  LYS A CE  1 
ATOM   515  N  NZ  . LYS A 1 66  ? -14.499 -10.183 7.118   1.00 37.82 ? 66  LYS A NZ  1 
ATOM   516  N  N   . GLY A 1 67  ? -14.697 -7.427  2.819   1.00 33.56 ? 67  GLY A N   1 
ATOM   517  C  CA  . GLY A 1 67  ? -14.019 -6.175  3.109   1.00 28.43 ? 67  GLY A CA  1 
ATOM   518  C  C   . GLY A 1 67  ? -12.629 -5.887  2.589   1.00 26.09 ? 67  GLY A C   1 
ATOM   519  O  O   . GLY A 1 67  ? -12.372 -5.947  1.395   1.00 26.34 ? 67  GLY A O   1 
ATOM   520  N  N   . LEU A 1 68  ? -11.723 -5.560  3.502   1.00 23.94 ? 68  LEU A N   1 
ATOM   521  C  CA  . LEU A 1 68  ? -10.361 -5.204  3.128   1.00 21.76 ? 68  LEU A CA  1 
ATOM   522  C  C   . LEU A 1 68  ? -9.283  -5.830  3.993   1.00 20.58 ? 68  LEU A C   1 
ATOM   523  O  O   . LEU A 1 68  ? -9.483  -6.044  5.194   1.00 20.20 ? 68  LEU A O   1 
ATOM   524  C  CB  . LEU A 1 68  ? -10.193 -3.686  3.207   1.00 19.82 ? 68  LEU A CB  1 
ATOM   525  C  CG  . LEU A 1 68  ? -11.121 -2.821  2.361   1.00 20.34 ? 68  LEU A CG  1 
ATOM   526  C  CD1 . LEU A 1 68  ? -11.022 -1.383  2.850   1.00 18.15 ? 68  LEU A CD1 1 
ATOM   527  C  CD2 . LEU A 1 68  ? -10.756 -2.937  0.893   1.00 19.02 ? 68  LEU A CD2 1 
ATOM   528  N  N   . VAL A 1 69  ? -8.139  -6.119  3.374   1.00 16.95 ? 69  VAL A N   1 
ATOM   529  C  CA  . VAL A 1 69  ? -6.997  -6.660  4.101   1.00 14.91 ? 69  VAL A CA  1 
ATOM   530  C  C   . VAL A 1 69  ? -5.841  -5.727  3.804   1.00 15.19 ? 69  VAL A C   1 
ATOM   531  O  O   . VAL A 1 69  ? -5.717  -5.204  2.688   1.00 16.04 ? 69  VAL A O   1 
ATOM   532  C  CB  . VAL A 1 69  ? -6.652  -8.104  3.689   1.00 14.13 ? 69  VAL A CB  1 
ATOM   533  C  CG1 . VAL A 1 69  ? -7.786  -9.025  4.104   1.00 11.07 ? 69  VAL A CG1 1 
ATOM   534  C  CG2 . VAL A 1 69  ? -6.376  -8.186  2.206   1.00 10.94 ? 69  VAL A CG2 1 
ATOM   535  N  N   . VAL A 1 70  ? -4.994  -5.510  4.802   1.00 13.96 ? 70  VAL A N   1 
ATOM   536  C  CA  . VAL A 1 70  ? -3.897  -4.568  4.647   1.00 12.24 ? 70  VAL A CA  1 
ATOM   537  C  C   . VAL A 1 70  ? -2.523  -5.084  5.042   1.00 14.18 ? 70  VAL A C   1 
ATOM   538  O  O   . VAL A 1 70  ? -2.395  -5.946  5.919   1.00 16.11 ? 70  VAL A O   1 
ATOM   539  C  CB  . VAL A 1 70  ? -4.202  -3.287  5.465   1.00 9.01  ? 70  VAL A CB  1 
ATOM   540  C  CG1 . VAL A 1 70  ? -4.231  -3.612  6.944   1.00 6.46  ? 70  VAL A CG1 1 
ATOM   541  C  CG2 . VAL A 1 70  ? -3.180  -2.205  5.165   1.00 10.59 ? 70  VAL A CG2 1 
ATOM   542  N  N   . SER A 1 71  ? -1.494  -4.544  4.391   1.00 15.19 ? 71  SER A N   1 
ATOM   543  C  CA  . SER A 1 71  ? -0.112  -4.921  4.690   1.00 17.77 ? 71  SER A CA  1 
ATOM   544  C  C   . SER A 1 71  ? 0.650   -3.720  5.260   1.00 18.73 ? 71  SER A C   1 
ATOM   545  O  O   . SER A 1 71  ? 0.834   -2.700  4.594   1.00 19.96 ? 71  SER A O   1 
ATOM   546  C  CB  . SER A 1 71  ? 0.593   -5.430  3.430   1.00 16.24 ? 71  SER A CB  1 
ATOM   547  O  OG  . SER A 1 71  ? 1.856   -5.970  3.763   1.00 14.56 ? 71  SER A OG  1 
ATOM   548  N  N   . LEU A 1 72  ? 1.089   -3.840  6.503   1.00 20.47 ? 72  LEU A N   1 
ATOM   549  C  CA  . LEU A 1 72  ? 1.801   -2.749  7.149   1.00 20.77 ? 72  LEU A CA  1 
ATOM   550  C  C   . LEU A 1 72  ? 3.308   -2.944  7.106   1.00 22.76 ? 72  LEU A C   1 
ATOM   551  O  O   . LEU A 1 72  ? 3.823   -4.032  7.370   1.00 19.96 ? 72  LEU A O   1 
ATOM   552  C  CB  . LEU A 1 72  ? 1.334   -2.619  8.597   1.00 20.36 ? 72  LEU A CB  1 
ATOM   553  C  CG  . LEU A 1 72  ? -0.172  -2.441  8.794   1.00 19.19 ? 72  LEU A CG  1 
ATOM   554  C  CD1 . LEU A 1 72  ? -0.514  -2.600  10.245  1.00 19.33 ? 72  LEU A CD1 1 
ATOM   555  C  CD2 . LEU A 1 72  ? -0.597  -1.075  8.300   1.00 17.55 ? 72  LEU A CD2 1 
ATOM   556  N  N   . LYS A 1 73  ? 4.011   -1.874  6.759   1.00 24.75 ? 73  LYS A N   1 
ATOM   557  C  CA  . LYS A 1 73  ? 5.459   -1.918  6.689   1.00 27.56 ? 73  LYS A CA  1 
ATOM   558  C  C   . LYS A 1 73  ? 5.972   -2.453  8.027   1.00 28.23 ? 73  LYS A C   1 
ATOM   559  O  O   . LYS A 1 73  ? 5.513   -2.018  9.082   1.00 27.58 ? 73  LYS A O   1 
ATOM   560  C  CB  . LYS A 1 73  ? 5.996   -0.514  6.429   1.00 27.38 ? 73  LYS A CB  1 
ATOM   561  C  CG  . LYS A 1 73  ? 7.491   -0.436  6.237   1.00 30.22 ? 73  LYS A CG  1 
ATOM   562  C  CD  . LYS A 1 73  ? 7.928   0.979   5.908   1.00 31.98 ? 73  LYS A CD  1 
ATOM   563  C  CE  . LYS A 1 73  ? 9.420   1.039   5.641   1.00 33.65 ? 73  LYS A CE  1 
ATOM   564  N  NZ  . LYS A 1 73  ? 9.815   2.333   5.014   1.00 37.85 ? 73  LYS A NZ  1 
ATOM   565  N  N   . GLY A 1 74  ? 6.892   -3.415  7.981   1.00 28.52 ? 74  GLY A N   1 
ATOM   566  C  CA  . GLY A 1 74  ? 7.442   -3.968  9.213   1.00 30.26 ? 74  GLY A CA  1 
ATOM   567  C  C   . GLY A 1 74  ? 6.664   -5.094  9.886   1.00 30.09 ? 74  GLY A C   1 
ATOM   568  O  O   . GLY A 1 74  ? 7.115   -5.650  10.886  1.00 31.18 ? 74  GLY A O   1 
ATOM   569  N  N   . VAL A 1 75  ? 5.489   -5.417  9.360   1.00 30.16 ? 75  VAL A N   1 
ATOM   570  C  CA  . VAL A 1 75  ? 4.680   -6.500  9.914   1.00 30.60 ? 75  VAL A CA  1 
ATOM   571  C  C   . VAL A 1 75  ? 4.638   -7.543  8.810   1.00 31.62 ? 75  VAL A C   1 
ATOM   572  O  O   . VAL A 1 75  ? 3.904   -7.398  7.829   1.00 31.73 ? 75  VAL A O   1 
ATOM   573  C  CB  . VAL A 1 75  ? 3.252   -6.035  10.243  1.00 28.60 ? 75  VAL A CB  1 
ATOM   574  C  CG1 . VAL A 1 75  ? 2.499   -7.148  10.946  1.00 27.15 ? 75  VAL A CG1 1 
ATOM   575  C  CG2 . VAL A 1 75  ? 3.294   -4.791  11.108  1.00 26.75 ? 75  VAL A CG2 1 
ATOM   576  N  N   . SER A 1 76  ? 5.422   -8.602  8.979   1.00 33.33 ? 76  SER A N   1 
ATOM   577  C  CA  . SER A 1 76  ? 5.529   -9.626  7.951   1.00 34.96 ? 76  SER A CA  1 
ATOM   578  C  C   . SER A 1 76  ? 5.176   -11.055 8.328   1.00 35.57 ? 76  SER A C   1 
ATOM   579  O  O   . SER A 1 76  ? 5.286   -11.950 7.493   1.00 35.48 ? 76  SER A O   1 
ATOM   580  C  CB  . SER A 1 76  ? 6.952   -9.603  7.406   1.00 36.05 ? 76  SER A CB  1 
ATOM   581  O  OG  . SER A 1 76  ? 7.877   -9.753  8.474   1.00 38.83 ? 76  SER A OG  1 
ATOM   582  N  N   . ASP A 1 77  ? 4.765   -11.290 9.566   1.00 36.15 ? 77  ASP A N   1 
ATOM   583  C  CA  . ASP A 1 77  ? 4.433   -12.648 9.962   1.00 37.84 ? 77  ASP A CA  1 
ATOM   584  C  C   . ASP A 1 77  ? 3.123   -12.733 10.725  1.00 37.58 ? 77  ASP A C   1 
ATOM   585  O  O   . ASP A 1 77  ? 2.526   -11.715 11.070  1.00 36.96 ? 77  ASP A O   1 
ATOM   586  C  CB  . ASP A 1 77  ? 5.579   -13.245 10.784  1.00 41.10 ? 77  ASP A CB  1 
ATOM   587  C  CG  . ASP A 1 77  ? 5.876   -12.450 12.038  1.00 43.07 ? 77  ASP A CG  1 
ATOM   588  O  OD1 . ASP A 1 77  ? 5.102   -12.556 13.008  1.00 43.90 ? 77  ASP A OD1 1 
ATOM   589  O  OD2 . ASP A 1 77  ? 6.885   -11.712 12.052  1.00 46.67 ? 77  ASP A OD2 1 
ATOM   590  N  N   . ARG A 1 78  ? 2.671   -13.956 10.979  1.00 37.07 ? 78  ARG A N   1 
ATOM   591  C  CA  . ARG A 1 78  ? 1.418   -14.178 11.682  1.00 37.28 ? 78  ARG A CA  1 
ATOM   592  C  C   . ARG A 1 78  ? 1.425   -13.599 13.091  1.00 38.70 ? 78  ARG A C   1 
ATOM   593  O  O   . ARG A 1 78  ? 0.440   -13.001 13.528  1.00 40.39 ? 78  ARG A O   1 
ATOM   594  C  CB  . ARG A 1 78  ? 1.118   -15.671 11.757  1.00 35.64 ? 78  ARG A CB  1 
ATOM   595  C  CG  . ARG A 1 78  ? -0.219  -16.006 12.406  1.00 35.52 ? 78  ARG A CG  1 
ATOM   596  C  CD  . ARG A 1 78  ? -1.350  -15.947 11.407  1.00 33.70 ? 78  ARG A CD  1 
ATOM   597  N  NE  . ARG A 1 78  ? -2.632  -16.312 12.003  1.00 34.28 ? 78  ARG A NE  1 
ATOM   598  C  CZ  . ARG A 1 78  ? -3.755  -16.495 11.307  1.00 33.33 ? 78  ARG A CZ  1 
ATOM   599  N  NH1 . ARG A 1 78  ? -3.756  -16.354 9.987   1.00 29.85 ? 78  ARG A NH1 1 
ATOM   600  N  NH2 . ARG A 1 78  ? -4.887  -16.796 11.931  1.00 32.79 ? 78  ARG A NH2 1 
ATOM   601  N  N   . THR A 1 79  ? 2.532   -13.769 13.805  1.00 39.13 ? 79  THR A N   1 
ATOM   602  C  CA  . THR A 1 79  ? 2.626   -13.268 15.174  1.00 38.94 ? 79  THR A CA  1 
ATOM   603  C  C   . THR A 1 79  ? 2.581   -11.742 15.241  1.00 38.63 ? 79  THR A C   1 
ATOM   604  O  O   . THR A 1 79  ? 2.033   -11.163 16.182  1.00 39.94 ? 79  THR A O   1 
ATOM   605  C  CB  . THR A 1 79  ? 3.918   -13.748 15.846  1.00 38.62 ? 79  THR A CB  1 
ATOM   606  O  OG1 . THR A 1 79  ? 4.131   -15.132 15.545  1.00 38.87 ? 79  THR A OG1 1 
ATOM   607  C  CG2 . THR A 1 79  ? 3.812   -13.582 17.348  1.00 39.05 ? 79  THR A CG2 1 
ATOM   608  N  N   . GLY A 1 80  ? 3.165   -11.099 14.238  1.00 38.16 ? 80  GLY A N   1 
ATOM   609  C  CA  . GLY A 1 80  ? 3.182   -9.652  14.192  1.00 38.75 ? 80  GLY A CA  1 
ATOM   610  C  C   . GLY A 1 80  ? 1.801   -9.089  13.929  1.00 40.01 ? 80  GLY A C   1 
ATOM   611  O  O   . GLY A 1 80  ? 1.509   -7.955  14.295  1.00 39.97 ? 80  GLY A O   1 
ATOM   612  N  N   . ALA A 1 81  ? 0.945   -9.878  13.290  1.00 39.99 ? 81  ALA A N   1 
ATOM   613  C  CA  . ALA A 1 81  ? -0.413  -9.433  13.004  1.00 41.36 ? 81  ALA A CA  1 
ATOM   614  C  C   . ALA A 1 81  ? -1.332  -9.658  14.208  1.00 42.16 ? 81  ALA A C   1 
ATOM   615  O  O   . ALA A 1 81  ? -2.154  -8.807  14.542  1.00 42.59 ? 81  ALA A O   1 
ATOM   616  C  CB  . ALA A 1 81  ? -0.957  -10.169 11.792  1.00 41.14 ? 81  ALA A CB  1 
ATOM   617  N  N   . GLU A 1 82  ? -1.182  -10.803 14.867  1.00 42.77 ? 82  GLU A N   1 
ATOM   618  C  CA  . GLU A 1 82  ? -2.013  -11.124 16.021  1.00 42.26 ? 82  GLU A CA  1 
ATOM   619  C  C   . GLU A 1 82  ? -1.822  -10.164 17.192  1.00 40.87 ? 82  GLU A C   1 
ATOM   620  O  O   . GLU A 1 82  ? -2.713  -10.007 18.023  1.00 39.76 ? 82  GLU A O   1 
ATOM   621  C  CB  . GLU A 1 82  ? -1.742  -12.555 16.488  1.00 42.95 ? 82  GLU A CB  1 
ATOM   622  C  CG  . GLU A 1 82  ? -1.965  -13.603 15.413  1.00 46.37 ? 82  GLU A CG  1 
ATOM   623  C  CD  . GLU A 1 82  ? -1.966  -15.018 15.962  1.00 48.80 ? 82  GLU A CD  1 
ATOM   624  O  OE1 . GLU A 1 82  ? -1.026  -15.379 16.707  1.00 49.22 ? 82  GLU A OE1 1 
ATOM   625  O  OE2 . GLU A 1 82  ? -2.911  -15.774 15.642  1.00 49.92 ? 82  GLU A OE2 1 
ATOM   626  N  N   . SER A 1 83  ? -0.662  -9.525  17.266  1.00 39.44 ? 83  SER A N   1 
ATOM   627  C  CA  . SER A 1 83  ? -0.407  -8.595  18.361  1.00 38.76 ? 83  SER A CA  1 
ATOM   628  C  C   . SER A 1 83  ? -0.938  -7.199  18.047  1.00 36.88 ? 83  SER A C   1 
ATOM   629  O  O   . SER A 1 83  ? -0.767  -6.267  18.833  1.00 37.54 ? 83  SER A O   1 
ATOM   630  C  CB  . SER A 1 83  ? 1.090   -8.523  18.657  1.00 38.09 ? 83  SER A CB  1 
ATOM   631  O  OG  . SER A 1 83  ? 1.787   -8.064  17.516  1.00 40.69 ? 83  SER A OG  1 
ATOM   632  N  N   . LEU A 1 84  ? -1.578  -7.052  16.895  1.00 33.72 ? 84  LEU A N   1 
ATOM   633  C  CA  . LEU A 1 84  ? -2.138  -5.766  16.517  1.00 31.68 ? 84  LEU A CA  1 
ATOM   634  C  C   . LEU A 1 84  ? -3.638  -5.912  16.391  1.00 31.36 ? 84  LEU A C   1 
ATOM   635  O  O   . LEU A 1 84  ? -4.374  -4.929  16.418  1.00 32.57 ? 84  LEU A O   1 
ATOM   636  C  CB  . LEU A 1 84  ? -1.550  -5.287  15.194  1.00 29.37 ? 84  LEU A CB  1 
ATOM   637  C  CG  . LEU A 1 84  ? -0.050  -4.987  15.188  1.00 28.49 ? 84  LEU A CG  1 
ATOM   638  C  CD1 . LEU A 1 84  ? 0.346   -4.489  13.808  1.00 28.49 ? 84  LEU A CD1 1 
ATOM   639  C  CD2 . LEU A 1 84  ? 0.284   -3.937  16.238  1.00 28.08 ? 84  LEU A CD2 1 
ATOM   640  N  N   . VAL A 1 85  ? -4.087  -7.153  16.262  1.00 29.75 ? 85  VAL A N   1 
ATOM   641  C  CA  . VAL A 1 85  ? -5.507  -7.444  16.128  1.00 30.31 ? 85  VAL A CA  1 
ATOM   642  C  C   . VAL A 1 85  ? -6.406  -6.611  17.030  1.00 31.22 ? 85  VAL A C   1 
ATOM   643  O  O   . VAL A 1 85  ? -6.218  -6.579  18.241  1.00 32.31 ? 85  VAL A O   1 
ATOM   644  C  CB  . VAL A 1 85  ? -5.800  -8.919  16.435  1.00 28.99 ? 85  VAL A CB  1 
ATOM   645  C  CG1 . VAL A 1 85  ? -7.301  -9.139  16.520  1.00 26.73 ? 85  VAL A CG1 1 
ATOM   646  C  CG2 . VAL A 1 85  ? -5.186  -9.800  15.359  1.00 29.27 ? 85  VAL A CG2 1 
ATOM   647  N  N   . ALA A 1 86  ? -7.384  -5.953  16.419  1.00 30.91 ? 86  ALA A N   1 
ATOM   648  C  CA  . ALA A 1 86  ? -8.369  -5.142  17.131  1.00 31.31 ? 86  ALA A CA  1 
ATOM   649  C  C   . ALA A 1 86  ? -7.915  -3.779  17.628  1.00 31.71 ? 86  ALA A C   1 
ATOM   650  O  O   . ALA A 1 86  ? -8.612  -3.147  18.418  1.00 33.05 ? 86  ALA A O   1 
ATOM   651  C  CB  . ALA A 1 86  ? -8.952  -5.942  18.291  1.00 33.92 ? 86  ALA A CB  1 
ATOM   652  N  N   . SER A 1 87  ? -6.760  -3.307  17.180  1.00 31.08 ? 87  SER A N   1 
ATOM   653  C  CA  . SER A 1 87  ? -6.306  -2.002  17.630  1.00 30.14 ? 87  SER A CA  1 
ATOM   654  C  C   . SER A 1 87  ? -6.919  -0.925  16.739  1.00 28.40 ? 87  SER A C   1 
ATOM   655  O  O   . SER A 1 87  ? -7.112  -1.128  15.540  1.00 28.95 ? 87  SER A O   1 
ATOM   656  C  CB  . SER A 1 87  ? -4.780  -1.927  17.598  1.00 31.06 ? 87  SER A CB  1 
ATOM   657  O  OG  . SER A 1 87  ? -4.286  -2.130  16.285  1.00 37.09 ? 87  SER A OG  1 
ATOM   658  N  N   . ASN A 1 88  ? -7.234  0.220   17.334  1.00 28.54 ? 88  ASN A N   1 
ATOM   659  C  CA  . ASN A 1 88  ? -7.840  1.313   16.592  1.00 25.63 ? 88  ASN A CA  1 
ATOM   660  C  C   . ASN A 1 88  ? -6.820  2.142   15.817  1.00 22.83 ? 88  ASN A C   1 
ATOM   661  O  O   . ASN A 1 88  ? -5.670  2.279   16.225  1.00 22.11 ? 88  ASN A O   1 
ATOM   662  C  CB  . ASN A 1 88  ? -8.649  2.179   17.545  1.00 25.86 ? 88  ASN A CB  1 
ATOM   663  C  CG  . ASN A 1 88  ? -9.696  1.372   18.290  1.00 26.66 ? 88  ASN A CG  1 
ATOM   664  O  OD1 . ASN A 1 88  ? -10.391 0.550   17.693  1.00 25.84 ? 88  ASN A OD1 1 
ATOM   665  N  ND2 . ASN A 1 88  ? -9.809  1.594   19.595  1.00 25.03 ? 88  ASN A ND2 1 
ATOM   666  N  N   . ILE A 1 89  ? -7.268  2.682   14.692  1.00 20.01 ? 89  ILE A N   1 
ATOM   667  C  CA  . ILE A 1 89  ? -6.432  3.460   13.791  1.00 16.06 ? 89  ILE A CA  1 
ATOM   668  C  C   . ILE A 1 89  ? -6.840  4.923   13.779  1.00 15.94 ? 89  ILE A C   1 
ATOM   669  O  O   . ILE A 1 89  ? -7.992  5.248   13.506  1.00 13.20 ? 89  ILE A O   1 
ATOM   670  C  CB  . ILE A 1 89  ? -6.562  2.905   12.378  1.00 14.84 ? 89  ILE A CB  1 
ATOM   671  C  CG1 . ILE A 1 89  ? -6.385  1.390   12.415  1.00 10.11 ? 89  ILE A CG1 1 
ATOM   672  C  CG2 . ILE A 1 89  ? -5.547  3.563   11.459  1.00 15.84 ? 89  ILE A CG2 1 
ATOM   673  C  CD1 . ILE A 1 89  ? -6.994  0.697   11.234  1.00 12.85 ? 89  ILE A CD1 1 
ATOM   674  N  N   . TRP A 1 90  ? -5.891  5.809   14.059  1.00 17.06 ? 90  TRP A N   1 
ATOM   675  C  CA  . TRP A 1 90  ? -6.195  7.231   14.095  1.00 19.22 ? 90  TRP A CA  1 
ATOM   676  C  C   . TRP A 1 90  ? -5.295  8.036   13.200  1.00 21.76 ? 90  TRP A C   1 
ATOM   677  O  O   . TRP A 1 90  ? -4.243  7.566   12.766  1.00 23.67 ? 90  TRP A O   1 
ATOM   678  C  CB  . TRP A 1 90  ? -6.054  7.786   15.515  1.00 19.46 ? 90  TRP A CB  1 
ATOM   679  C  CG  . TRP A 1 90  ? -6.813  7.053   16.566  1.00 20.12 ? 90  TRP A CG  1 
ATOM   680  C  CD1 . TRP A 1 90  ? -6.556  5.804   17.041  1.00 20.65 ? 90  TRP A CD1 1 
ATOM   681  C  CD2 . TRP A 1 90  ? -7.923  7.549   17.319  1.00 20.16 ? 90  TRP A CD2 1 
ATOM   682  N  NE1 . TRP A 1 90  ? -7.433  5.489   18.053  1.00 22.12 ? 90  TRP A NE1 1 
ATOM   683  C  CE2 . TRP A 1 90  ? -8.285  6.543   18.242  1.00 20.75 ? 90  TRP A CE2 1 
ATOM   684  C  CE3 . TRP A 1 90  ? -8.650  8.748   17.305  1.00 21.66 ? 90  TRP A CE3 1 
ATOM   685  C  CZ2 . TRP A 1 90  ? -9.344  6.697   19.146  1.00 20.47 ? 90  TRP A CZ2 1 
ATOM   686  C  CZ3 . TRP A 1 90  ? -9.708  8.903   18.208  1.00 22.18 ? 90  TRP A CZ3 1 
ATOM   687  C  CH2 . TRP A 1 90  ? -10.041 7.879   19.114  1.00 19.77 ? 90  TRP A CH2 1 
ATOM   688  N  N   . ILE A 1 91  ? -5.722  9.268   12.949  1.00 22.59 ? 91  ILE A N   1 
ATOM   689  C  CA  . ILE A 1 91  ? -4.970  10.223  12.148  1.00 23.89 ? 91  ILE A CA  1 
ATOM   690  C  C   . ILE A 1 91  ? -5.115  11.568  12.851  1.00 24.57 ? 91  ILE A C   1 
ATOM   691  O  O   . ILE A 1 91  ? -6.059  11.777  13.613  1.00 23.90 ? 91  ILE A O   1 
ATOM   692  C  CB  . ILE A 1 91  ? -5.526  10.372  10.704  1.00 23.69 ? 91  ILE A CB  1 
ATOM   693  C  CG1 . ILE A 1 91  ? -6.986  10.843  10.743  1.00 21.11 ? 91  ILE A CG1 1 
ATOM   694  C  CG2 . ILE A 1 91  ? -5.368  9.068   9.952   1.00 24.21 ? 91  ILE A CG2 1 
ATOM   695  C  CD1 . ILE A 1 91  ? -7.493  11.399  9.410   1.00 19.80 ? 91  ILE A CD1 1 
ATOM   696  N  N   . ALA A 1 92  ? -4.181  12.476  12.600  1.00 25.01 ? 92  ALA A N   1 
ATOM   697  C  CA  . ALA A 1 92  ? -4.240  13.789  13.220  1.00 26.20 ? 92  ALA A CA  1 
ATOM   698  C  C   . ALA A 1 92  ? -5.436  14.540  12.663  1.00 26.55 ? 92  ALA A C   1 
ATOM   699  O  O   . ALA A 1 92  ? -5.824  14.346  11.510  1.00 24.90 ? 92  ALA A O   1 
ATOM   700  C  CB  . ALA A 1 92  ? -2.959  14.565  12.947  1.00 26.27 ? 92  ALA A CB  1 
ATOM   701  N  N   . LYS A 1 93  ? -6.014  15.394  13.496  1.00 27.47 ? 93  LYS A N   1 
ATOM   702  C  CA  . LYS A 1 93  ? -7.170  16.191  13.122  1.00 30.29 ? 93  LYS A CA  1 
ATOM   703  C  C   . LYS A 1 93  ? -6.915  16.996  11.847  1.00 31.58 ? 93  LYS A C   1 
ATOM   704  O  O   . LYS A 1 93  ? -7.817  17.191  11.025  1.00 31.85 ? 93  LYS A O   1 
ATOM   705  C  CB  . LYS A 1 93  ? -7.516  17.116  14.289  1.00 30.90 ? 93  LYS A CB  1 
ATOM   706  C  CG  . LYS A 1 93  ? -8.601  18.140  14.037  1.00 31.66 ? 93  LYS A CG  1 
ATOM   707  C  CD  . LYS A 1 93  ? -9.037  18.753  15.373  1.00 34.90 ? 93  LYS A CD  1 
ATOM   708  C  CE  . LYS A 1 93  ? -9.046  20.268  15.344  1.00 33.67 ? 93  LYS A CE  1 
ATOM   709  N  NZ  . LYS A 1 93  ? -7.677  20.795  15.139  1.00 34.21 ? 93  LYS A NZ  1 
ATOM   710  N  N   . SER A 1 94  ? -5.674  17.438  11.675  1.00 31.71 ? 94  SER A N   1 
ATOM   711  C  CA  . SER A 1 94  ? -5.307  18.244  10.519  1.00 33.01 ? 94  SER A CA  1 
ATOM   712  C  C   . SER A 1 94  ? -4.521  17.485  9.457   1.00 32.19 ? 94  SER A C   1 
ATOM   713  O  O   . SER A 1 94  ? -3.785  18.096  8.678   1.00 31.84 ? 94  SER A O   1 
ATOM   714  C  CB  . SER A 1 94  ? -4.476  19.437  10.974  1.00 33.61 ? 94  SER A CB  1 
ATOM   715  O  OG  . SER A 1 94  ? -3.199  18.990  11.403  1.00 37.69 ? 94  SER A OG  1 
ATOM   716  N  N   . GLN A 1 95  ? -4.675  16.166  9.423   1.00 31.17 ? 95  GLN A N   1 
ATOM   717  C  CA  . GLN A 1 95  ? -3.959  15.334  8.455   1.00 29.62 ? 95  GLN A CA  1 
ATOM   718  C  C   . GLN A 1 95  ? -4.727  15.163  7.150   1.00 29.86 ? 95  GLN A C   1 
ATOM   719  O  O   . GLN A 1 95  ? -5.787  14.538  7.104   1.00 28.97 ? 95  GLN A O   1 
ATOM   720  C  CB  . GLN A 1 95  ? -3.676  13.967  9.060   1.00 28.68 ? 95  GLN A CB  1 
ATOM   721  C  CG  . GLN A 1 95  ? -2.628  13.164  8.351   1.00 26.97 ? 95  GLN A CG  1 
ATOM   722  C  CD  . GLN A 1 95  ? -2.294  11.908  9.117   1.00 26.26 ? 95  GLN A CD  1 
ATOM   723  O  OE1 . GLN A 1 95  ? -2.322  11.907  10.344  1.00 28.90 ? 95  GLN A OE1 1 
ATOM   724  N  NE2 . GLN A 1 95  ? -1.962  10.838  8.407   1.00 25.89 ? 95  GLN A NE2 1 
ATOM   725  N  N   . LEU A 1 96  ? -4.187  15.723  6.081   1.00 31.24 ? 96  LEU A N   1 
ATOM   726  C  CA  . LEU A 1 96  ? -4.832  15.609  4.794   1.00 33.70 ? 96  LEU A CA  1 
ATOM   727  C  C   . LEU A 1 96  ? -4.367  14.323  4.127   1.00 34.41 ? 96  LEU A C   1 
ATOM   728  O  O   . LEU A 1 96  ? -3.241  13.874  4.343   1.00 34.31 ? 96  LEU A O   1 
ATOM   729  C  CB  . LEU A 1 96  ? -4.490  16.822  3.926   1.00 35.13 ? 96  LEU A CB  1 
ATOM   730  C  CG  . LEU A 1 96  ? -4.933  18.180  4.492   1.00 36.72 ? 96  LEU A CG  1 
ATOM   731  C  CD1 . LEU A 1 96  ? -3.848  18.742  5.402   1.00 36.95 ? 96  LEU A CD1 1 
ATOM   732  C  CD2 . LEU A 1 96  ? -5.193  19.148  3.352   1.00 35.48 ? 96  LEU A CD2 1 
ATOM   733  N  N   . PRO A 1 97  ? -5.238  13.695  3.326   1.00 34.68 ? 97  PRO A N   1 
ATOM   734  C  CA  . PRO A 1 97  ? -4.860  12.456  2.649   1.00 35.20 ? 97  PRO A CA  1 
ATOM   735  C  C   . PRO A 1 97  ? -3.867  12.755  1.534   1.00 35.75 ? 97  PRO A C   1 
ATOM   736  O  O   . PRO A 1 97  ? -3.987  13.767  0.843   1.00 36.43 ? 97  PRO A O   1 
ATOM   737  C  CB  . PRO A 1 97  ? -6.188  11.935  2.128   1.00 35.68 ? 97  PRO A CB  1 
ATOM   738  C  CG  . PRO A 1 97  ? -6.922  13.193  1.806   1.00 36.24 ? 97  PRO A CG  1 
ATOM   739  C  CD  . PRO A 1 97  ? -6.624  14.070  2.999   1.00 36.09 ? 97  PRO A CD  1 
ATOM   740  N  N   . LYS A 1 98  ? -2.887  11.876  1.360   1.00 35.03 ? 98  LYS A N   1 
ATOM   741  C  CA  . LYS A 1 98  ? -1.871  12.069  0.346   1.00 33.83 ? 98  LYS A CA  1 
ATOM   742  C  C   . LYS A 1 98  ? -1.567  10.795  -0.435  1.00 31.56 ? 98  LYS A C   1 
ATOM   743  O  O   . LYS A 1 98  ? -0.612  10.081  -0.127  1.00 32.32 ? 98  LYS A O   1 
ATOM   744  C  CB  . LYS A 1 98  ? -0.582  12.593  0.995   1.00 37.19 ? 98  LYS A CB  1 
ATOM   745  C  CG  . LYS A 1 98  ? -0.710  13.971  1.647   1.00 42.97 ? 98  LYS A CG  1 
ATOM   746  C  CD  . LYS A 1 98  ? 0.594   14.416  2.312   1.00 47.49 ? 98  LYS A CD  1 
ATOM   747  C  CE  . LYS A 1 98  ? 0.950   13.538  3.515   1.00 51.18 ? 98  LYS A CE  1 
ATOM   748  N  NZ  . LYS A 1 98  ? 2.221   13.958  4.190   1.00 51.18 ? 98  LYS A NZ  1 
ATOM   749  N  N   . ALA A 1 99  ? -2.384  10.511  -1.446  1.00 27.72 ? 99  ALA A N   1 
ATOM   750  C  CA  . ALA A 1 99  ? -2.164  9.339   -2.283  1.00 24.91 ? 99  ALA A CA  1 
ATOM   751  C  C   . ALA A 1 99  ? -0.879  9.569   -3.069  1.00 23.54 ? 99  ALA A C   1 
ATOM   752  O  O   . ALA A 1 99  ? -0.708  10.609  -3.704  1.00 22.59 ? 99  ALA A O   1 
ATOM   753  C  CB  . ALA A 1 99  ? -3.325  9.143   -3.236  1.00 23.72 ? 99  ALA A CB  1 
ATOM   754  N  N   . ASP A 1 100 ? 0.024   8.599   -3.031  1.00 22.14 ? 100 ASP A N   1 
ATOM   755  C  CA  . ASP A 1 100 ? 1.284   8.734   -3.739  1.00 20.60 ? 100 ASP A CA  1 
ATOM   756  C  C   . ASP A 1 100 ? 1.158   9.004   -5.240  1.00 21.22 ? 100 ASP A C   1 
ATOM   757  O  O   . ASP A 1 100 ? 2.042   9.625   -5.832  1.00 21.68 ? 100 ASP A O   1 
ATOM   758  C  CB  . ASP A 1 100 ? 2.156   7.502   -3.492  1.00 17.13 ? 100 ASP A CB  1 
ATOM   759  C  CG  . ASP A 1 100 ? 2.758   7.488   -2.098  1.00 16.95 ? 100 ASP A CG  1 
ATOM   760  O  OD1 . ASP A 1 100 ? 2.755   8.552   -1.445  1.00 16.14 ? 100 ASP A OD1 1 
ATOM   761  O  OD2 . ASP A 1 100 ? 3.247   6.422   -1.656  1.00 16.95 ? 100 ASP A OD2 1 
ATOM   762  N  N   . VAL A 1 101 ? 0.078   8.555   -5.870  1.00 21.84 ? 101 VAL A N   1 
ATOM   763  C  CA  . VAL A 1 101 ? -0.059  8.804   -7.301  1.00 24.37 ? 101 VAL A CA  1 
ATOM   764  C  C   . VAL A 1 101 ? -0.107  10.291  -7.569  1.00 25.68 ? 101 VAL A C   1 
ATOM   765  O  O   . VAL A 1 101 ? 0.458   10.775  -8.549  1.00 27.03 ? 101 VAL A O   1 
ATOM   766  C  CB  . VAL A 1 101 ? -1.323  8.157   -7.890  1.00 25.10 ? 101 VAL A CB  1 
ATOM   767  C  CG1 . VAL A 1 101 ? -1.133  6.650   -7.970  1.00 24.33 ? 101 VAL A CG1 1 
ATOM   768  C  CG2 . VAL A 1 101 ? -2.527  8.501   -7.043  1.00 22.63 ? 101 VAL A CG2 1 
ATOM   769  N  N   . ASP A 1 102 ? -0.766  11.015  -6.673  1.00 27.69 ? 102 ASP A N   1 
ATOM   770  C  CA  . ASP A 1 102 ? -0.907  12.458  -6.799  1.00 28.49 ? 102 ASP A CA  1 
ATOM   771  C  C   . ASP A 1 102 ? 0.360   13.203  -6.403  1.00 28.58 ? 102 ASP A C   1 
ATOM   772  O  O   . ASP A 1 102 ? 0.586   14.319  -6.868  1.00 31.23 ? 102 ASP A O   1 
ATOM   773  C  CB  . ASP A 1 102 ? -2.051  12.970  -5.913  1.00 30.56 ? 102 ASP A CB  1 
ATOM   774  C  CG  . ASP A 1 102 ? -3.402  12.375  -6.277  1.00 33.43 ? 102 ASP A CG  1 
ATOM   775  O  OD1 . ASP A 1 102 ? -3.786  12.427  -7.469  1.00 33.60 ? 102 ASP A OD1 1 
ATOM   776  O  OD2 . ASP A 1 102 ? -4.085  11.865  -5.362  1.00 34.55 ? 102 ASP A OD2 1 
ATOM   777  N  N   . GLU A 1 103 ? 1.180   12.595  -5.552  1.00 26.40 ? 103 GLU A N   1 
ATOM   778  C  CA  . GLU A 1 103 ? 2.392   13.247  -5.068  1.00 25.68 ? 103 GLU A CA  1 
ATOM   779  C  C   . GLU A 1 103 ? 3.687   12.966  -5.831  1.00 24.45 ? 103 GLU A C   1 
ATOM   780  O  O   . GLU A 1 103 ? 4.720   13.567  -5.528  1.00 23.50 ? 103 GLU A O   1 
ATOM   781  C  CB  . GLU A 1 103 ? 2.623   12.898  -3.593  1.00 27.94 ? 103 GLU A CB  1 
ATOM   782  C  CG  . GLU A 1 103 ? 1.530   13.322  -2.625  1.00 33.27 ? 103 GLU A CG  1 
ATOM   783  C  CD  . GLU A 1 103 ? 1.281   14.818  -2.632  1.00 37.93 ? 103 GLU A CD  1 
ATOM   784  O  OE1 . GLU A 1 103 ? 2.272   15.588  -2.632  1.00 38.86 ? 103 GLU A OE1 1 
ATOM   785  O  OE2 . GLU A 1 103 ? 0.096   15.223  -2.633  1.00 39.22 ? 103 GLU A OE2 1 
ATOM   786  N  N   . TYR A 1 104 ? 3.653   12.064  -6.806  1.00 22.38 ? 104 TYR A N   1 
ATOM   787  C  CA  . TYR A 1 104 ? 4.869   11.726  -7.540  1.00 20.99 ? 104 TYR A CA  1 
ATOM   788  C  C   . TYR A 1 104 ? 4.767   11.876  -9.048  1.00 21.84 ? 104 TYR A C   1 
ATOM   789  O  O   . TYR A 1 104 ? 3.689   11.744  -9.629  1.00 23.45 ? 104 TYR A O   1 
ATOM   790  C  CB  . TYR A 1 104 ? 5.291   10.298  -7.205  1.00 19.73 ? 104 TYR A CB  1 
ATOM   791  C  CG  . TYR A 1 104 ? 5.813   10.140  -5.803  1.00 19.99 ? 104 TYR A CG  1 
ATOM   792  C  CD1 . TYR A 1 104 ? 7.147   10.417  -5.497  1.00 19.87 ? 104 TYR A CD1 1 
ATOM   793  C  CD2 . TYR A 1 104 ? 4.975   9.750   -4.769  1.00 19.24 ? 104 TYR A CD2 1 
ATOM   794  C  CE1 . TYR A 1 104 ? 7.629   10.307  -4.200  1.00 16.86 ? 104 TYR A CE1 1 
ATOM   795  C  CE2 . TYR A 1 104 ? 5.451   9.639   -3.466  1.00 19.76 ? 104 TYR A CE2 1 
ATOM   796  C  CZ  . TYR A 1 104 ? 6.777   9.919   -3.189  1.00 18.10 ? 104 TYR A CZ  1 
ATOM   797  O  OH  . TYR A 1 104 ? 7.241   9.814   -1.896  1.00 20.01 ? 104 TYR A OH  1 
ATOM   798  N  N   . TYR A 1 105 ? 5.898   12.169  -9.681  1.00 21.32 ? 105 TYR A N   1 
ATOM   799  C  CA  . TYR A 1 105 ? 5.935   12.317  -11.132 1.00 21.39 ? 105 TYR A CA  1 
ATOM   800  C  C   . TYR A 1 105 ? 7.091   11.509  -11.672 1.00 21.51 ? 105 TYR A C   1 
ATOM   801  O  O   . TYR A 1 105 ? 7.989   11.127  -10.920 1.00 21.33 ? 105 TYR A O   1 
ATOM   802  C  CB  . TYR A 1 105 ? 6.071   13.784  -11.538 1.00 19.99 ? 105 TYR A CB  1 
ATOM   803  C  CG  . TYR A 1 105 ? 4.884   14.611  -11.103 1.00 19.79 ? 105 TYR A CG  1 
ATOM   804  C  CD1 . TYR A 1 105 ? 4.738   14.997  -9.773  1.00 20.17 ? 105 TYR A CD1 1 
ATOM   805  C  CD2 . TYR A 1 105 ? 3.887   14.972  -12.007 1.00 19.07 ? 105 TYR A CD2 1 
ATOM   806  C  CE1 . TYR A 1 105 ? 3.633   15.718  -9.348  1.00 21.23 ? 105 TYR A CE1 1 
ATOM   807  C  CE2 . TYR A 1 105 ? 2.771   15.697  -11.591 1.00 21.61 ? 105 TYR A CE2 1 
ATOM   808  C  CZ  . TYR A 1 105 ? 2.652   16.063  -10.257 1.00 20.96 ? 105 TYR A CZ  1 
ATOM   809  O  OH  . TYR A 1 105 ? 1.554   16.748  -9.811  1.00 24.36 ? 105 TYR A OH  1 
ATOM   810  N  N   . TRP A 1 106 ? 7.082   11.248  -12.974 1.00 22.57 ? 106 TRP A N   1 
ATOM   811  C  CA  . TRP A 1 106 ? 8.127   10.431  -13.553 1.00 25.38 ? 106 TRP A CA  1 
ATOM   812  C  C   . TRP A 1 106 ? 9.538   10.759  -13.083 1.00 25.43 ? 106 TRP A C   1 
ATOM   813  O  O   . TRP A 1 106 ? 10.260  9.869   -12.633 1.00 27.07 ? 106 TRP A O   1 
ATOM   814  C  CB  . TRP A 1 106 ? 8.072   10.467  -15.075 1.00 28.75 ? 106 TRP A CB  1 
ATOM   815  C  CG  . TRP A 1 106 ? 8.958   9.429   -15.653 1.00 35.38 ? 106 TRP A CG  1 
ATOM   816  C  CD1 . TRP A 1 106 ? 8.893   8.082   -15.435 1.00 37.86 ? 106 TRP A CD1 1 
ATOM   817  C  CD2 . TRP A 1 106 ? 10.096  9.647   -16.485 1.00 39.04 ? 106 TRP A CD2 1 
ATOM   818  N  NE1 . TRP A 1 106 ? 9.927   7.446   -16.077 1.00 40.20 ? 106 TRP A NE1 1 
ATOM   819  C  CE2 . TRP A 1 106 ? 10.682  8.383   -16.730 1.00 40.57 ? 106 TRP A CE2 1 
ATOM   820  C  CE3 . TRP A 1 106 ? 10.681  10.787  -17.048 1.00 40.42 ? 106 TRP A CE3 1 
ATOM   821  C  CZ2 . TRP A 1 106 ? 11.826  8.226   -17.513 1.00 42.37 ? 106 TRP A CZ2 1 
ATOM   822  C  CZ3 . TRP A 1 106 ? 11.821  10.634  -17.829 1.00 44.59 ? 106 TRP A CZ3 1 
ATOM   823  C  CH2 . TRP A 1 106 ? 12.382  9.360   -18.054 1.00 45.54 ? 106 TRP A CH2 1 
ATOM   824  N  N   . SER A 1 107 ? 9.933   12.024  -13.177 1.00 24.28 ? 107 SER A N   1 
ATOM   825  C  CA  . SER A 1 107 ? 11.271  12.431  -12.758 1.00 23.52 ? 107 SER A CA  1 
ATOM   826  C  C   . SER A 1 107 ? 11.665  11.917  -11.378 1.00 23.11 ? 107 SER A C   1 
ATOM   827  O  O   . SER A 1 107 ? 12.845  11.690  -11.115 1.00 22.39 ? 107 SER A O   1 
ATOM   828  C  CB  . SER A 1 107 ? 11.393  13.955  -12.787 1.00 26.16 ? 107 SER A CB  1 
ATOM   829  O  OG  . SER A 1 107 ? 11.394  14.438  -14.114 1.00 26.00 ? 107 SER A OG  1 
ATOM   830  N  N   . ASP A 1 108 ? 10.684  11.734  -10.498 1.00 22.83 ? 108 ASP A N   1 
ATOM   831  C  CA  . ASP A 1 108 ? 10.958  11.251  -9.140  1.00 22.36 ? 108 ASP A CA  1 
ATOM   832  C  C   . ASP A 1 108 ? 11.107  9.738   -9.101  1.00 22.16 ? 108 ASP A C   1 
ATOM   833  O  O   . ASP A 1 108 ? 11.789  9.190   -8.239  1.00 22.92 ? 108 ASP A O   1 
ATOM   834  C  CB  . ASP A 1 108 ? 9.811   11.592  -8.190  1.00 21.46 ? 108 ASP A CB  1 
ATOM   835  C  CG  . ASP A 1 108 ? 9.383   13.032  -8.263  1.00 19.81 ? 108 ASP A CG  1 
ATOM   836  O  OD1 . ASP A 1 108 ? 10.199  13.916  -7.916  1.00 19.37 ? 108 ASP A OD1 1 
ATOM   837  O  OD2 . ASP A 1 108 ? 8.215   13.269  -8.658  1.00 17.74 ? 108 ASP A OD2 1 
ATOM   838  N  N   . LEU A 1 109 ? 10.457  9.079   -10.049 1.00 22.31 ? 109 LEU A N   1 
ATOM   839  C  CA  . LEU A 1 109 ? 10.415  7.625   -10.114 1.00 23.27 ? 109 LEU A CA  1 
ATOM   840  C  C   . LEU A 1 109 ? 11.468  6.879   -10.934 1.00 24.50 ? 109 LEU A C   1 
ATOM   841  O  O   . LEU A 1 109 ? 11.591  5.667   -10.801 1.00 24.18 ? 109 LEU A O   1 
ATOM   842  C  CB  . LEU A 1 109 ? 9.022   7.221   -10.598 1.00 21.39 ? 109 LEU A CB  1 
ATOM   843  C  CG  . LEU A 1 109 ? 7.938   7.909   -9.765  1.00 18.90 ? 109 LEU A CG  1 
ATOM   844  C  CD1 . LEU A 1 109 ? 6.661   8.043   -10.576 1.00 18.93 ? 109 LEU A CD1 1 
ATOM   845  C  CD2 . LEU A 1 109 ? 7.728   7.141   -8.475  1.00 15.54 ? 109 LEU A CD2 1 
ATOM   846  N  N   . LYS A 1 110 ? 12.207  7.596   -11.777 1.00 27.14 ? 110 LYS A N   1 
ATOM   847  C  CA  . LYS A 1 110 ? 13.236  6.999   -12.629 1.00 28.32 ? 110 LYS A CA  1 
ATOM   848  C  C   . LYS A 1 110 ? 14.020  5.891   -11.947 1.00 28.44 ? 110 LYS A C   1 
ATOM   849  O  O   . LYS A 1 110 ? 14.618  6.104   -10.894 1.00 29.70 ? 110 LYS A O   1 
ATOM   850  C  CB  . LYS A 1 110 ? 14.235  8.066   -13.097 1.00 31.90 ? 110 LYS A CB  1 
ATOM   851  C  CG  . LYS A 1 110 ? 13.730  9.051   -14.148 1.00 35.39 ? 110 LYS A CG  1 
ATOM   852  C  CD  . LYS A 1 110 ? 14.888  9.946   -14.595 1.00 39.03 ? 110 LYS A CD  1 
ATOM   853  C  CE  . LYS A 1 110 ? 14.531  10.830  -15.788 1.00 41.15 ? 110 LYS A CE  1 
ATOM   854  N  NZ  . LYS A 1 110 ? 13.713  12.028  -15.426 1.00 44.00 ? 110 LYS A NZ  1 
ATOM   855  N  N   . GLY A 1 111 ? 14.014  4.711   -12.555 1.00 27.31 ? 111 GLY A N   1 
ATOM   856  C  CA  . GLY A 1 111 ? 14.761  3.594   -12.010 1.00 27.22 ? 111 GLY A CA  1 
ATOM   857  C  C   . GLY A 1 111 ? 14.240  2.866   -10.782 1.00 27.48 ? 111 GLY A C   1 
ATOM   858  O  O   . GLY A 1 111 ? 15.030  2.258   -10.056 1.00 29.58 ? 111 GLY A O   1 
ATOM   859  N  N   . LEU A 1 112 ? 12.936  2.905   -10.528 1.00 24.81 ? 112 LEU A N   1 
ATOM   860  C  CA  . LEU A 1 112 ? 12.393  2.204   -9.365  1.00 22.17 ? 112 LEU A CA  1 
ATOM   861  C  C   . LEU A 1 112 ? 11.921  0.799   -9.756  1.00 20.91 ? 112 LEU A C   1 
ATOM   862  O  O   . LEU A 1 112 ? 11.520  0.566   -10.903 1.00 20.02 ? 112 LEU A O   1 
ATOM   863  C  CB  . LEU A 1 112 ? 11.229  2.988   -8.754  1.00 20.79 ? 112 LEU A CB  1 
ATOM   864  C  CG  . LEU A 1 112 ? 11.520  4.331   -8.070  1.00 22.44 ? 112 LEU A CG  1 
ATOM   865  C  CD1 . LEU A 1 112 ? 10.251  4.853   -7.423  1.00 21.47 ? 112 LEU A CD1 1 
ATOM   866  C  CD2 . LEU A 1 112 ? 12.585  4.164   -7.004  1.00 23.02 ? 112 LEU A CD2 1 
ATOM   867  N  N   . THR A 1 113 ? 11.992  -0.135  -8.809  1.00 18.82 ? 113 THR A N   1 
ATOM   868  C  CA  . THR A 1 113 ? 11.549  -1.509  -9.055  1.00 18.16 ? 113 THR A CA  1 
ATOM   869  C  C   . THR A 1 113 ? 10.065  -1.583  -8.772  1.00 16.24 ? 113 THR A C   1 
ATOM   870  O  O   . THR A 1 113 ? 9.604   -1.065  -7.765  1.00 14.18 ? 113 THR A O   1 
ATOM   871  C  CB  . THR A 1 113 ? 12.231  -2.524  -8.120  1.00 18.65 ? 113 THR A CB  1 
ATOM   872  O  OG1 . THR A 1 113 ? 13.642  -2.509  -8.341  1.00 22.17 ? 113 THR A OG1 1 
ATOM   873  C  CG2 . THR A 1 113 ? 11.695  -3.932  -8.386  1.00 19.29 ? 113 THR A CG2 1 
ATOM   874  N  N   . VAL A 1 114 ? 9.325   -2.241  -9.650  1.00 14.32 ? 114 VAL A N   1 
ATOM   875  C  CA  . VAL A 1 114 ? 7.886   -2.367  -9.480  1.00 15.64 ? 114 VAL A CA  1 
ATOM   876  C  C   . VAL A 1 114 ? 7.568   -3.754  -8.902  1.00 17.51 ? 114 VAL A C   1 
ATOM   877  O  O   . VAL A 1 114 ? 7.883   -4.777  -9.505  1.00 18.40 ? 114 VAL A O   1 
ATOM   878  C  CB  . VAL A 1 114 ? 7.158   -2.136  -10.846 1.00 13.65 ? 114 VAL A CB  1 
ATOM   879  C  CG1 . VAL A 1 114 ? 5.663   -2.300  -10.701 1.00 13.07 ? 114 VAL A CG1 1 
ATOM   880  C  CG2 . VAL A 1 114 ? 7.475   -0.748  -11.366 1.00 11.11 ? 114 VAL A CG2 1 
ATOM   881  N  N   . LEU A 1 115 ? 6.962   -3.788  -7.719  1.00 19.45 ? 115 LEU A N   1 
ATOM   882  C  CA  . LEU A 1 115 ? 6.622   -5.057  -7.083  1.00 18.61 ? 115 LEU A CA  1 
ATOM   883  C  C   . LEU A 1 115 ? 5.139   -5.337  -7.148  1.00 19.50 ? 115 LEU A C   1 
ATOM   884  O  O   . LEU A 1 115 ? 4.323   -4.609  -6.586  1.00 18.82 ? 115 LEU A O   1 
ATOM   885  C  CB  . LEU A 1 115 ? 7.067   -5.070  -5.621  1.00 18.85 ? 115 LEU A CB  1 
ATOM   886  C  CG  . LEU A 1 115 ? 8.564   -5.010  -5.336  1.00 18.30 ? 115 LEU A CG  1 
ATOM   887  C  CD1 . LEU A 1 115 ? 8.794   -5.029  -3.839  1.00 21.58 ? 115 LEU A CD1 1 
ATOM   888  C  CD2 . LEU A 1 115 ? 9.257   -6.179  -5.990  1.00 19.36 ? 115 LEU A CD2 1 
ATOM   889  N  N   . GLY A 1 116 ? 4.795   -6.409  -7.840  1.00 22.18 ? 116 GLY A N   1 
ATOM   890  C  CA  . GLY A 1 116 ? 3.404   -6.786  -7.970  1.00 24.87 ? 116 GLY A CA  1 
ATOM   891  C  C   . GLY A 1 116 ? 3.074   -7.809  -6.915  1.00 28.23 ? 116 GLY A C   1 
ATOM   892  O  O   . GLY A 1 116 ? 3.867   -8.033  -6.000  1.00 28.34 ? 116 GLY A O   1 
ATOM   893  N  N   . LEU A 1 117 ? 1.919   -8.452  -7.061  1.00 31.73 ? 117 LEU A N   1 
ATOM   894  C  CA  . LEU A 1 117 ? 1.457   -9.440  -6.101  1.00 35.54 ? 117 LEU A CA  1 
ATOM   895  C  C   . LEU A 1 117 ? 0.669   -10.549 -6.792  1.00 39.66 ? 117 LEU A C   1 
ATOM   896  O  O   . LEU A 1 117 ? -0.397  -10.287 -7.358  1.00 40.12 ? 117 LEU A O   1 
ATOM   897  C  CB  . LEU A 1 117 ? 0.557   -8.743  -5.089  1.00 35.04 ? 117 LEU A CB  1 
ATOM   898  C  CG  . LEU A 1 117 ? 0.268   -9.382  -3.742  1.00 34.65 ? 117 LEU A CG  1 
ATOM   899  C  CD1 . LEU A 1 117 ? 1.522   -9.414  -2.881  1.00 34.67 ? 117 LEU A CD1 1 
ATOM   900  C  CD2 . LEU A 1 117 ? -0.804  -8.557  -3.078  1.00 36.63 ? 117 LEU A CD2 1 
ATOM   901  N  N   . ASP A 1 118 ? 1.170   -11.782 -6.747  1.00 43.66 ? 118 ASP A N   1 
ATOM   902  C  CA  . ASP A 1 118 ? 0.451   -12.881 -7.383  1.00 48.88 ? 118 ASP A CA  1 
ATOM   903  C  C   . ASP A 1 118 ? -0.812  -13.206 -6.593  1.00 51.91 ? 118 ASP A C   1 
ATOM   904  O  O   . ASP A 1 118 ? -1.080  -12.595 -5.556  1.00 52.53 ? 118 ASP A O   1 
ATOM   905  C  CB  . ASP A 1 118 ? 1.330   -14.136 -7.513  1.00 48.63 ? 118 ASP A CB  1 
ATOM   906  C  CG  . ASP A 1 118 ? 1.810   -14.670 -6.172  1.00 50.03 ? 118 ASP A CG  1 
ATOM   907  O  OD1 . ASP A 1 118 ? 1.042   -14.620 -5.187  1.00 48.75 ? 118 ASP A OD1 1 
ATOM   908  O  OD2 . ASP A 1 118 ? 2.958   -15.158 -6.111  1.00 51.00 ? 118 ASP A OD2 1 
ATOM   909  N  N   . ASP A 1 119 ? -1.585  -14.168 -7.085  1.00 55.29 ? 119 ASP A N   1 
ATOM   910  C  CA  . ASP A 1 119 ? -2.828  -14.554 -6.430  1.00 58.27 ? 119 ASP A CA  1 
ATOM   911  C  C   . ASP A 1 119 ? -2.592  -15.038 -5.000  1.00 58.77 ? 119 ASP A C   1 
ATOM   912  O  O   . ASP A 1 119 ? -3.408  -14.785 -4.109  1.00 59.46 ? 119 ASP A O   1 
ATOM   913  C  CB  . ASP A 1 119 ? -3.541  -15.641 -7.251  1.00 61.05 ? 119 ASP A CB  1 
ATOM   914  C  CG  . ASP A 1 119 ? -2.789  -16.956 -7.261  1.00 63.89 ? 119 ASP A CG  1 
ATOM   915  O  OD1 . ASP A 1 119 ? -2.957  -17.747 -6.306  1.00 65.23 ? 119 ASP A OD1 1 
ATOM   916  O  OD2 . ASP A 1 119 ? -2.021  -17.197 -8.218  1.00 65.54 ? 119 ASP A OD2 1 
ATOM   917  N  N   . GLU A 1 120 ? -1.472  -15.720 -4.778  1.00 57.98 ? 120 GLU A N   1 
ATOM   918  C  CA  . GLU A 1 120 ? -1.156  -16.228 -3.450  1.00 57.02 ? 120 GLU A CA  1 
ATOM   919  C  C   . GLU A 1 120 ? -0.498  -15.202 -2.537  1.00 54.28 ? 120 GLU A C   1 
ATOM   920  O  O   . GLU A 1 120 ? 0.176   -15.562 -1.572  1.00 53.87 ? 120 GLU A O   1 
ATOM   921  C  CB  . GLU A 1 120 ? -0.274  -17.471 -3.556  1.00 59.87 ? 120 GLU A CB  1 
ATOM   922  C  CG  . GLU A 1 120 ? -1.062  -18.746 -3.790  1.00 63.90 ? 120 GLU A CG  1 
ATOM   923  C  CD  . GLU A 1 120 ? -0.196  -19.978 -3.714  1.00 66.73 ? 120 GLU A CD  1 
ATOM   924  O  OE1 . GLU A 1 120 ? 0.702   -20.120 -4.574  1.00 68.16 ? 120 GLU A OE1 1 
ATOM   925  O  OE2 . GLU A 1 120 ? -0.407  -20.800 -2.793  1.00 67.09 ? 120 GLU A OE2 1 
ATOM   926  N  N   . GLU A 1 121 ? -0.696  -13.924 -2.850  1.00 50.74 ? 121 GLU A N   1 
ATOM   927  C  CA  . GLU A 1 121 ? -0.153  -12.830 -2.053  1.00 46.64 ? 121 GLU A CA  1 
ATOM   928  C  C   . GLU A 1 121 ? 1.369   -12.803 -1.868  1.00 43.66 ? 121 GLU A C   1 
ATOM   929  O  O   . GLU A 1 121 ? 1.875   -12.301 -0.863  1.00 42.24 ? 121 GLU A O   1 
ATOM   930  C  CB  . GLU A 1 121 ? -0.848  -12.822 -0.692  1.00 47.96 ? 121 GLU A CB  1 
ATOM   931  C  CG  . GLU A 1 121 ? -2.311  -12.407 -0.763  1.00 48.68 ? 121 GLU A CG  1 
ATOM   932  C  CD  . GLU A 1 121 ? -3.165  -13.092 0.290   1.00 49.46 ? 121 GLU A CD  1 
ATOM   933  O  OE1 . GLU A 1 121 ? -2.668  -13.301 1.419   1.00 49.13 ? 121 GLU A OE1 1 
ATOM   934  O  OE2 . GLU A 1 121 ? -4.338  -13.410 -0.009  1.00 48.25 ? 121 GLU A OE2 1 
ATOM   935  N  N   . GLN A 1 122 ? 2.093   -13.340 -2.844  1.00 41.11 ? 122 GLN A N   1 
ATOM   936  C  CA  . GLN A 1 122 ? 3.556   -13.348 -2.814  1.00 39.23 ? 122 GLN A CA  1 
ATOM   937  C  C   . GLN A 1 122 ? 4.051   -12.185 -3.672  1.00 36.66 ? 122 GLN A C   1 
ATOM   938  O  O   . GLN A 1 122 ? 3.510   -11.940 -4.752  1.00 35.61 ? 122 GLN A O   1 
ATOM   939  C  CB  . GLN A 1 122 ? 4.099   -14.662 -3.391  1.00 42.40 ? 122 GLN A CB  1 
ATOM   940  C  CG  . GLN A 1 122 ? 3.994   -15.871 -2.465  1.00 45.28 ? 122 GLN A CG  1 
ATOM   941  C  CD  . GLN A 1 122 ? 4.683   -15.636 -1.131  1.00 48.35 ? 122 GLN A CD  1 
ATOM   942  O  OE1 . GLN A 1 122 ? 4.073   -15.133 -0.183  1.00 48.05 ? 122 GLN A OE1 1 
ATOM   943  N  NE2 . GLN A 1 122 ? 5.970   -15.979 -1.058  1.00 47.87 ? 122 GLN A NE2 1 
ATOM   944  N  N   . GLU A 1 123 ? 5.067   -11.469 -3.208  1.00 32.93 ? 123 GLU A N   1 
ATOM   945  C  CA  . GLU A 1 123 ? 5.584   -10.347 -3.987  1.00 30.41 ? 123 GLU A CA  1 
ATOM   946  C  C   . GLU A 1 123 ? 6.424   -10.783 -5.192  1.00 29.47 ? 123 GLU A C   1 
ATOM   947  O  O   . GLU A 1 123 ? 7.364   -11.577 -5.076  1.00 26.57 ? 123 GLU A O   1 
ATOM   948  C  CB  . GLU A 1 123 ? 6.396   -9.401  -3.100  1.00 29.33 ? 123 GLU A CB  1 
ATOM   949  C  CG  . GLU A 1 123 ? 5.544   -8.674  -2.068  1.00 31.74 ? 123 GLU A CG  1 
ATOM   950  C  CD  . GLU A 1 123 ? 6.249   -7.475  -1.445  1.00 32.26 ? 123 GLU A CD  1 
ATOM   951  O  OE1 . GLU A 1 123 ? 7.363   -7.634  -0.899  1.00 34.04 ? 123 GLU A OE1 1 
ATOM   952  O  OE2 . GLU A 1 123 ? 5.682   -6.368  -1.503  1.00 30.83 ? 123 GLU A OE2 1 
ATOM   953  N  N   . VAL A 1 124 ? 6.078   -10.240 -6.355  1.00 27.47 ? 124 VAL A N   1 
ATOM   954  C  CA  . VAL A 1 124 ? 6.766   -10.565 -7.589  1.00 25.60 ? 124 VAL A CA  1 
ATOM   955  C  C   . VAL A 1 124 ? 7.430   -9.336  -8.215  1.00 24.30 ? 124 VAL A C   1 
ATOM   956  O  O   . VAL A 1 124 ? 6.833   -8.267  -8.291  1.00 24.50 ? 124 VAL A O   1 
ATOM   957  C  CB  . VAL A 1 124 ? 5.778   -11.190 -8.586  1.00 25.90 ? 124 VAL A CB  1 
ATOM   958  C  CG1 . VAL A 1 124 ? 4.570   -10.290 -8.735  1.00 24.30 ? 124 VAL A CG1 1 
ATOM   959  C  CG2 . VAL A 1 124 ? 6.460   -11.416 -9.928  1.00 27.42 ? 124 VAL A CG2 1 
ATOM   960  N  N   . ASN A 1 125 ? 8.673   -9.496  -8.663  1.00 21.93 ? 125 ASN A N   1 
ATOM   961  C  CA  . ASN A 1 125 ? 9.407   -8.398  -9.277  1.00 19.04 ? 125 ASN A CA  1 
ATOM   962  C  C   . ASN A 1 125 ? 8.946   -8.236  -10.718 1.00 18.18 ? 125 ASN A C   1 
ATOM   963  O  O   . ASN A 1 125 ? 9.457   -8.910  -11.621 1.00 16.62 ? 125 ASN A O   1 
ATOM   964  C  CB  . ASN A 1 125 ? 10.902  -8.689  -9.253  1.00 17.60 ? 125 ASN A CB  1 
ATOM   965  C  CG  . ASN A 1 125 ? 11.728  -7.456  -9.499  1.00 19.78 ? 125 ASN A CG  1 
ATOM   966  O  OD1 . ASN A 1 125 ? 11.483  -6.715  -10.448 1.00 20.44 ? 125 ASN A OD1 1 
ATOM   967  N  ND2 . ASN A 1 125 ? 12.715  -7.220  -8.638  1.00 22.05 ? 125 ASN A ND2 1 
ATOM   968  N  N   . LEU A 1 126 ? 7.985   -7.344  -10.943 1.00 16.18 ? 126 LEU A N   1 
ATOM   969  C  CA  . LEU A 1 126 ? 7.466   -7.134  -12.292 1.00 16.23 ? 126 LEU A CA  1 
ATOM   970  C  C   . LEU A 1 126 ? 8.466   -6.468  -13.228 1.00 17.77 ? 126 LEU A C   1 
ATOM   971  O  O   . LEU A 1 126 ? 8.390   -6.619  -14.443 1.00 18.79 ? 126 LEU A O   1 
ATOM   972  C  CB  . LEU A 1 126 ? 6.178   -6.312  -12.249 1.00 14.65 ? 126 LEU A CB  1 
ATOM   973  C  CG  . LEU A 1 126 ? 4.978   -6.931  -11.523 1.00 12.55 ? 126 LEU A CG  1 
ATOM   974  C  CD1 . LEU A 1 126 ? 3.769   -6.042  -11.715 1.00 11.75 ? 126 LEU A CD1 1 
ATOM   975  C  CD2 . LEU A 1 126 ? 4.696   -8.330  -12.069 1.00 12.36 ? 126 LEU A CD2 1 
ATOM   976  N  N   . GLY A 1 127 ? 9.422   -5.745  -12.666 1.00 18.25 ? 127 GLY A N   1 
ATOM   977  C  CA  . GLY A 1 127 ? 10.390  -5.079  -13.509 1.00 18.10 ? 127 GLY A CA  1 
ATOM   978  C  C   . GLY A 1 127 ? 10.674  -3.678  -13.015 1.00 18.04 ? 127 GLY A C   1 
ATOM   979  O  O   . GLY A 1 127 ? 10.487  -3.374  -11.842 1.00 17.83 ? 127 GLY A O   1 
ATOM   980  N  N   . GLN A 1 128 ? 11.100  -2.816  -13.925 1.00 18.38 ? 128 GLN A N   1 
ATOM   981  C  CA  . GLN A 1 128 ? 11.442  -1.446  -13.581 1.00 20.06 ? 128 GLN A CA  1 
ATOM   982  C  C   . GLN A 1 128 ? 10.555  -0.427  -14.304 1.00 20.42 ? 128 GLN A C   1 
ATOM   983  O  O   . GLN A 1 128 ? 10.133  -0.649  -15.446 1.00 19.12 ? 128 GLN A O   1 
ATOM   984  C  CB  . GLN A 1 128 ? 12.904  -1.225  -13.949 1.00 21.11 ? 128 GLN A CB  1 
ATOM   985  C  CG  . GLN A 1 128 ? 13.539  0.011   -13.413 1.00 26.07 ? 128 GLN A CG  1 
ATOM   986  C  CD  . GLN A 1 128 ? 15.046  -0.044  -13.541 1.00 27.41 ? 128 GLN A CD  1 
ATOM   987  O  OE1 . GLN A 1 128 ? 15.684  -0.966  -13.027 1.00 27.98 ? 128 GLN A OE1 1 
ATOM   988  N  NE2 . GLN A 1 128 ? 15.625  0.941   -14.228 1.00 27.19 ? 128 GLN A NE2 1 
ATOM   989  N  N   . ILE A 1 129 ? 10.256  0.685   -13.638 1.00 19.18 ? 129 ILE A N   1 
ATOM   990  C  CA  . ILE A 1 129 ? 9.454   1.716   -14.281 1.00 20.90 ? 129 ILE A CA  1 
ATOM   991  C  C   . ILE A 1 129 ? 10.304  2.329   -15.392 1.00 22.45 ? 129 ILE A C   1 
ATOM   992  O  O   . ILE A 1 129 ? 11.416  2.799   -15.159 1.00 20.71 ? 129 ILE A O   1 
ATOM   993  C  CB  . ILE A 1 129 ? 9.021   2.818   -13.292 1.00 19.63 ? 129 ILE A CB  1 
ATOM   994  C  CG1 . ILE A 1 129 ? 8.339   3.943   -14.059 1.00 17.76 ? 129 ILE A CG1 1 
ATOM   995  C  CG2 . ILE A 1 129 ? 10.220  3.334   -12.516 1.00 18.97 ? 129 ILE A CG2 1 
ATOM   996  C  CD1 . ILE A 1 129 ? 7.716   4.989   -13.166 1.00 20.13 ? 129 ILE A CD1 1 
ATOM   997  N  N   . HIS A 1 130 ? 9.775   2.304   -16.607 1.00 26.26 ? 130 HIS A N   1 
ATOM   998  C  CA  . HIS A 1 130 ? 10.482  2.826   -17.760 1.00 29.73 ? 130 HIS A CA  1 
ATOM   999  C  C   . HIS A 1 130 ? 9.924   4.155   -18.217 1.00 32.48 ? 130 HIS A C   1 
ATOM   1000 O  O   . HIS A 1 130 ? 10.674  5.042   -18.614 1.00 34.74 ? 130 HIS A O   1 
ATOM   1001 C  CB  . HIS A 1 130 ? 10.411  1.807   -18.897 1.00 31.47 ? 130 HIS A CB  1 
ATOM   1002 C  CG  . HIS A 1 130 ? 11.001  2.290   -20.185 1.00 33.86 ? 130 HIS A CG  1 
ATOM   1003 N  ND1 . HIS A 1 130 ? 10.280  3.021   -21.104 1.00 33.27 ? 130 HIS A ND1 1 
ATOM   1004 C  CD2 . HIS A 1 130 ? 12.246  2.155   -20.699 1.00 33.99 ? 130 HIS A CD2 1 
ATOM   1005 C  CE1 . HIS A 1 130 ? 11.056  3.318   -22.131 1.00 34.91 ? 130 HIS A CE1 1 
ATOM   1006 N  NE2 . HIS A 1 130 ? 12.253  2.804   -21.911 1.00 35.93 ? 130 HIS A NE2 1 
ATOM   1007 N  N   . GLU A 1 131 ? 8.606   4.295   -18.154 1.00 34.55 ? 131 GLU A N   1 
ATOM   1008 C  CA  . GLU A 1 131 ? 7.950   5.523   -18.580 1.00 37.47 ? 131 GLU A CA  1 
ATOM   1009 C  C   . GLU A 1 131 ? 6.632   5.721   -17.832 1.00 37.05 ? 131 GLU A C   1 
ATOM   1010 O  O   . GLU A 1 131 ? 6.027   4.766   -17.350 1.00 37.84 ? 131 GLU A O   1 
ATOM   1011 C  CB  . GLU A 1 131 ? 7.700   5.465   -20.096 1.00 40.23 ? 131 GLU A CB  1 
ATOM   1012 C  CG  . GLU A 1 131 ? 6.994   6.669   -20.707 1.00 46.56 ? 131 GLU A CG  1 
ATOM   1013 C  CD  . GLU A 1 131 ? 7.810   7.952   -20.612 1.00 51.98 ? 131 GLU A CD  1 
ATOM   1014 O  OE1 . GLU A 1 131 ? 8.949   7.979   -21.139 1.00 55.20 ? 131 GLU A OE1 1 
ATOM   1015 O  OE2 . GLU A 1 131 ? 7.314   8.936   -20.013 1.00 52.62 ? 131 GLU A OE2 1 
ATOM   1016 N  N   . LEU A 1 132 ? 6.208   6.975   -17.730 1.00 36.85 ? 132 LEU A N   1 
ATOM   1017 C  CA  . LEU A 1 132 ? 4.959   7.346   -17.072 1.00 37.00 ? 132 LEU A CA  1 
ATOM   1018 C  C   . LEU A 1 132 ? 4.380   8.492   -17.894 1.00 37.89 ? 132 LEU A C   1 
ATOM   1019 O  O   . LEU A 1 132 ? 4.810   9.639   -17.765 1.00 37.17 ? 132 LEU A O   1 
ATOM   1020 C  CB  . LEU A 1 132 ? 5.220   7.808   -15.636 1.00 34.75 ? 132 LEU A CB  1 
ATOM   1021 C  CG  . LEU A 1 132 ? 4.005   8.205   -14.801 1.00 33.27 ? 132 LEU A CG  1 
ATOM   1022 C  CD1 . LEU A 1 132 ? 3.050   7.030   -14.725 1.00 33.39 ? 132 LEU A CD1 1 
ATOM   1023 C  CD2 . LEU A 1 132 ? 4.447   8.628   -13.405 1.00 30.87 ? 132 LEU A CD2 1 
ATOM   1024 N  N   . PHE A 1 133 ? 3.409   8.171   -18.743 1.00 39.53 ? 133 PHE A N   1 
ATOM   1025 C  CA  . PHE A 1 133 ? 2.799   9.171   -19.609 1.00 41.73 ? 133 PHE A CA  1 
ATOM   1026 C  C   . PHE A 1 133 ? 1.328   9.434   -19.341 1.00 42.43 ? 133 PHE A C   1 
ATOM   1027 O  O   . PHE A 1 133 ? 0.712   8.798   -18.491 1.00 42.40 ? 133 PHE A O   1 
ATOM   1028 C  CB  . PHE A 1 133 ? 2.966   8.767   -21.077 1.00 41.23 ? 133 PHE A CB  1 
ATOM   1029 C  CG  . PHE A 1 133 ? 2.288   7.468   -21.438 1.00 41.82 ? 133 PHE A CG  1 
ATOM   1030 C  CD1 . PHE A 1 133 ? 2.832   6.244   -21.049 1.00 40.90 ? 133 PHE A CD1 1 
ATOM   1031 C  CD2 . PHE A 1 133 ? 1.110   7.469   -22.184 1.00 41.55 ? 133 PHE A CD2 1 
ATOM   1032 C  CE1 . PHE A 1 133 ? 2.208   5.038   -21.399 1.00 41.03 ? 133 PHE A CE1 1 
ATOM   1033 C  CE2 . PHE A 1 133 ? 0.479   6.270   -22.539 1.00 41.45 ? 133 PHE A CE2 1 
ATOM   1034 C  CZ  . PHE A 1 133 ? 1.032   5.053   -22.145 1.00 41.61 ? 133 PHE A CZ  1 
ATOM   1035 N  N   . GLU A 1 134 ? 0.782   10.388  -20.090 1.00 45.26 ? 134 GLU A N   1 
ATOM   1036 C  CA  . GLU A 1 134 ? -0.620  10.768  -19.992 1.00 46.55 ? 134 GLU A CA  1 
ATOM   1037 C  C   . GLU A 1 134 ? -1.287  10.404  -21.320 1.00 46.83 ? 134 GLU A C   1 
ATOM   1038 O  O   . GLU A 1 134 ? -0.754  10.714  -22.389 1.00 46.53 ? 134 GLU A O   1 
ATOM   1039 C  CB  . GLU A 1 134 ? -0.738  12.274  -19.737 1.00 47.51 ? 134 GLU A CB  1 
ATOM   1040 C  CG  . GLU A 1 134 ? 0.160   12.778  -18.609 1.00 49.73 ? 134 GLU A CG  1 
ATOM   1041 C  CD  . GLU A 1 134 ? -0.230  14.158  -18.104 1.00 50.25 ? 134 GLU A CD  1 
ATOM   1042 O  OE1 . GLU A 1 134 ? -0.235  15.113  -18.909 1.00 51.63 ? 134 GLU A OE1 1 
ATOM   1043 O  OE2 . GLU A 1 134 ? -0.534  14.284  -16.897 1.00 50.58 ? 134 GLU A OE2 1 
ATOM   1044 N  N   . THR A 1 135 ? -2.436  9.733   -21.251 1.00 46.50 ? 135 THR A N   1 
ATOM   1045 C  CA  . THR A 1 135 ? -3.169  9.321   -22.450 1.00 45.46 ? 135 THR A CA  1 
ATOM   1046 C  C   . THR A 1 135 ? -4.206  10.375  -22.814 1.00 46.24 ? 135 THR A C   1 
ATOM   1047 O  O   . THR A 1 135 ? -4.673  10.445  -23.954 1.00 45.96 ? 135 THR A O   1 
ATOM   1048 C  CB  . THR A 1 135 ? -3.920  7.988   -22.235 1.00 44.94 ? 135 THR A CB  1 
ATOM   1049 O  OG1 . THR A 1 135 ? -5.093  8.217   -21.440 1.00 43.13 ? 135 THR A OG1 1 
ATOM   1050 C  CG2 . THR A 1 135 ? -3.029  6.983   -21.532 1.00 43.41 ? 135 THR A CG2 1 
ATOM   1051 N  N   . GLY A 1 136 ? -4.555  11.192  -21.828 1.00 46.86 ? 136 GLY A N   1 
ATOM   1052 C  CA  . GLY A 1 136 ? -5.544  12.232  -22.023 1.00 47.31 ? 136 GLY A CA  1 
ATOM   1053 C  C   . GLY A 1 136 ? -6.613  12.027  -20.975 1.00 47.99 ? 136 GLY A C   1 
ATOM   1054 O  O   . GLY A 1 136 ? -7.032  12.972  -20.303 1.00 48.49 ? 136 GLY A O   1 
ATOM   1055 N  N   . ALA A 1 137 ? -7.039  10.774  -20.825 1.00 47.31 ? 137 ALA A N   1 
ATOM   1056 C  CA  . ALA A 1 137 ? -8.063  10.417  -19.852 1.00 45.69 ? 137 ALA A CA  1 
ATOM   1057 C  C   . ALA A 1 137 ? -7.419  9.904   -18.564 1.00 44.88 ? 137 ALA A C   1 
ATOM   1058 O  O   . ALA A 1 137 ? -7.965  10.075  -17.469 1.00 46.12 ? 137 ALA A O   1 
ATOM   1059 C  CB  . ALA A 1 137 ? -8.985  9.352   -20.437 1.00 46.29 ? 137 ALA A CB  1 
ATOM   1060 N  N   . ASN A 1 138 ? -6.256  9.275   -18.700 1.00 42.08 ? 138 ASN A N   1 
ATOM   1061 C  CA  . ASN A 1 138 ? -5.550  8.735   -17.549 1.00 40.16 ? 138 ASN A CA  1 
ATOM   1062 C  C   . ASN A 1 138 ? -4.048  8.730   -17.756 1.00 36.36 ? 138 ASN A C   1 
ATOM   1063 O  O   . ASN A 1 138 ? -3.554  9.073   -18.824 1.00 36.00 ? 138 ASN A O   1 
ATOM   1064 C  CB  . ASN A 1 138 ? -5.990  7.293   -17.275 1.00 43.98 ? 138 ASN A CB  1 
ATOM   1065 C  CG  . ASN A 1 138 ? -7.489  7.142   -17.219 1.00 46.78 ? 138 ASN A CG  1 
ATOM   1066 O  OD1 . ASN A 1 138 ? -8.122  6.779   -18.212 1.00 50.08 ? 138 ASN A OD1 1 
ATOM   1067 N  ND2 . ASN A 1 138 ? -8.074  7.431   -16.058 1.00 48.28 ? 138 ASN A ND2 1 
ATOM   1068 N  N   . ASP A 1 139 ? -3.330  8.335   -16.714 1.00 32.38 ? 139 ASP A N   1 
ATOM   1069 C  CA  . ASP A 1 139 ? -1.886  8.240   -16.776 1.00 28.57 ? 139 ASP A CA  1 
ATOM   1070 C  C   . ASP A 1 139 ? -1.566  6.757   -16.765 1.00 26.20 ? 139 ASP A C   1 
ATOM   1071 O  O   . ASP A 1 139 ? -2.229  5.969   -16.090 1.00 23.47 ? 139 ASP A O   1 
ATOM   1072 C  CB  . ASP A 1 139 ? -1.242  8.918   -15.573 1.00 30.75 ? 139 ASP A CB  1 
ATOM   1073 C  CG  . ASP A 1 139 ? -1.655  10.369  -15.427 1.00 31.46 ? 139 ASP A CG  1 
ATOM   1074 O  OD1 . ASP A 1 139 ? -1.433  11.156  -16.371 1.00 33.26 ? 139 ASP A OD1 1 
ATOM   1075 O  OD2 . ASP A 1 139 ? -2.199  10.719  -14.362 1.00 30.40 ? 139 ASP A OD2 1 
ATOM   1076 N  N   . VAL A 1 140 ? -0.555  6.377   -17.529 1.00 24.82 ? 140 VAL A N   1 
ATOM   1077 C  CA  . VAL A 1 140 ? -0.156  4.988   -17.612 1.00 24.12 ? 140 VAL A CA  1 
ATOM   1078 C  C   . VAL A 1 140 ? 1.320   4.821   -17.287 1.00 23.03 ? 140 VAL A C   1 
ATOM   1079 O  O   . VAL A 1 140 ? 2.170   5.592   -17.746 1.00 22.75 ? 140 VAL A O   1 
ATOM   1080 C  CB  . VAL A 1 140 ? -0.421  4.419   -19.021 1.00 24.50 ? 140 VAL A CB  1 
ATOM   1081 C  CG1 . VAL A 1 140 ? 0.090   2.992   -19.107 1.00 22.92 ? 140 VAL A CG1 1 
ATOM   1082 C  CG2 . VAL A 1 140 ? -1.903  4.465   -19.332 1.00 25.53 ? 140 VAL A CG2 1 
HETATM 1083 N  N   . MSE A 1 141 ? 1.619   3.808   -16.491 1.00 21.63 ? 141 MSE A N   1 
HETATM 1084 C  CA  . MSE A 1 141 ? 2.994   3.531   -16.124 1.00 21.22 ? 141 MSE A CA  1 
HETATM 1085 C  C   . MSE A 1 141 ? 3.497   2.385   -16.993 1.00 21.40 ? 141 MSE A C   1 
HETATM 1086 O  O   . MSE A 1 141 ? 2.820   1.371   -17.145 1.00 22.72 ? 141 MSE A O   1 
HETATM 1087 C  CB  . MSE A 1 141 ? 3.074   3.152   -14.647 1.00 19.57 ? 141 MSE A CB  1 
HETATM 1088 C  CG  . MSE A 1 141 ? 4.439   2.679   -14.233 1.00 23.94 ? 141 MSE A CG  1 
HETATM 1089 SE SE  . MSE A 1 141 ? 4.588   2.382   -12.353 1.00 29.86 ? 141 MSE A SE  1 
HETATM 1090 C  CE  . MSE A 1 141 ? 3.271   0.980   -12.201 1.00 24.82 ? 141 MSE A CE  1 
ATOM   1091 N  N   . VAL A 1 142 ? 4.670   2.551   -17.589 1.00 20.51 ? 142 VAL A N   1 
ATOM   1092 C  CA  . VAL A 1 142 ? 5.224   1.492   -18.415 1.00 19.61 ? 142 VAL A CA  1 
ATOM   1093 C  C   . VAL A 1 142 ? 6.287   0.778   -17.595 1.00 20.12 ? 142 VAL A C   1 
ATOM   1094 O  O   . VAL A 1 142 ? 7.153   1.414   -16.996 1.00 19.02 ? 142 VAL A O   1 
ATOM   1095 C  CB  . VAL A 1 142 ? 5.871   2.055   -19.694 1.00 20.60 ? 142 VAL A CB  1 
ATOM   1096 C  CG1 . VAL A 1 142 ? 6.345   0.916   -20.579 1.00 18.16 ? 142 VAL A CG1 1 
ATOM   1097 C  CG2 . VAL A 1 142 ? 4.881   2.946   -20.438 1.00 19.06 ? 142 VAL A CG2 1 
ATOM   1098 N  N   . VAL A 1 143 ? 6.211   -0.544  -17.556 1.00 19.81 ? 143 VAL A N   1 
ATOM   1099 C  CA  . VAL A 1 143 ? 7.186   -1.318  -16.815 1.00 21.35 ? 143 VAL A CA  1 
ATOM   1100 C  C   . VAL A 1 143 ? 7.921   -2.254  -17.762 1.00 23.97 ? 143 VAL A C   1 
ATOM   1101 O  O   . VAL A 1 143 ? 7.304   -2.965  -18.561 1.00 23.23 ? 143 VAL A O   1 
ATOM   1102 C  CB  . VAL A 1 143 ? 6.517   -2.161  -15.721 1.00 22.27 ? 143 VAL A CB  1 
ATOM   1103 C  CG1 . VAL A 1 143 ? 7.581   -2.899  -14.915 1.00 23.13 ? 143 VAL A CG1 1 
ATOM   1104 C  CG2 . VAL A 1 143 ? 5.678   -1.276  -14.819 1.00 22.98 ? 143 VAL A CG2 1 
ATOM   1105 N  N   . ARG A 1 144 ? 9.245   -2.241  -17.693 1.00 26.53 ? 144 ARG A N   1 
ATOM   1106 C  CA  . ARG A 1 144 ? 10.024  -3.123  -18.545 1.00 28.10 ? 144 ARG A CA  1 
ATOM   1107 C  C   . ARG A 1 144 ? 10.770  -4.125  -17.712 1.00 26.59 ? 144 ARG A C   1 
ATOM   1108 O  O   . ARG A 1 144 ? 11.128  -3.847  -16.570 1.00 25.70 ? 144 ARG A O   1 
ATOM   1109 C  CB  . ARG A 1 144 ? 11.005  -2.345  -19.420 1.00 31.82 ? 144 ARG A CB  1 
ATOM   1110 C  CG  . ARG A 1 144 ? 10.323  -1.707  -20.612 1.00 35.73 ? 144 ARG A CG  1 
ATOM   1111 C  CD  . ARG A 1 144 ? 11.309  -1.263  -21.656 1.00 38.83 ? 144 ARG A CD  1 
ATOM   1112 N  NE  . ARG A 1 144 ? 10.662  -0.422  -22.652 1.00 42.15 ? 144 ARG A NE  1 
ATOM   1113 C  CZ  . ARG A 1 144 ? 11.305  0.152   -23.662 1.00 44.11 ? 144 ARG A CZ  1 
ATOM   1114 N  NH1 . ARG A 1 144 ? 12.611  -0.037  -23.802 1.00 43.27 ? 144 ARG A NH1 1 
ATOM   1115 N  NH2 . ARG A 1 144 ? 10.645  0.923   -24.519 1.00 44.66 ? 144 ARG A NH2 1 
ATOM   1116 N  N   . ALA A 1 145 ? 10.976  -5.298  -18.298 1.00 26.74 ? 145 ALA A N   1 
ATOM   1117 C  CA  . ALA A 1 145 ? 11.673  -6.380  -17.639 1.00 27.16 ? 145 ALA A CA  1 
ATOM   1118 C  C   . ALA A 1 145 ? 13.118  -5.999  -17.380 1.00 28.15 ? 145 ALA A C   1 
ATOM   1119 O  O   . ALA A 1 145 ? 13.656  -5.074  -17.990 1.00 25.45 ? 145 ALA A O   1 
ATOM   1120 C  CB  . ALA A 1 145 ? 11.606  -7.636  -18.496 1.00 26.82 ? 145 ALA A CB  1 
ATOM   1121 N  N   . THR A 1 146 ? 13.729  -6.726  -16.453 1.00 30.53 ? 146 THR A N   1 
ATOM   1122 C  CA  . THR A 1 146 ? 15.114  -6.511  -16.069 1.00 33.46 ? 146 THR A CA  1 
ATOM   1123 C  C   . THR A 1 146 ? 15.695  -7.894  -15.772 1.00 34.82 ? 146 THR A C   1 
ATOM   1124 O  O   . THR A 1 146 ? 14.964  -8.887  -15.786 1.00 34.43 ? 146 THR A O   1 
ATOM   1125 C  CB  . THR A 1 146 ? 15.203  -5.650  -14.788 1.00 33.70 ? 146 THR A CB  1 
ATOM   1126 O  OG1 . THR A 1 146 ? 14.597  -6.354  -13.699 1.00 34.94 ? 146 THR A OG1 1 
ATOM   1127 C  CG2 . THR A 1 146 ? 14.479  -4.320  -14.981 1.00 32.47 ? 146 THR A CG2 1 
ATOM   1128 N  N   . PRO A 1 147 ? 17.013  -7.984  -15.524 1.00 35.99 ? 147 PRO A N   1 
ATOM   1129 C  CA  . PRO A 1 147 ? 17.594  -9.296  -15.229 1.00 35.44 ? 147 PRO A CA  1 
ATOM   1130 C  C   . PRO A 1 147 ? 16.997  -9.864  -13.936 1.00 36.89 ? 147 PRO A C   1 
ATOM   1131 O  O   . PRO A 1 147 ? 16.980  -11.077 -13.725 1.00 37.25 ? 147 PRO A O   1 
ATOM   1132 C  CB  . PRO A 1 147 ? 19.083  -8.986  -15.089 1.00 35.22 ? 147 PRO A CB  1 
ATOM   1133 C  CG  . PRO A 1 147 ? 19.279  -7.818  -16.002 1.00 34.94 ? 147 PRO A CG  1 
ATOM   1134 C  CD  . PRO A 1 147 ? 18.069  -6.970  -15.708 1.00 36.40 ? 147 PRO A CD  1 
ATOM   1135 N  N   . ASP A 1 148 ? 16.509  -8.970  -13.076 1.00 37.25 ? 148 ASP A N   1 
ATOM   1136 C  CA  . ASP A 1 148 ? 15.908  -9.343  -11.796 1.00 37.55 ? 148 ASP A CA  1 
ATOM   1137 C  C   . ASP A 1 148 ? 14.454  -9.761  -11.990 1.00 36.81 ? 148 ASP A C   1 
ATOM   1138 O  O   . ASP A 1 148 ? 13.948  -10.645 -11.305 1.00 36.07 ? 148 ASP A O   1 
ATOM   1139 C  CB  . ASP A 1 148 ? 15.950  -8.153  -10.839 1.00 40.56 ? 148 ASP A CB  1 
ATOM   1140 C  CG  . ASP A 1 148 ? 17.271  -7.404  -10.889 1.00 43.54 ? 148 ASP A CG  1 
ATOM   1141 O  OD1 . ASP A 1 148 ? 18.295  -7.964  -10.441 1.00 45.84 ? 148 ASP A OD1 1 
ATOM   1142 O  OD2 . ASP A 1 148 ? 17.286  -6.251  -11.378 1.00 43.81 ? 148 ASP A OD2 1 
ATOM   1143 N  N   . SER A 1 149 ? 13.792  -9.102  -12.932 1.00 36.40 ? 149 SER A N   1 
ATOM   1144 C  CA  . SER A 1 149 ? 12.390  -9.341  -13.248 1.00 36.30 ? 149 SER A CA  1 
ATOM   1145 C  C   . SER A 1 149 ? 11.959  -10.809 -13.324 1.00 36.31 ? 149 SER A C   1 
ATOM   1146 O  O   . SER A 1 149 ? 12.773  -11.701 -13.538 1.00 37.33 ? 149 SER A O   1 
ATOM   1147 C  CB  . SER A 1 149 ? 12.061  -8.638  -14.562 1.00 36.04 ? 149 SER A CB  1 
ATOM   1148 O  OG  . SER A 1 149 ? 10.724  -8.877  -14.945 1.00 39.29 ? 149 SER A OG  1 
ATOM   1149 N  N   . ILE A 1 150 ? 10.661  -11.047 -13.158 1.00 37.11 ? 150 ILE A N   1 
ATOM   1150 C  CA  . ILE A 1 150 ? 10.108  -12.396 -13.207 1.00 37.08 ? 150 ILE A CA  1 
ATOM   1151 C  C   . ILE A 1 150 ? 10.042  -12.931 -14.634 1.00 37.46 ? 150 ILE A C   1 
ATOM   1152 O  O   . ILE A 1 150 ? 10.138  -14.138 -14.846 1.00 38.38 ? 150 ILE A O   1 
ATOM   1153 C  CB  . ILE A 1 150 ? 8.684   -12.451 -12.596 1.00 37.71 ? 150 ILE A CB  1 
ATOM   1154 C  CG1 . ILE A 1 150 ? 8.213   -13.902 -12.498 1.00 39.78 ? 150 ILE A CG1 1 
ATOM   1155 C  CG2 . ILE A 1 150 ? 7.710   -11.667 -13.454 1.00 35.00 ? 150 ILE A CG2 1 
ATOM   1156 C  CD1 . ILE A 1 150 ? 9.009   -14.746 -11.519 1.00 40.49 ? 150 ILE A CD1 1 
ATOM   1157 N  N   . ASP A 1 151 ? 9.862   -12.041 -15.610 1.00 36.78 ? 151 ASP A N   1 
ATOM   1158 C  CA  . ASP A 1 151 ? 9.806   -12.455 -17.014 1.00 34.79 ? 151 ASP A CA  1 
ATOM   1159 C  C   . ASP A 1 151 ? 10.365  -11.401 -17.978 1.00 33.46 ? 151 ASP A C   1 
ATOM   1160 O  O   . ASP A 1 151 ? 11.121  -10.523 -17.571 1.00 32.40 ? 151 ASP A O   1 
ATOM   1161 C  CB  . ASP A 1 151 ? 8.379   -12.834 -17.416 1.00 34.45 ? 151 ASP A CB  1 
ATOM   1162 C  CG  . ASP A 1 151 ? 7.414   -11.687 -17.279 1.00 35.28 ? 151 ASP A CG  1 
ATOM   1163 O  OD1 . ASP A 1 151 ? 7.732   -10.581 -17.767 1.00 36.97 ? 151 ASP A OD1 1 
ATOM   1164 O  OD2 . ASP A 1 151 ? 6.332   -11.893 -16.695 1.00 34.22 ? 151 ASP A OD2 1 
ATOM   1165 N  N   . SER A 1 152 ? 9.992   -11.483 -19.253 1.00 32.25 ? 152 SER A N   1 
ATOM   1166 C  CA  . SER A 1 152 ? 10.519  -10.548 -20.247 1.00 31.66 ? 152 SER A CA  1 
ATOM   1167 C  C   . SER A 1 152 ? 9.496   -9.620  -20.893 1.00 29.90 ? 152 SER A C   1 
ATOM   1168 O  O   . SER A 1 152 ? 9.808   -8.912  -21.857 1.00 29.68 ? 152 SER A O   1 
ATOM   1169 C  CB  . SER A 1 152 ? 11.240  -11.331 -21.340 1.00 31.00 ? 152 SER A CB  1 
ATOM   1170 O  OG  . SER A 1 152 ? 10.334  -12.217 -21.963 1.00 35.07 ? 152 SER A OG  1 
ATOM   1171 N  N   . GLU A 1 153 ? 8.285   -9.609  -20.352 1.00 28.64 ? 153 GLU A N   1 
ATOM   1172 C  CA  . GLU A 1 153 ? 7.211   -8.774  -20.878 1.00 27.02 ? 153 GLU A CA  1 
ATOM   1173 C  C   . GLU A 1 153 ? 7.295   -7.301  -20.473 1.00 25.16 ? 153 GLU A C   1 
ATOM   1174 O  O   . GLU A 1 153 ? 7.935   -6.935  -19.488 1.00 21.38 ? 153 GLU A O   1 
ATOM   1175 C  CB  . GLU A 1 153 ? 5.859   -9.322  -20.414 1.00 30.86 ? 153 GLU A CB  1 
ATOM   1176 C  CG  . GLU A 1 153 ? 5.631   -10.784 -20.728 1.00 35.51 ? 153 GLU A CG  1 
ATOM   1177 C  CD  . GLU A 1 153 ? 5.786   -11.083 -22.200 1.00 40.37 ? 153 GLU A CD  1 
ATOM   1178 O  OE1 . GLU A 1 153 ? 5.039   -10.491 -23.012 1.00 43.56 ? 153 GLU A OE1 1 
ATOM   1179 O  OE2 . GLU A 1 153 ? 6.659   -11.909 -22.548 1.00 42.74 ? 153 GLU A OE2 1 
ATOM   1180 N  N   . GLU A 1 154 ? 6.650   -6.457  -21.265 1.00 24.63 ? 154 GLU A N   1 
ATOM   1181 C  CA  . GLU A 1 154 ? 6.575   -5.040  -20.971 1.00 25.13 ? 154 GLU A CA  1 
ATOM   1182 C  C   . GLU A 1 154 ? 5.118   -4.882  -20.553 1.00 26.56 ? 154 GLU A C   1 
ATOM   1183 O  O   . GLU A 1 154 ? 4.215   -5.313  -21.277 1.00 26.81 ? 154 GLU A O   1 
ATOM   1184 C  CB  . GLU A 1 154 ? 6.856   -4.193  -22.206 1.00 23.89 ? 154 GLU A CB  1 
ATOM   1185 C  CG  . GLU A 1 154 ? 6.620   -2.711  -21.965 1.00 26.88 ? 154 GLU A CG  1 
ATOM   1186 C  CD  . GLU A 1 154 ? 6.969   -1.839  -23.158 1.00 28.03 ? 154 GLU A CD  1 
ATOM   1187 O  OE1 . GLU A 1 154 ? 6.284   -1.940  -24.199 1.00 28.29 ? 154 GLU A OE1 1 
ATOM   1188 O  OE2 . GLU A 1 154 ? 7.932   -1.048  -23.048 1.00 27.95 ? 154 GLU A OE2 1 
ATOM   1189 N  N   . ARG A 1 155 ? 4.885   -4.285  -19.388 1.00 26.01 ? 155 ARG A N   1 
ATOM   1190 C  CA  . ARG A 1 155 ? 3.525   -4.122  -18.905 1.00 26.96 ? 155 ARG A CA  1 
ATOM   1191 C  C   . ARG A 1 155 ? 3.045   -2.689  -18.789 1.00 28.60 ? 155 ARG A C   1 
ATOM   1192 O  O   . ARG A 1 155 ? 3.778   -1.800  -18.360 1.00 30.11 ? 155 ARG A O   1 
ATOM   1193 C  CB  . ARG A 1 155 ? 3.368   -4.790  -17.543 1.00 24.93 ? 155 ARG A CB  1 
ATOM   1194 C  CG  . ARG A 1 155 ? 3.652   -6.263  -17.528 1.00 23.69 ? 155 ARG A CG  1 
ATOM   1195 C  CD  . ARG A 1 155 ? 3.527   -6.788  -16.114 1.00 24.75 ? 155 ARG A CD  1 
ATOM   1196 N  NE  . ARG A 1 155 ? 3.357   -8.238  -16.083 1.00 24.22 ? 155 ARG A NE  1 
ATOM   1197 C  CZ  . ARG A 1 155 ? 4.322   -9.124  -16.319 1.00 22.83 ? 155 ARG A CZ  1 
ATOM   1198 N  NH1 . ARG A 1 155 ? 5.555   -8.722  -16.606 1.00 20.08 ? 155 ARG A NH1 1 
ATOM   1199 N  NH2 . ARG A 1 155 ? 4.041   -10.418 -16.284 1.00 21.60 ? 155 ARG A NH2 1 
HETATM 1200 N  N   . MSE A 1 156 ? 1.793   -2.485  -19.176 1.00 29.50 ? 156 MSE A N   1 
HETATM 1201 C  CA  . MSE A 1 156 ? 1.144   -1.190  -19.083 1.00 28.60 ? 156 MSE A CA  1 
HETATM 1202 C  C   . MSE A 1 156 ? 0.335   -1.321  -17.796 1.00 27.17 ? 156 MSE A C   1 
HETATM 1203 O  O   . MSE A 1 156 ? -0.540  -2.180  -17.706 1.00 26.31 ? 156 MSE A O   1 
HETATM 1204 C  CB  . MSE A 1 156 ? 0.184   -0.985  -20.253 1.00 33.53 ? 156 MSE A CB  1 
HETATM 1205 C  CG  . MSE A 1 156 ? 0.791   -1.121  -21.640 1.00 38.98 ? 156 MSE A CG  1 
HETATM 1206 SE SE  . MSE A 1 156 ? 1.516   0.530   -22.330 1.00 50.68 ? 156 MSE A SE  1 
HETATM 1207 C  CE  . MSE A 1 156 ? 3.364   0.234   -21.870 1.00 47.07 ? 156 MSE A CE  1 
ATOM   1208 N  N   . ILE A 1 157 ? 0.641   -0.495  -16.800 1.00 24.84 ? 157 ILE A N   1 
ATOM   1209 C  CA  . ILE A 1 157 ? -0.072  -0.525  -15.529 1.00 21.71 ? 157 ILE A CA  1 
ATOM   1210 C  C   . ILE A 1 157 ? -0.688  0.841   -15.290 1.00 22.86 ? 157 ILE A C   1 
ATOM   1211 O  O   . ILE A 1 157 ? 0.008   1.853   -15.327 1.00 24.92 ? 157 ILE A O   1 
ATOM   1212 C  CB  . ILE A 1 157 ? 0.870   -0.824  -14.375 1.00 20.29 ? 157 ILE A CB  1 
ATOM   1213 C  CG1 . ILE A 1 157 ? 1.538   -2.186  -14.596 1.00 18.68 ? 157 ILE A CG1 1 
ATOM   1214 C  CG2 . ILE A 1 157 ? 0.102   -0.774  -13.066 1.00 20.55 ? 157 ILE A CG2 1 
ATOM   1215 C  CD1 . ILE A 1 157 ? 2.507   -2.582  -13.502 1.00 15.71 ? 157 ILE A CD1 1 
ATOM   1216 N  N   . PRO A 1 158 ? -2.007  0.894   -15.037 1.00 22.43 ? 158 PRO A N   1 
ATOM   1217 C  CA  . PRO A 1 158 ? -2.663  2.182   -14.806 1.00 20.96 ? 158 PRO A CA  1 
ATOM   1218 C  C   . PRO A 1 158 ? -2.152  2.951   -13.594 1.00 21.41 ? 158 PRO A C   1 
ATOM   1219 O  O   . PRO A 1 158 ? -2.017  2.397   -12.512 1.00 21.06 ? 158 PRO A O   1 
ATOM   1220 C  CB  . PRO A 1 158 ? -4.134  1.797   -14.679 1.00 21.76 ? 158 PRO A CB  1 
ATOM   1221 C  CG  . PRO A 1 158 ? -4.079  0.416   -14.121 1.00 20.69 ? 158 PRO A CG  1 
ATOM   1222 C  CD  . PRO A 1 158 ? -2.983  -0.207  -14.948 1.00 22.16 ? 158 PRO A CD  1 
ATOM   1223 N  N   . TRP A 1 159 ? -1.865  4.234   -13.782 1.00 22.06 ? 159 TRP A N   1 
ATOM   1224 C  CA  . TRP A 1 159 ? -1.388  5.058   -12.681 1.00 22.97 ? 159 TRP A CA  1 
ATOM   1225 C  C   . TRP A 1 159 ? -2.603  5.588   -11.899 1.00 24.75 ? 159 TRP A C   1 
ATOM   1226 O  O   . TRP A 1 159 ? -2.922  6.775   -11.937 1.00 26.02 ? 159 TRP A O   1 
ATOM   1227 C  CB  . TRP A 1 159 ? -0.529  6.202   -13.234 1.00 20.72 ? 159 TRP A CB  1 
ATOM   1228 C  CG  . TRP A 1 159 ? 0.151   7.034   -12.184 1.00 18.41 ? 159 TRP A CG  1 
ATOM   1229 C  CD1 . TRP A 1 159 ? -0.219  8.269   -11.755 1.00 16.17 ? 159 TRP A CD1 1 
ATOM   1230 C  CD2 . TRP A 1 159 ? 1.312   6.677   -11.423 1.00 16.66 ? 159 TRP A CD2 1 
ATOM   1231 N  NE1 . TRP A 1 159 ? 0.633   8.708   -10.775 1.00 15.80 ? 159 TRP A NE1 1 
ATOM   1232 C  CE2 . TRP A 1 159 ? 1.583   7.751   -10.550 1.00 15.85 ? 159 TRP A CE2 1 
ATOM   1233 C  CE3 . TRP A 1 159 ? 2.148   5.554   -11.393 1.00 18.04 ? 159 TRP A CE3 1 
ATOM   1234 C  CZ2 . TRP A 1 159 ? 2.655   7.737   -9.655  1.00 15.42 ? 159 TRP A CZ2 1 
ATOM   1235 C  CZ3 . TRP A 1 159 ? 3.216   5.539   -10.501 1.00 17.09 ? 159 TRP A CZ3 1 
ATOM   1236 C  CH2 . TRP A 1 159 ? 3.457   6.624   -9.646  1.00 16.80 ? 159 TRP A CH2 1 
ATOM   1237 N  N   . HIS A 1 160 ? -3.279  4.675   -11.205 1.00 25.16 ? 160 HIS A N   1 
ATOM   1238 C  CA  . HIS A 1 160 ? -4.469  4.970   -10.409 1.00 26.27 ? 160 HIS A CA  1 
ATOM   1239 C  C   . HIS A 1 160 ? -4.156  4.538   -8.972  1.00 25.83 ? 160 HIS A C   1 
ATOM   1240 O  O   . HIS A 1 160 ? -3.501  3.518   -8.763  1.00 26.25 ? 160 HIS A O   1 
ATOM   1241 C  CB  . HIS A 1 160 ? -5.655  4.173   -10.958 1.00 27.47 ? 160 HIS A CB  1 
ATOM   1242 C  CG  . HIS A 1 160 ? -6.957  4.457   -10.271 1.00 32.31 ? 160 HIS A CG  1 
ATOM   1243 N  ND1 . HIS A 1 160 ? -7.913  5.296   -10.804 1.00 31.97 ? 160 HIS A ND1 1 
ATOM   1244 C  CD2 . HIS A 1 160 ? -7.466  3.999   -9.100  1.00 31.00 ? 160 HIS A CD2 1 
ATOM   1245 C  CE1 . HIS A 1 160 ? -8.957  5.341   -9.993  1.00 33.31 ? 160 HIS A CE1 1 
ATOM   1246 N  NE2 . HIS A 1 160 ? -8.711  4.563   -8.953  1.00 32.57 ? 160 HIS A NE2 1 
ATOM   1247 N  N   . LYS A 1 161 ? -4.636  5.294   -7.988  1.00 24.54 ? 161 LYS A N   1 
ATOM   1248 C  CA  . LYS A 1 161 ? -4.337  4.991   -6.594  1.00 23.37 ? 161 LYS A CA  1 
ATOM   1249 C  C   . LYS A 1 161 ? -4.747  3.621   -6.083  1.00 23.92 ? 161 LYS A C   1 
ATOM   1250 O  O   . LYS A 1 161 ? -4.235  3.174   -5.062  1.00 24.69 ? 161 LYS A O   1 
ATOM   1251 C  CB  . LYS A 1 161 ? -4.907  6.079   -5.669  1.00 24.03 ? 161 LYS A CB  1 
ATOM   1252 C  CG  . LYS A 1 161 ? -6.386  5.970   -5.319  1.00 26.44 ? 161 LYS A CG  1 
ATOM   1253 C  CD  . LYS A 1 161 ? -6.737  7.018   -4.258  1.00 29.77 ? 161 LYS A CD  1 
ATOM   1254 C  CE  . LYS A 1 161 ? -8.183  6.938   -3.816  1.00 29.44 ? 161 LYS A CE  1 
ATOM   1255 N  NZ  . LYS A 1 161 ? -9.081  7.095   -4.985  1.00 31.10 ? 161 LYS A NZ  1 
ATOM   1256 N  N   . ASP A 1 162 ? -5.665  2.944   -6.761  1.00 24.46 ? 162 ASP A N   1 
ATOM   1257 C  CA  . ASP A 1 162 ? -6.062  1.619   -6.297  1.00 25.30 ? 162 ASP A CA  1 
ATOM   1258 C  C   . ASP A 1 162 ? -5.086  0.541   -6.766  1.00 24.47 ? 162 ASP A C   1 
ATOM   1259 O  O   . ASP A 1 162 ? -5.085  -0.560  -6.227  1.00 24.88 ? 162 ASP A O   1 
ATOM   1260 C  CB  . ASP A 1 162 ? -7.488  1.271   -6.753  1.00 28.04 ? 162 ASP A CB  1 
ATOM   1261 C  CG  . ASP A 1 162 ? -8.559  2.081   -6.020  1.00 30.39 ? 162 ASP A CG  1 
ATOM   1262 O  OD1 . ASP A 1 162 ? -8.497  2.186   -4.772  1.00 31.92 ? 162 ASP A OD1 1 
ATOM   1263 O  OD2 . ASP A 1 162 ? -9.470  2.611   -6.688  1.00 31.90 ? 162 ASP A OD2 1 
ATOM   1264 N  N   . VAL A 1 163 ? -4.247  0.866   -7.750  1.00 22.75 ? 163 VAL A N   1 
ATOM   1265 C  CA  . VAL A 1 163 ? -3.260  -0.082  -8.279  1.00 21.84 ? 163 VAL A CA  1 
ATOM   1266 C  C   . VAL A 1 163 ? -1.862  0.214   -7.759  1.00 22.62 ? 163 VAL A C   1 
ATOM   1267 O  O   . VAL A 1 163 ? -1.210  -0.654  -7.180  1.00 22.34 ? 163 VAL A O   1 
ATOM   1268 C  CB  . VAL A 1 163 ? -3.226  -0.052  -9.815  1.00 21.64 ? 163 VAL A CB  1 
ATOM   1269 C  CG1 . VAL A 1 163 ? -2.024  -0.826  -10.327 1.00 19.73 ? 163 VAL A CG1 1 
ATOM   1270 C  CG2 . VAL A 1 163 ? -4.504  -0.655  -10.360 1.00 20.18 ? 163 VAL A CG2 1 
ATOM   1271 N  N   . VAL A 1 164 ? -1.388  1.434   -7.993  1.00 23.00 ? 164 VAL A N   1 
ATOM   1272 C  CA  . VAL A 1 164 ? -0.077  1.836   -7.500  1.00 21.24 ? 164 VAL A CA  1 
ATOM   1273 C  C   . VAL A 1 164 ? -0.431  2.497   -6.189  1.00 20.33 ? 164 VAL A C   1 
ATOM   1274 O  O   . VAL A 1 164 ? -0.895  3.634   -6.150  1.00 21.06 ? 164 VAL A O   1 
ATOM   1275 C  CB  . VAL A 1 164 ? 0.639   2.799   -8.492  1.00 20.13 ? 164 VAL A CB  1 
ATOM   1276 C  CG1 . VAL A 1 164 ? -0.384  3.510   -9.336  1.00 21.70 ? 164 VAL A CG1 1 
ATOM   1277 C  CG2 . VAL A 1 164 ? 1.519   3.783   -7.741  1.00 16.38 ? 164 VAL A CG2 1 
ATOM   1278 N  N   . GLN A 1 165 ? -0.213  1.731   -5.119  1.00 20.85 ? 165 GLN A N   1 
ATOM   1279 C  CA  . GLN A 1 165 ? -0.546  2.100   -3.745  1.00 20.18 ? 165 GLN A CA  1 
ATOM   1280 C  C   . GLN A 1 165 ? 0.523   2.756   -2.881  1.00 20.27 ? 165 GLN A C   1 
ATOM   1281 O  O   . GLN A 1 165 ? 0.194   3.504   -1.962  1.00 19.60 ? 165 GLN A O   1 
ATOM   1282 C  CB  . GLN A 1 165 ? -1.062  0.854   -3.020  1.00 19.13 ? 165 GLN A CB  1 
ATOM   1283 C  CG  . GLN A 1 165 ? -1.918  -0.048  -3.896  1.00 17.93 ? 165 GLN A CG  1 
ATOM   1284 C  CD  . GLN A 1 165 ? -2.464  -1.244  -3.143  1.00 17.61 ? 165 GLN A CD  1 
ATOM   1285 O  OE1 . GLN A 1 165 ? -1.780  -1.830  -2.304  1.00 13.66 ? 165 GLN A OE1 1 
ATOM   1286 N  NE2 . GLN A 1 165 ? -3.695  -1.618  -3.449  1.00 14.21 ? 165 GLN A NE2 1 
ATOM   1287 N  N   . ARG A 1 166 ? 1.793   2.475   -3.147  1.00 21.29 ? 166 ARG A N   1 
ATOM   1288 C  CA  . ARG A 1 166 ? 2.864   3.057   -2.341  1.00 20.75 ? 166 ARG A CA  1 
ATOM   1289 C  C   . ARG A 1 166 ? 4.162   3.263   -3.094  1.00 20.46 ? 166 ARG A C   1 
ATOM   1290 O  O   . ARG A 1 166 ? 4.674   2.354   -3.741  1.00 21.44 ? 166 ARG A O   1 
ATOM   1291 C  CB  . ARG A 1 166 ? 3.158   2.171   -1.133  1.00 20.88 ? 166 ARG A CB  1 
ATOM   1292 C  CG  . ARG A 1 166 ? 4.388   2.605   -0.347  1.00 25.92 ? 166 ARG A CG  1 
ATOM   1293 C  CD  . ARG A 1 166 ? 4.149   3.902   0.404   1.00 26.23 ? 166 ARG A CD  1 
ATOM   1294 N  NE  . ARG A 1 166 ? 3.124   3.720   1.424   1.00 29.24 ? 166 ARG A NE  1 
ATOM   1295 C  CZ  . ARG A 1 166 ? 2.046   4.486   1.554   1.00 29.45 ? 166 ARG A CZ  1 
ATOM   1296 N  NH1 . ARG A 1 166 ? 1.840   5.505   0.725   1.00 28.83 ? 166 ARG A NH1 1 
ATOM   1297 N  NH2 . ARG A 1 166 ? 1.171   4.225   2.514   1.00 28.09 ? 166 ARG A NH2 1 
ATOM   1298 N  N   . VAL A 1 167 ? 4.690   4.473   -3.015  1.00 21.22 ? 167 VAL A N   1 
ATOM   1299 C  CA  . VAL A 1 167 ? 5.957   4.767   -3.653  1.00 22.38 ? 167 VAL A CA  1 
ATOM   1300 C  C   . VAL A 1 167 ? 6.919   4.942   -2.492  1.00 24.90 ? 167 VAL A C   1 
ATOM   1301 O  O   . VAL A 1 167 ? 6.710   5.792   -1.628  1.00 24.49 ? 167 VAL A O   1 
ATOM   1302 C  CB  . VAL A 1 167 ? 5.881   6.052   -4.463  1.00 23.11 ? 167 VAL A CB  1 
ATOM   1303 C  CG1 . VAL A 1 167 ? 7.271   6.433   -4.961  1.00 25.21 ? 167 VAL A CG1 1 
ATOM   1304 C  CG2 . VAL A 1 167 ? 4.929   5.860   -5.634  1.00 21.80 ? 167 VAL A CG2 1 
ATOM   1305 N  N   . ASP A 1 168 ? 7.959   4.118   -2.453  1.00 28.17 ? 168 ASP A N   1 
ATOM   1306 C  CA  . ASP A 1 168 ? 8.932   4.183   -1.367  1.00 30.23 ? 168 ASP A CA  1 
ATOM   1307 C  C   . ASP A 1 168 ? 10.343  4.424   -1.910  1.00 31.45 ? 168 ASP A C   1 
ATOM   1308 O  O   . ASP A 1 168 ? 11.121  3.491   -2.124  1.00 31.51 ? 168 ASP A O   1 
ATOM   1309 C  CB  . ASP A 1 168 ? 8.860   2.887   -0.554  1.00 30.45 ? 168 ASP A CB  1 
ATOM   1310 C  CG  . ASP A 1 168 ? 9.737   2.914   0.676   1.00 30.42 ? 168 ASP A CG  1 
ATOM   1311 O  OD1 . ASP A 1 168 ? 9.479   2.131   1.610   1.00 34.85 ? 168 ASP A OD1 1 
ATOM   1312 O  OD2 . ASP A 1 168 ? 10.689  3.705   0.712   1.00 32.24 ? 168 ASP A OD2 1 
ATOM   1313 N  N   . LEU A 1 169 ? 10.656  5.694   -2.130  1.00 33.11 ? 169 LEU A N   1 
ATOM   1314 C  CA  . LEU A 1 169 ? 11.951  6.096   -2.658  1.00 35.55 ? 169 LEU A CA  1 
ATOM   1315 C  C   . LEU A 1 169 ? 13.125  5.581   -1.834  1.00 36.70 ? 169 LEU A C   1 
ATOM   1316 O  O   . LEU A 1 169 ? 14.199  5.314   -2.372  1.00 38.24 ? 169 LEU A O   1 
ATOM   1317 C  CB  . LEU A 1 169 ? 12.011  7.622   -2.766  1.00 35.69 ? 169 LEU A CB  1 
ATOM   1318 C  CG  . LEU A 1 169 ? 11.743  8.206   -4.156  1.00 37.00 ? 169 LEU A CG  1 
ATOM   1319 C  CD1 . LEU A 1 169 ? 10.470  7.632   -4.738  1.00 35.08 ? 169 LEU A CD1 1 
ATOM   1320 C  CD2 . LEU A 1 169 ? 11.661  9.723   -4.058  1.00 37.75 ? 169 LEU A CD2 1 
ATOM   1321 N  N   . GLU A 1 170 ? 12.910  5.437   -0.532  1.00 36.51 ? 170 GLU A N   1 
ATOM   1322 C  CA  . GLU A 1 170 ? 13.942  4.953   0.370   1.00 36.89 ? 170 GLU A CA  1 
ATOM   1323 C  C   . GLU A 1 170 ? 14.378  3.551   -0.028  1.00 35.91 ? 170 GLU A C   1 
ATOM   1324 O  O   . GLU A 1 170 ? 15.566  3.243   -0.066  1.00 37.92 ? 170 GLU A O   1 
ATOM   1325 C  CB  . GLU A 1 170 ? 13.396  4.934   1.792   1.00 40.80 ? 170 GLU A CB  1 
ATOM   1326 C  CG  . GLU A 1 170 ? 14.292  4.286   2.821   1.00 44.67 ? 170 GLU A CG  1 
ATOM   1327 C  CD  . GLU A 1 170 ? 13.518  3.942   4.082   1.00 49.06 ? 170 GLU A CD  1 
ATOM   1328 O  OE1 . GLU A 1 170 ? 12.659  3.033   4.008   1.00 49.72 ? 170 GLU A OE1 1 
ATOM   1329 O  OE2 . GLU A 1 170 ? 13.757  4.583   5.134   1.00 49.62 ? 170 GLU A OE2 1 
ATOM   1330 N  N   . ALA A 1 171 ? 13.406  2.701   -0.325  1.00 32.92 ? 171 ALA A N   1 
ATOM   1331 C  CA  . ALA A 1 171 ? 13.689  1.333   -0.714  1.00 29.63 ? 171 ALA A CA  1 
ATOM   1332 C  C   . ALA A 1 171 ? 13.819  1.201   -2.229  1.00 28.04 ? 171 ALA A C   1 
ATOM   1333 O  O   . ALA A 1 171 ? 14.175  0.140   -2.723  1.00 25.67 ? 171 ALA A O   1 
ATOM   1334 C  CB  . ALA A 1 171 ? 12.590  0.415   -0.206  1.00 28.87 ? 171 ALA A CB  1 
ATOM   1335 N  N   . GLY A 1 172 ? 13.527  2.277   -2.956  1.00 26.16 ? 172 GLY A N   1 
ATOM   1336 C  CA  . GLY A 1 172 ? 13.611  2.234   -4.404  1.00 23.96 ? 172 GLY A CA  1 
ATOM   1337 C  C   . GLY A 1 172 ? 12.587  1.282   -5.008  1.00 23.77 ? 172 GLY A C   1 
ATOM   1338 O  O   . GLY A 1 172 ? 12.849  0.626   -6.018  1.00 22.45 ? 172 GLY A O   1 
ATOM   1339 N  N   . ARG A 1 173 ? 11.410  1.217   -4.394  1.00 23.53 ? 173 ARG A N   1 
ATOM   1340 C  CA  . ARG A 1 173 ? 10.357  0.334   -4.868  1.00 23.77 ? 173 ARG A CA  1 
ATOM   1341 C  C   . ARG A 1 173 ? 8.999   1.009   -4.970  1.00 23.21 ? 173 ARG A C   1 
ATOM   1342 O  O   . ARG A 1 173 ? 8.735   2.016   -4.314  1.00 23.35 ? 173 ARG A O   1 
ATOM   1343 C  CB  . ARG A 1 173 ? 10.220  -0.861  -3.927  1.00 27.00 ? 173 ARG A CB  1 
ATOM   1344 C  CG  . ARG A 1 173 ? 11.476  -1.690  -3.735  1.00 31.23 ? 173 ARG A CG  1 
ATOM   1345 C  CD  . ARG A 1 173 ? 11.257  -2.674  -2.604  1.00 34.56 ? 173 ARG A CD  1 
ATOM   1346 N  NE  . ARG A 1 173 ? 12.242  -3.747  -2.576  1.00 36.41 ? 173 ARG A NE  1 
ATOM   1347 C  CZ  . ARG A 1 173 ? 12.102  -4.860  -1.858  1.00 39.04 ? 173 ARG A CZ  1 
ATOM   1348 N  NH1 . ARG A 1 173 ? 11.017  -5.037  -1.112  1.00 37.96 ? 173 ARG A NH1 1 
ATOM   1349 N  NH2 . ARG A 1 173 ? 13.035  -5.804  -1.901  1.00 40.46 ? 173 ARG A NH2 1 
ATOM   1350 N  N   . ILE A 1 174 ? 8.142   0.421   -5.796  1.00 21.98 ? 174 ILE A N   1 
ATOM   1351 C  CA  . ILE A 1 174 ? 6.776   0.879   -5.993  1.00 20.55 ? 174 ILE A CA  1 
ATOM   1352 C  C   . ILE A 1 174 ? 5.927   -0.371  -5.810  1.00 20.11 ? 174 ILE A C   1 
ATOM   1353 O  O   . ILE A 1 174 ? 6.114   -1.358  -6.511  1.00 20.96 ? 174 ILE A O   1 
ATOM   1354 C  CB  . ILE A 1 174 ? 6.521   1.401   -7.418  1.00 20.97 ? 174 ILE A CB  1 
ATOM   1355 C  CG1 . ILE A 1 174 ? 7.419   2.595   -7.727  1.00 20.25 ? 174 ILE A CG1 1 
ATOM   1356 C  CG2 . ILE A 1 174 ? 5.065   1.810   -7.553  1.00 18.69 ? 174 ILE A CG2 1 
ATOM   1357 C  CD1 . ILE A 1 174 ? 7.252   3.112   -9.141  1.00 18.84 ? 174 ILE A CD1 1 
ATOM   1358 N  N   . TYR A 1 175 ? 5.006   -0.332  -4.863  1.00 18.17 ? 175 TYR A N   1 
ATOM   1359 C  CA  . TYR A 1 175 ? 4.141   -1.476  -4.607  1.00 16.79 ? 175 TYR A CA  1 
ATOM   1360 C  C   . TYR A 1 175 ? 2.829   -1.307  -5.369  1.00 15.83 ? 175 TYR A C   1 
ATOM   1361 O  O   . TYR A 1 175 ? 2.136   -0.302  -5.208  1.00 13.37 ? 175 TYR A O   1 
ATOM   1362 C  CB  . TYR A 1 175 ? 3.880   -1.577  -3.105  1.00 16.65 ? 175 TYR A CB  1 
ATOM   1363 C  CG  . TYR A 1 175 ? 5.158   -1.631  -2.298  1.00 18.88 ? 175 TYR A CG  1 
ATOM   1364 C  CD1 . TYR A 1 175 ? 5.827   -2.838  -2.090  1.00 18.68 ? 175 TYR A CD1 1 
ATOM   1365 C  CD2 . TYR A 1 175 ? 5.745   -0.466  -1.812  1.00 17.60 ? 175 TYR A CD2 1 
ATOM   1366 C  CE1 . TYR A 1 175 ? 7.048   -2.880  -1.427  1.00 20.16 ? 175 TYR A CE1 1 
ATOM   1367 C  CE2 . TYR A 1 175 ? 6.965   -0.497  -1.152  1.00 19.54 ? 175 TYR A CE2 1 
ATOM   1368 C  CZ  . TYR A 1 175 ? 7.616   -1.702  -0.964  1.00 21.13 ? 175 TYR A CZ  1 
ATOM   1369 O  OH  . TYR A 1 175 ? 8.849   -1.732  -0.350  1.00 23.05 ? 175 TYR A OH  1 
ATOM   1370 N  N   . VAL A 1 176 ? 2.503   -2.280  -6.213  1.00 14.38 ? 176 VAL A N   1 
ATOM   1371 C  CA  . VAL A 1 176 ? 1.271   -2.227  -6.990  1.00 16.02 ? 176 VAL A CA  1 
ATOM   1372 C  C   . VAL A 1 176 ? 0.448   -3.500  -6.850  1.00 17.52 ? 176 VAL A C   1 
ATOM   1373 O  O   . VAL A 1 176 ? 0.985   -4.612  -6.840  1.00 19.43 ? 176 VAL A O   1 
ATOM   1374 C  CB  . VAL A 1 176 ? 1.550   -1.987  -8.501  1.00 15.16 ? 176 VAL A CB  1 
ATOM   1375 C  CG1 . VAL A 1 176 ? 2.327   -0.706  -8.680  1.00 14.45 ? 176 VAL A CG1 1 
ATOM   1376 C  CG2 . VAL A 1 176 ? 2.308   -3.163  -9.105  1.00 13.55 ? 176 VAL A CG2 1 
ATOM   1377 N  N   . ASN A 1 177 ? -0.859  -3.327  -6.725  1.00 19.73 ? 177 ASN A N   1 
ATOM   1378 C  CA  . ASN A 1 177 ? -1.783  -4.447  -6.601  1.00 21.44 ? 177 ASN A CA  1 
ATOM   1379 C  C   . ASN A 1 177 ? -2.011  -4.884  -8.036  1.00 21.93 ? 177 ASN A C   1 
ATOM   1380 O  O   . ASN A 1 177 ? -3.041  -4.599  -8.635  1.00 22.83 ? 177 ASN A O   1 
ATOM   1381 C  CB  . ASN A 1 177 ? -3.090  -3.975  -5.953  1.00 23.07 ? 177 ASN A CB  1 
ATOM   1382 C  CG  . ASN A 1 177 ? -4.056  -5.115  -5.659  1.00 23.83 ? 177 ASN A CG  1 
ATOM   1383 O  OD1 . ASN A 1 177 ? -3.678  -6.138  -5.086  1.00 23.87 ? 177 ASN A OD1 1 
ATOM   1384 N  ND2 . ASN A 1 177 ? -5.317  -4.930  -6.032  1.00 23.14 ? 177 ASN A ND2 1 
ATOM   1385 N  N   . TRP A 1 178 ? -1.013  -5.557  -8.591  1.00 23.61 ? 178 TRP A N   1 
ATOM   1386 C  CA  . TRP A 1 178 ? -1.068  -6.013  -9.967  1.00 25.95 ? 178 TRP A CA  1 
ATOM   1387 C  C   . TRP A 1 178 ? -0.365  -7.370  -10.047 1.00 28.79 ? 178 TRP A C   1 
ATOM   1388 O  O   . TRP A 1 178 ? 0.711   -7.551  -9.474  1.00 26.72 ? 178 TRP A O   1 
ATOM   1389 C  CB  . TRP A 1 178 ? -0.381  -4.973  -10.846 1.00 23.83 ? 178 TRP A CB  1 
ATOM   1390 C  CG  . TRP A 1 178 ? -0.703  -5.057  -12.288 1.00 22.76 ? 178 TRP A CG  1 
ATOM   1391 C  CD1 . TRP A 1 178 ? 0.039   -5.655  -13.263 1.00 21.61 ? 178 TRP A CD1 1 
ATOM   1392 C  CD2 . TRP A 1 178 ? -1.850  -4.494  -12.938 1.00 21.21 ? 178 TRP A CD2 1 
ATOM   1393 N  NE1 . TRP A 1 178 ? -0.569  -5.489  -14.489 1.00 21.25 ? 178 TRP A NE1 1 
ATOM   1394 C  CE2 . TRP A 1 178 ? -1.732  -4.783  -14.316 1.00 20.96 ? 178 TRP A CE2 1 
ATOM   1395 C  CE3 . TRP A 1 178 ? -2.964  -3.774  -12.489 1.00 20.71 ? 178 TRP A CE3 1 
ATOM   1396 C  CZ2 . TRP A 1 178 ? -2.689  -4.376  -15.252 1.00 20.47 ? 178 TRP A CZ2 1 
ATOM   1397 C  CZ3 . TRP A 1 178 ? -3.919  -3.369  -13.418 1.00 21.67 ? 178 TRP A CZ3 1 
ATOM   1398 C  CH2 . TRP A 1 178 ? -3.773  -3.672  -14.786 1.00 21.76 ? 178 TRP A CH2 1 
ATOM   1399 N  N   . GLY A 1 179 ? -0.988  -8.318  -10.744 1.00 33.27 ? 179 GLY A N   1 
ATOM   1400 C  CA  . GLY A 1 179 ? -0.437  -9.661  -10.867 1.00 38.34 ? 179 GLY A CA  1 
ATOM   1401 C  C   . GLY A 1 179 ? 0.394   -9.962  -12.100 1.00 41.94 ? 179 GLY A C   1 
ATOM   1402 O  O   . GLY A 1 179 ? 0.623   -9.100  -12.942 1.00 41.84 ? 179 GLY A O   1 
ATOM   1403 N  N   . VAL A 1 180 ? 0.836   -11.212 -12.201 1.00 45.94 ? 180 VAL A N   1 
ATOM   1404 C  CA  . VAL A 1 180 ? 1.668   -11.666 -13.312 1.00 49.46 ? 180 VAL A CA  1 
ATOM   1405 C  C   . VAL A 1 180 ? 0.927   -11.825 -14.636 1.00 51.16 ? 180 VAL A C   1 
ATOM   1406 O  O   . VAL A 1 180 ? 1.321   -11.238 -15.646 1.00 50.69 ? 180 VAL A O   1 
ATOM   1407 C  CB  . VAL A 1 180 ? 2.334   -13.006 -12.972 1.00 49.93 ? 180 VAL A CB  1 
ATOM   1408 C  CG1 . VAL A 1 180 ? 3.240   -13.439 -14.109 1.00 51.44 ? 180 VAL A CG1 1 
ATOM   1409 C  CG2 . VAL A 1 180 ? 3.116   -12.878 -11.676 1.00 52.10 ? 180 VAL A CG2 1 
ATOM   1410 N  N   . ASP A 1 181 ? -0.129  -12.636 -14.633 1.00 53.10 ? 181 ASP A N   1 
ATOM   1411 C  CA  . ASP A 1 181 ? -0.923  -12.871 -15.840 1.00 55.61 ? 181 ASP A CA  1 
ATOM   1412 C  C   . ASP A 1 181 ? -1.919  -11.750 -16.090 1.00 55.43 ? 181 ASP A C   1 
ATOM   1413 O  O   . ASP A 1 181 ? -2.976  -11.772 -15.424 1.00 55.06 ? 181 ASP A O   1 
ATOM   1414 C  CB  . ASP A 1 181 ? -1.674  -14.202 -15.743 1.00 57.14 ? 181 ASP A CB  1 
ATOM   1415 C  CG  . ASP A 1 181 ? -0.796  -15.392 -16.075 1.00 58.25 ? 181 ASP A CG  1 
ATOM   1416 O  OD1 . ASP A 1 181 ? -0.226  -15.416 -17.186 1.00 58.98 ? 181 ASP A OD1 1 
ATOM   1417 O  OD2 . ASP A 1 181 ? -0.681  -16.302 -15.227 1.00 58.72 ? 181 ASP A OD2 1 
HETATM 1418 K  K   . K   B 2 .   ? 13.584  -11.037 -16.339 1.00 32.63 ? 201 K   A K   1 
HETATM 1419 O  O1  . UNL C 3 .   ? 5.081   12.402  -14.854 1.00 15.89 ? 202 UNL A O1  1 
HETATM 1420 O  O2  . UNL C 3 .   ? 1.132   12.902  -12.960 1.00 15.89 ? 202 UNL A O2  1 
HETATM 1421 O  O3  . UNL C 3 .   ? 6.126   12.841  -19.661 1.00 30.46 ? 202 UNL A O3  1 
HETATM 1422 O  O4  . UNL C 3 .   ? 3.806   12.803  -21.163 1.00 27.13 ? 202 UNL A O4  1 
HETATM 1423 O  O5  . UNL C 3 .   ? 1.899   12.459  -15.209 1.00 27.86 ? 202 UNL A O5  1 
HETATM 1424 O  O6  . UNL C 3 .   ? 8.850   11.629  -20.456 1.00 38.44 ? 202 UNL A O6  1 
HETATM 1425 O  O7  . UNL C 3 .   ? 4.158   12.726  -17.665 1.00 36.05 ? 202 UNL A O7  1 
HETATM 1426 O  O   . HOH D 4 .   ? 7.648   15.941  -7.994  1.00 12.40 ? 203 HOH A O   1 
HETATM 1427 O  O   . HOH D 4 .   ? -0.876  -12.392 8.634   1.00 13.49 ? 204 HOH A O   1 
HETATM 1428 O  O   . HOH D 4 .   ? -7.082  -12.920 14.056  1.00 19.49 ? 205 HOH A O   1 
HETATM 1429 O  O   . HOH D 4 .   ? 10.091  -11.975 -8.141  1.00 10.72 ? 206 HOH A O   1 
HETATM 1430 O  O   . HOH D 4 .   ? 3.025   -9.965  1.388   1.00 19.41 ? 207 HOH A O   1 
HETATM 1431 O  O   . HOH D 4 .   ? -3.010  5.960   -1.965  1.00 25.50 ? 208 HOH A O   1 
HETATM 1432 O  O   . HOH D 4 .   ? 13.368  -5.421  -11.626 1.00 15.59 ? 209 HOH A O   1 
HETATM 1433 O  O   . HOH D 4 .   ? 0.765   13.684  6.923   1.00 24.04 ? 210 HOH A O   1 
HETATM 1434 O  O   . HOH D 4 .   ? 5.320   8.431   -0.214  1.00 18.13 ? 211 HOH A O   1 
HETATM 1435 O  O   . HOH D 4 .   ? -13.416 1.348   -1.282  1.00 24.01 ? 212 HOH A O   1 
HETATM 1436 O  O   . HOH D 4 .   ? -1.101  14.922  -9.645  1.00 21.93 ? 213 HOH A O   1 
HETATM 1437 O  O   . HOH D 4 .   ? 6.907   -6.291  -16.683 1.00 20.27 ? 214 HOH A O   1 
HETATM 1438 O  O   . HOH D 4 .   ? 0.602   -8.740  -15.451 1.00 26.56 ? 215 HOH A O   1 
HETATM 1439 O  O   . HOH D 4 .   ? 5.173   0.620   9.392   1.00 24.97 ? 216 HOH A O   1 
HETATM 1440 O  O   . HOH D 4 .   ? 5.381   16.359  -5.891  1.00 25.49 ? 217 HOH A O   1 
HETATM 1441 O  O   . HOH D 4 .   ? -6.991  -7.451  -5.620  1.00 27.66 ? 218 HOH A O   1 
HETATM 1442 O  O   . HOH D 4 .   ? 10.444  -5.860  -21.055 1.00 29.19 ? 219 HOH A O   1 
HETATM 1443 O  O   . HOH D 4 .   ? -0.309  6.111   -1.569  1.00 24.73 ? 220 HOH A O   1 
HETATM 1444 O  O   . HOH D 4 .   ? -8.820  10.014  1.364   1.00 27.08 ? 221 HOH A O   1 
HETATM 1445 O  O   . HOH D 4 .   ? -1.477  11.721  5.332   1.00 27.48 ? 222 HOH A O   1 
HETATM 1446 O  O   . HOH D 4 .   ? -12.859 9.753   2.465   1.00 26.93 ? 223 HOH A O   1 
HETATM 1447 O  O   . HOH D 4 .   ? -4.324  -12.146 18.413  1.00 25.06 ? 224 HOH A O   1 
HETATM 1448 O  O   . HOH D 4 .   ? -1.486  6.393   -4.728  1.00 25.92 ? 225 HOH A O   1 
HETATM 1449 O  O   . HOH D 4 .   ? -5.877  7.701   -8.553  1.00 31.36 ? 226 HOH A O   1 
HETATM 1450 O  O   . HOH D 4 .   ? -0.150  7.489   1.462   1.00 32.52 ? 227 HOH A O   1 
HETATM 1451 O  O   . HOH D 4 .   ? 8.410   -8.831  -15.894 1.00 28.87 ? 228 HOH A O   1 
HETATM 1452 O  O   . HOH D 4 .   ? -6.746  4.680   -1.998  1.00 25.58 ? 229 HOH A O   1 
HETATM 1453 O  O   . HOH D 4 .   ? 13.750  -5.862  1.274   1.00 37.58 ? 230 HOH A O   1 
HETATM 1454 O  O   . HOH D 4 .   ? -3.271  13.525  -14.220 1.00 23.22 ? 231 HOH A O   1 
HETATM 1455 O  O   . HOH D 4 .   ? -16.567 1.775   -0.514  1.00 32.24 ? 232 HOH A O   1 
HETATM 1456 O  O   . HOH D 4 .   ? -9.280  14.035  6.060   1.00 33.36 ? 233 HOH A O   1 
HETATM 1457 O  O   . HOH D 4 .   ? -14.586 -5.469  -0.369  1.00 31.35 ? 234 HOH A O   1 
HETATM 1458 O  O   . HOH D 4 .   ? -0.391  4.957   6.323   1.00 33.27 ? 235 HOH A O   1 
HETATM 1459 O  O   . HOH D 4 .   ? -4.829  21.841  21.002  1.00 31.29 ? 236 HOH A O   1 
HETATM 1460 O  O   . HOH D 4 .   ? -0.615  16.896  18.742  1.00 28.50 ? 237 HOH A O   1 
HETATM 1461 O  O   . HOH D 4 .   ? 5.304   -2.448  13.704  1.00 29.34 ? 238 HOH A O   1 
HETATM 1462 O  O   . HOH D 4 .   ? 0.321   -4.865  -19.417 1.00 31.45 ? 239 HOH A O   1 
HETATM 1463 O  O   . HOH D 4 .   ? -12.827 -5.571  6.451   1.00 30.75 ? 240 HOH A O   1 
HETATM 1464 O  O   . HOH D 4 .   ? -6.924  0.137   20.080  1.00 36.12 ? 241 HOH A O   1 
HETATM 1465 O  O   . HOH D 4 .   ? -1.583  -4.953  -3.500  1.00 37.99 ? 242 HOH A O   1 
HETATM 1466 O  O   . HOH D 4 .   ? 6.845   -11.982 4.877   1.00 37.85 ? 243 HOH A O   1 
HETATM 1467 O  O   . HOH D 4 .   ? 6.932   -10.512 14.958  1.00 34.84 ? 244 HOH A O   1 
HETATM 1468 O  O   . HOH D 4 .   ? -3.811  12.466  -2.806  1.00 37.75 ? 245 HOH A O   1 
HETATM 1469 O  O   . HOH D 4 .   ? -5.469  12.462  -17.353 1.00 40.49 ? 246 HOH A O   1 
HETATM 1470 O  O   . HOH D 4 .   ? 7.430   -5.072  5.248   1.00 43.60 ? 247 HOH A O   1 
HETATM 1471 O  O   . HOH D 4 .   ? 14.124  -7.924  -0.570  1.00 42.66 ? 248 HOH A O   1 
HETATM 1472 O  O   . HOH D 4 .   ? -1.121  -16.531 3.366   1.00 39.13 ? 249 HOH A O   1 
HETATM 1473 O  O   . HOH D 4 .   ? 8.437   -5.886  1.232   1.00 43.14 ? 250 HOH A O   1 
HETATM 1474 O  O   . HOH D 4 .   ? 6.380   -8.433  11.671  1.00 42.32 ? 251 HOH A O   1 
HETATM 1475 O  O   . HOH D 4 .   ? -17.505 2.865   6.400   1.00 42.57 ? 252 HOH A O   1 
HETATM 1476 O  O   . HOH D 4 .   ? 9.343   -8.963  10.714  1.00 45.75 ? 253 HOH A O   1 
HETATM 1477 O  O   . HOH D 4 .   ? 5.934   -0.200  15.098  1.00 43.31 ? 254 HOH A O   1 
# 
